data_1OSN
#
_entry.id   1OSN
#
_cell.length_a   99.700
_cell.length_b   54.200
_cell.length_c   167.800
_cell.angle_alpha   90.00
_cell.angle_beta   94.80
_cell.angle_gamma   90.00
#
_symmetry.space_group_name_H-M   'P 1 21 1'
#
loop_
_entity.id
_entity.type
_entity.pdbx_description
1 polymer 'Thymidine kinase'
2 non-polymer "ADENOSINE-5'-DIPHOSPHATE"
3 non-polymer "(E)-5-(2-BROMOVINYL)-2'-DEOXYURIDINE-5'-MONOPHOSPHATE"
4 water water
#
_entity_poly.entity_id   1
_entity_poly.type   'polypeptide(L)'
_entity_poly.pdbx_seq_one_letter_code
;MSTDKTDVKMGVLRIYLDGAYGIGKTTAAEEFLHHFAITPNRILLIGEPLSYWRNLAGEDAICGIYGTQTRRLNGDVSPE
DAQRLTAHFQSLFCSPHAIMHAKISALMDTSTSDLVQVNKEPYKIMLSDRHPIASTICFPLSRYLVGDMSPAALPGLLFT
LPAEPPGTNLVVCTVSLPSHLSRVSKRARPGETVNLPFVMVLRNVYIMLINTIIFLKTNNWHAGWNTLSFCNDVFKQKLQ
KSECIKLREVPGIEDTLFAVLKLPELCGEFGNILPLWAWGMETLSNCLRSMSPFVLSLEQTPQHAAQELKTLLPQMTPAN
MSSGAWNILKELVNAVQDNTS
;
_entity_poly.pdbx_strand_id   A,B,C,D
#
loop_
_chem_comp.id
_chem_comp.type
_chem_comp.name
_chem_comp.formula
ADP non-polymer ADENOSINE-5'-DIPHOSPHATE 'C10 H15 N5 O10 P2'
BVP DNA linking (E)-5-(2-BROMOVINYL)-2'-DEOXYURIDINE-5'-MONOPHOSPHATE 'C11 H14 Br N2 O8 P'
#
# COMPACT_ATOMS: atom_id res chain seq x y z
N VAL A 8 -2.72 -12.27 47.69
CA VAL A 8 -1.84 -12.92 46.69
C VAL A 8 -0.95 -11.89 45.99
N LYS A 9 -1.33 -10.62 46.17
CA LYS A 9 -0.67 -9.42 45.61
C LYS A 9 0.88 -9.37 45.58
N MET A 10 1.43 -8.52 44.71
CA MET A 10 2.88 -8.33 44.56
C MET A 10 3.10 -7.08 43.72
N GLY A 11 4.06 -6.25 44.11
CA GLY A 11 4.28 -5.02 43.38
C GLY A 11 5.17 -5.10 42.17
N VAL A 12 4.69 -4.58 41.04
CA VAL A 12 5.45 -4.57 39.79
C VAL A 12 6.02 -3.20 39.50
N LEU A 13 6.81 -3.11 38.45
CA LEU A 13 7.44 -1.83 38.08
C LEU A 13 7.25 -1.53 36.61
N ARG A 14 6.22 -0.75 36.28
CA ARG A 14 5.95 -0.41 34.87
C ARG A 14 6.94 0.61 34.37
N ILE A 15 7.73 0.22 33.38
CA ILE A 15 8.73 1.11 32.81
C ILE A 15 8.63 1.19 31.29
N TYR A 16 8.27 2.37 30.81
CA TYR A 16 8.13 2.63 29.38
C TYR A 16 9.37 3.40 28.93
N LEU A 17 10.05 2.86 27.95
CA LEU A 17 11.29 3.45 27.46
C LEU A 17 11.05 4.15 26.13
N ASP A 18 11.13 5.47 26.12
CA ASP A 18 10.90 6.23 24.89
C ASP A 18 12.07 7.08 24.42
N GLY A 19 11.76 8.02 23.53
CA GLY A 19 12.79 8.90 23.02
C GLY A 19 12.70 8.93 21.51
N ALA A 20 13.73 9.51 20.88
CA ALA A 20 13.80 9.60 19.42
C ALA A 20 13.98 8.20 18.82
N TYR A 21 14.00 8.12 17.49
CA TYR A 21 14.17 6.84 16.80
C TYR A 21 15.58 6.63 16.25
N GLY A 22 15.95 5.37 16.07
CA GLY A 22 17.28 5.04 15.56
C GLY A 22 18.36 5.24 16.61
N ILE A 23 18.01 5.91 17.71
CA ILE A 23 18.95 6.19 18.79
C ILE A 23 19.55 4.93 19.41
N GLY A 24 18.81 3.82 19.37
CA GLY A 24 19.31 2.58 19.93
C GLY A 24 18.65 2.17 21.24
N LYS A 25 17.45 2.67 21.48
CA LYS A 25 16.73 2.36 22.70
C LYS A 25 16.18 0.94 22.73
N THR A 26 16.46 0.17 21.69
CA THR A 26 15.98 -1.21 21.65
C THR A 26 17.14 -2.19 21.91
N THR A 27 18.28 -1.96 21.27
CA THR A 27 19.44 -2.84 21.47
C THR A 27 20.04 -2.58 22.84
N ALA A 28 19.60 -1.49 23.46
CA ALA A 28 20.05 -1.11 24.79
C ALA A 28 19.01 -1.50 25.84
N ALA A 29 17.80 -1.79 25.37
CA ALA A 29 16.68 -2.20 26.24
C ALA A 29 16.70 -3.71 26.35
N GLU A 30 17.35 -4.35 25.38
CA GLU A 30 17.48 -5.80 25.36
C GLU A 30 18.70 -6.20 26.19
N GLU A 31 19.79 -5.48 26.01
CA GLU A 31 21.01 -5.77 26.75
C GLU A 31 20.75 -5.62 28.24
N PHE A 32 19.60 -5.07 28.57
CA PHE A 32 19.22 -4.89 29.97
C PHE A 32 18.46 -6.12 30.45
N LEU A 33 17.87 -6.83 29.49
CA LEU A 33 17.09 -8.03 29.78
C LEU A 33 18.01 -9.24 30.00
N HIS A 34 19.12 -9.29 29.26
CA HIS A 34 20.08 -10.40 29.40
C HIS A 34 20.85 -10.43 30.75
N HIS A 35 21.21 -9.26 31.27
CA HIS A 35 21.99 -9.16 32.51
C HIS A 35 21.23 -8.87 33.81
N PHE A 36 20.03 -9.40 33.94
CA PHE A 36 19.23 -9.17 35.13
C PHE A 36 18.10 -10.17 35.17
N ALA A 37 17.80 -10.73 34.00
CA ALA A 37 16.75 -11.74 33.89
C ALA A 37 17.35 -13.08 34.26
N ILE A 38 18.33 -13.04 35.16
CA ILE A 38 19.02 -14.24 35.66
C ILE A 38 17.91 -15.16 36.16
N THR A 39 16.93 -14.55 36.81
CA THR A 39 15.75 -15.23 37.31
C THR A 39 14.62 -14.87 36.32
N PRO A 40 14.28 -15.83 35.43
CA PRO A 40 13.25 -15.72 34.38
C PRO A 40 12.00 -14.93 34.70
N ASN A 41 11.31 -15.28 35.78
CA ASN A 41 10.06 -14.62 36.12
C ASN A 41 10.22 -13.28 36.83
N ARG A 42 11.37 -12.64 36.70
CA ARG A 42 11.51 -11.35 37.38
C ARG A 42 11.36 -10.19 36.43
N ILE A 43 11.33 -10.46 35.13
CA ILE A 43 11.23 -9.38 34.14
C ILE A 43 10.48 -9.76 32.87
N LEU A 44 9.65 -8.84 32.39
CA LEU A 44 8.84 -9.07 31.19
C LEU A 44 9.02 -7.98 30.15
N LEU A 45 9.50 -8.34 28.96
CA LEU A 45 9.69 -7.32 27.94
C LEU A 45 8.61 -7.32 26.88
N ILE A 46 8.26 -6.13 26.40
CA ILE A 46 7.25 -5.98 25.36
C ILE A 46 7.86 -5.12 24.28
N GLY A 47 8.14 -5.71 23.11
CA GLY A 47 8.75 -4.93 22.05
C GLY A 47 7.79 -4.20 21.13
N GLU A 48 8.31 -3.21 20.38
CA GLU A 48 7.48 -2.46 19.45
C GLU A 48 6.83 -3.46 18.51
N PRO A 49 5.52 -3.28 18.21
CA PRO A 49 4.77 -4.17 17.34
C PRO A 49 4.94 -3.90 15.83
N LEU A 50 6.17 -3.94 15.32
CA LEU A 50 6.42 -3.69 13.91
C LEU A 50 5.51 -4.54 13.05
N SER A 51 5.36 -5.80 13.42
CA SER A 51 4.51 -6.74 12.67
C SER A 51 3.12 -6.17 12.34
N TYR A 52 2.59 -5.30 13.20
CA TYR A 52 1.28 -4.71 12.94
C TYR A 52 1.42 -3.37 12.17
N TRP A 53 2.47 -2.64 12.48
CA TRP A 53 2.67 -1.39 11.79
C TRP A 53 2.95 -1.68 10.33
N ARG A 54 3.73 -2.71 10.07
CA ARG A 54 4.07 -3.04 8.69
C ARG A 54 2.99 -3.80 7.95
N ASN A 55 1.84 -3.94 8.58
CA ASN A 55 0.72 -4.60 7.94
C ASN A 55 -0.53 -4.34 8.74
N LEU A 56 -0.77 -3.08 9.02
CA LEU A 56 -1.94 -2.74 9.80
C LEU A 56 -3.19 -2.69 8.95
N ALA A 57 -3.94 -3.79 8.96
CA ALA A 57 -5.15 -3.87 8.18
C ALA A 57 -4.95 -3.49 6.72
N GLY A 58 -3.79 -3.85 6.18
CA GLY A 58 -3.58 -3.55 4.78
C GLY A 58 -2.49 -2.58 4.41
N GLU A 59 -2.28 -1.54 5.22
CA GLU A 59 -1.26 -0.57 4.86
C GLU A 59 -0.02 -0.63 5.75
N ASP A 60 1.11 -0.18 5.23
CA ASP A 60 2.38 -0.17 5.96
C ASP A 60 2.64 1.22 6.55
N ALA A 61 2.07 1.49 7.72
CA ALA A 61 2.25 2.78 8.35
C ALA A 61 3.61 3.40 8.08
N ILE A 62 4.67 2.64 8.36
CA ILE A 62 6.00 3.19 8.17
C ILE A 62 6.30 3.67 6.75
N CYS A 63 6.25 2.76 5.79
CA CYS A 63 6.51 3.17 4.42
C CYS A 63 5.64 4.38 4.04
N GLY A 64 4.35 4.29 4.36
CA GLY A 64 3.40 5.35 4.05
C GLY A 64 3.70 6.73 4.63
N ILE A 65 4.23 6.76 5.85
CA ILE A 65 4.55 8.04 6.43
C ILE A 65 5.77 8.63 5.74
N TYR A 66 6.72 7.79 5.35
CA TYR A 66 7.88 8.34 4.69
C TYR A 66 7.58 8.54 3.21
N GLY A 67 7.13 7.49 2.54
CA GLY A 67 6.84 7.61 1.12
C GLY A 67 6.04 8.86 0.80
N THR A 68 5.11 9.20 1.67
CA THR A 68 4.29 10.37 1.45
C THR A 68 5.11 11.66 1.37
N GLN A 69 6.22 11.71 2.08
CA GLN A 69 7.04 12.89 2.03
C GLN A 69 7.82 12.88 0.74
N THR A 70 8.35 11.72 0.36
CA THR A 70 9.06 11.64 -0.90
C THR A 70 8.10 12.05 -2.01
N ARG A 71 6.87 11.54 -1.95
CA ARG A 71 5.84 11.86 -2.93
C ARG A 71 5.48 13.34 -2.91
N ARG A 72 5.70 14.00 -1.78
CA ARG A 72 5.40 15.43 -1.69
C ARG A 72 6.49 16.23 -2.39
N LEU A 73 7.76 15.87 -2.17
CA LEU A 73 8.86 16.58 -2.79
C LEU A 73 8.86 16.51 -4.29
N ASN A 74 8.45 15.36 -4.82
CA ASN A 74 8.43 15.15 -6.27
C ASN A 74 7.21 15.82 -6.87
N GLY A 75 6.34 16.29 -6.00
CA GLY A 75 5.16 16.96 -6.49
C GLY A 75 4.17 15.97 -7.08
N ASP A 76 4.29 14.70 -6.69
CA ASP A 76 3.37 13.69 -7.18
C ASP A 76 2.03 13.95 -6.49
N VAL A 77 2.04 14.77 -5.44
CA VAL A 77 0.81 15.08 -4.73
C VAL A 77 0.84 16.45 -4.07
N SER A 78 -0.34 17.06 -3.98
CA SER A 78 -0.51 18.38 -3.40
C SER A 78 0.01 18.44 -1.96
N PRO A 79 0.71 19.53 -1.60
CA PRO A 79 1.22 19.63 -0.23
C PRO A 79 0.08 19.64 0.76
N GLU A 80 -1.09 20.12 0.34
CA GLU A 80 -2.25 20.13 1.21
C GLU A 80 -2.69 18.67 1.47
N ASP A 81 -2.68 17.84 0.43
CA ASP A 81 -3.05 16.45 0.61
C ASP A 81 -1.95 15.71 1.37
N ALA A 82 -0.72 15.96 0.99
CA ALA A 82 0.41 15.30 1.63
C ALA A 82 0.31 15.41 3.14
N GLN A 83 -0.30 16.48 3.61
CA GLN A 83 -0.42 16.66 5.06
C GLN A 83 -1.49 15.76 5.59
N ARG A 84 -2.63 15.75 4.91
CA ARG A 84 -3.75 14.93 5.34
C ARG A 84 -3.33 13.48 5.21
N LEU A 85 -2.66 13.20 4.11
CA LEU A 85 -2.19 11.86 3.85
C LEU A 85 -1.29 11.43 5.00
N THR A 86 -0.45 12.34 5.47
CA THR A 86 0.44 12.01 6.58
C THR A 86 -0.37 11.66 7.81
N ALA A 87 -1.27 12.55 8.21
CA ALA A 87 -2.12 12.32 9.39
C ALA A 87 -2.65 10.91 9.38
N HIS A 88 -3.12 10.49 8.21
CA HIS A 88 -3.66 9.15 8.06
C HIS A 88 -2.68 8.11 8.56
N PHE A 89 -1.51 8.04 7.92
CA PHE A 89 -0.50 7.06 8.31
C PHE A 89 -0.05 7.24 9.75
N GLN A 90 0.38 8.43 10.11
CA GLN A 90 0.80 8.63 11.47
C GLN A 90 -0.16 7.95 12.46
N SER A 91 -1.46 8.15 12.25
CA SER A 91 -2.50 7.58 13.12
C SER A 91 -2.43 6.07 13.21
N LEU A 92 -1.98 5.41 12.14
CA LEU A 92 -1.91 3.94 12.14
C LEU A 92 -1.14 3.36 13.30
N PHE A 93 -0.06 4.02 13.69
CA PHE A 93 0.75 3.57 14.82
C PHE A 93 0.02 3.46 16.15
N CYS A 94 -1.09 4.18 16.31
CA CYS A 94 -1.88 4.18 17.55
C CYS A 94 -2.49 2.88 18.09
N SER A 95 -3.42 2.30 17.34
CA SER A 95 -4.10 1.07 17.76
C SER A 95 -3.29 0.00 18.46
N PRO A 96 -2.28 -0.60 17.79
CA PRO A 96 -1.49 -1.65 18.44
C PRO A 96 -1.12 -1.30 19.88
N HIS A 97 -0.29 -0.29 20.04
CA HIS A 97 0.15 0.14 21.35
C HIS A 97 -0.98 0.41 22.31
N ALA A 98 -2.12 0.86 21.79
CA ALA A 98 -3.27 1.17 22.62
C ALA A 98 -4.04 -0.07 23.07
N ILE A 99 -4.28 -1.02 22.17
CA ILE A 99 -5.01 -2.25 22.50
C ILE A 99 -4.33 -2.86 23.71
N MET A 100 -3.00 -2.93 23.60
CA MET A 100 -2.12 -3.47 24.62
C MET A 100 -2.26 -2.71 25.93
N HIS A 101 -1.76 -1.48 25.94
CA HIS A 101 -1.83 -0.64 27.12
C HIS A 101 -3.20 -0.71 27.82
N ALA A 102 -4.27 -0.66 27.03
CA ALA A 102 -5.61 -0.68 27.57
C ALA A 102 -5.92 -1.98 28.29
N LYS A 103 -5.38 -3.09 27.76
CA LYS A 103 -5.57 -4.41 28.37
C LYS A 103 -4.83 -4.43 29.71
N ILE A 104 -3.56 -4.07 29.66
CA ILE A 104 -2.71 -4.02 30.83
C ILE A 104 -3.31 -3.18 31.95
N SER A 105 -3.91 -2.04 31.62
CA SER A 105 -4.49 -1.22 32.66
C SER A 105 -5.58 -2.00 33.36
N ALA A 106 -6.19 -2.95 32.66
CA ALA A 106 -7.26 -3.75 33.22
C ALA A 106 -6.75 -4.80 34.20
N LEU A 107 -5.53 -5.27 33.97
CA LEU A 107 -4.96 -6.28 34.85
C LEU A 107 -4.22 -5.60 36.00
N MET A 108 -4.39 -4.30 36.13
CA MET A 108 -3.70 -3.59 37.22
C MET A 108 -4.62 -3.40 38.41
N ASP A 109 -4.15 -3.86 39.58
CA ASP A 109 -4.91 -3.76 40.82
C ASP A 109 -4.92 -2.34 41.38
N THR A 110 -6.10 -1.71 41.37
CA THR A 110 -6.26 -0.36 41.88
C THR A 110 -6.95 -0.43 43.23
N SER A 111 -6.31 -1.16 44.15
CA SER A 111 -6.83 -1.38 45.50
C SER A 111 -6.41 -0.29 46.47
N THR A 112 -7.42 0.36 47.04
CA THR A 112 -7.22 1.43 48.01
C THR A 112 -7.32 0.75 49.37
N SER A 113 -6.23 0.16 49.85
CA SER A 113 -6.28 -0.52 51.14
C SER A 113 -4.94 -0.90 51.74
N ASP A 114 -4.99 -1.39 52.98
CA ASP A 114 -3.82 -1.83 53.73
C ASP A 114 -3.43 -3.26 53.33
N LEU A 115 -2.20 -3.63 53.63
CA LEU A 115 -1.69 -4.95 53.29
C LEU A 115 -1.84 -5.97 54.41
N VAL A 116 -2.42 -7.12 54.09
CA VAL A 116 -2.60 -8.14 55.10
C VAL A 116 -1.30 -8.95 55.19
N GLN A 117 -0.58 -9.06 54.08
CA GLN A 117 0.69 -9.81 54.02
C GLN A 117 1.68 -9.23 53.00
N VAL A 118 2.95 -9.56 53.14
CA VAL A 118 3.96 -9.07 52.19
C VAL A 118 4.49 -10.20 51.36
N ASN A 119 5.11 -9.88 50.24
CA ASN A 119 5.69 -10.92 49.42
C ASN A 119 7.20 -10.86 49.57
N LYS A 120 7.79 -12.01 49.85
CA LYS A 120 9.23 -12.12 50.04
C LYS A 120 10.06 -11.61 48.86
N GLU A 121 9.73 -12.05 47.66
CA GLU A 121 10.46 -11.68 46.44
C GLU A 121 10.52 -10.20 46.02
N PRO A 122 11.53 -9.83 45.21
CA PRO A 122 11.77 -8.49 44.70
C PRO A 122 10.67 -8.08 43.72
N TYR A 123 10.56 -6.79 43.40
CA TYR A 123 9.48 -6.41 42.49
C TYR A 123 9.73 -6.77 41.05
N LYS A 124 8.73 -7.37 40.43
CA LYS A 124 8.82 -7.76 39.03
C LYS A 124 8.67 -6.53 38.13
N ILE A 125 9.69 -6.32 37.31
CA ILE A 125 9.73 -5.20 36.39
C ILE A 125 9.32 -5.61 34.98
N MET A 126 8.29 -4.96 34.43
CA MET A 126 7.85 -5.24 33.08
C MET A 126 8.20 -4.04 32.18
N LEU A 127 9.26 -4.23 31.40
CA LEU A 127 9.80 -3.22 30.51
C LEU A 127 9.04 -3.17 29.20
N SER A 128 8.75 -1.97 28.69
CA SER A 128 8.03 -1.82 27.43
C SER A 128 8.75 -0.86 26.50
N ASP A 129 8.66 -1.13 25.20
CA ASP A 129 9.31 -0.29 24.19
C ASP A 129 8.33 0.76 23.70
N ARG A 130 8.56 1.99 24.15
CA ARG A 130 7.73 3.15 23.81
C ARG A 130 6.38 3.13 24.51
N HIS A 131 5.88 4.32 24.82
CA HIS A 131 4.59 4.46 25.49
C HIS A 131 3.63 5.08 24.51
N PRO A 132 2.35 4.70 24.56
CA PRO A 132 1.30 5.22 23.68
C PRO A 132 1.37 6.70 23.31
N ILE A 133 1.81 7.52 24.25
CA ILE A 133 1.89 8.95 23.96
C ILE A 133 2.83 9.23 22.79
N ALA A 134 3.73 8.31 22.50
CA ALA A 134 4.64 8.51 21.38
C ALA A 134 3.85 8.60 20.07
N SER A 135 2.84 7.76 19.92
CA SER A 135 2.03 7.78 18.71
C SER A 135 0.95 8.84 18.77
N THR A 136 0.35 9.01 19.95
CA THR A 136 -0.73 9.97 20.11
C THR A 136 -0.33 11.38 20.46
N ILE A 137 0.95 11.62 20.76
CA ILE A 137 1.34 12.96 21.10
C ILE A 137 2.73 13.39 20.68
N CYS A 138 3.76 12.57 20.93
CA CYS A 138 5.07 13.02 20.52
C CYS A 138 5.29 13.14 19.03
N PHE A 139 5.11 12.05 18.29
CA PHE A 139 5.30 12.11 16.84
C PHE A 139 4.30 13.03 16.14
N PRO A 140 2.99 12.77 16.28
CA PRO A 140 2.05 13.67 15.61
C PRO A 140 2.39 15.16 15.80
N LEU A 141 2.82 15.52 17.00
CA LEU A 141 3.17 16.89 17.28
C LEU A 141 4.46 17.31 16.55
N SER A 142 5.40 16.38 16.42
CA SER A 142 6.62 16.74 15.73
C SER A 142 6.29 16.97 14.25
N ARG A 143 5.47 16.10 13.67
CA ARG A 143 5.09 16.28 12.28
C ARG A 143 4.48 17.65 12.07
N TYR A 144 3.60 18.07 12.98
CA TYR A 144 2.99 19.38 12.84
C TYR A 144 4.06 20.45 12.79
N LEU A 145 4.85 20.52 13.84
CA LEU A 145 5.91 21.52 13.95
C LEU A 145 6.78 21.63 12.69
N VAL A 146 7.12 20.51 12.09
CA VAL A 146 7.96 20.52 10.89
C VAL A 146 7.16 20.86 9.64
N GLY A 147 5.84 20.86 9.76
CA GLY A 147 4.99 21.21 8.64
C GLY A 147 4.55 20.04 7.79
N ASP A 148 4.84 18.82 8.23
CA ASP A 148 4.43 17.64 7.46
C ASP A 148 2.99 17.17 7.72
N MET A 149 2.35 17.71 8.75
CA MET A 149 1.00 17.31 9.09
C MET A 149 0.13 18.49 9.50
N SER A 150 -1.17 18.40 9.23
CA SER A 150 -2.12 19.48 9.56
C SER A 150 -2.68 19.33 10.98
N PRO A 151 -2.69 20.44 11.75
CA PRO A 151 -3.18 20.44 13.14
C PRO A 151 -4.52 19.75 13.32
N ALA A 152 -5.29 19.75 12.24
CA ALA A 152 -6.61 19.15 12.28
C ALA A 152 -6.69 17.79 12.95
N ALA A 153 -5.56 17.08 13.02
CA ALA A 153 -5.58 15.75 13.61
C ALA A 153 -5.11 15.69 15.05
N LEU A 154 -4.82 16.84 15.65
CA LEU A 154 -4.33 16.82 17.02
C LEU A 154 -5.41 16.50 18.05
N PRO A 155 -6.61 17.07 17.91
CA PRO A 155 -7.66 16.78 18.87
C PRO A 155 -7.96 15.30 18.97
N GLY A 156 -8.05 14.64 17.84
CA GLY A 156 -8.33 13.22 17.84
C GLY A 156 -7.30 12.38 18.57
N LEU A 157 -6.07 12.89 18.68
CA LEU A 157 -5.03 12.13 19.36
C LEU A 157 -4.71 12.63 20.76
N LEU A 158 -4.64 13.95 20.93
CA LEU A 158 -4.30 14.56 22.21
C LEU A 158 -5.42 14.62 23.23
N PHE A 159 -6.60 14.99 22.76
CA PHE A 159 -7.73 15.13 23.68
C PHE A 159 -8.54 13.88 24.01
N THR A 160 -8.31 12.79 23.29
CA THR A 160 -9.05 11.57 23.60
C THR A 160 -8.24 10.55 24.41
N LEU A 161 -7.24 11.01 25.13
CA LEU A 161 -6.42 10.09 25.90
C LEU A 161 -7.17 9.44 27.05
N PRO A 162 -6.94 8.15 27.28
CA PRO A 162 -7.60 7.40 28.36
C PRO A 162 -6.86 7.55 29.69
N ALA A 163 -7.62 7.48 30.78
CA ALA A 163 -7.04 7.63 32.11
C ALA A 163 -5.82 6.75 32.27
N GLU A 164 -4.71 7.37 32.64
CA GLU A 164 -3.48 6.63 32.84
C GLU A 164 -3.44 6.10 34.26
N PRO A 165 -3.20 4.79 34.43
CA PRO A 165 -3.14 4.18 35.76
C PRO A 165 -1.85 4.58 36.49
N PRO A 166 -1.93 4.77 37.82
CA PRO A 166 -0.77 5.17 38.62
C PRO A 166 0.43 4.24 38.44
N GLY A 167 1.62 4.84 38.40
CA GLY A 167 2.84 4.05 38.28
C GLY A 167 3.52 3.99 36.93
N THR A 168 3.25 4.95 36.05
CA THR A 168 3.89 4.94 34.75
C THR A 168 5.23 5.60 34.83
N ASN A 169 6.26 4.87 34.47
CA ASN A 169 7.60 5.42 34.50
C ASN A 169 8.09 5.62 33.08
N LEU A 170 8.13 6.87 32.67
CA LEU A 170 8.56 7.22 31.34
C LEU A 170 10.05 7.52 31.34
N VAL A 171 10.82 6.73 30.62
CA VAL A 171 12.26 6.91 30.56
C VAL A 171 12.64 7.41 29.17
N VAL A 172 12.83 8.71 29.06
CA VAL A 172 13.22 9.30 27.78
C VAL A 172 14.70 9.09 27.53
N CYS A 173 15.05 8.40 26.45
CA CYS A 173 16.45 8.15 26.11
C CYS A 173 16.98 9.35 25.37
N THR A 174 18.26 9.64 25.55
CA THR A 174 18.89 10.78 24.88
C THR A 174 20.27 10.43 24.37
N VAL A 175 20.65 11.01 23.23
CA VAL A 175 21.95 10.77 22.64
C VAL A 175 22.51 12.11 22.20
N SER A 176 23.83 12.23 22.08
CA SER A 176 24.42 13.48 21.63
C SER A 176 23.96 13.64 20.18
N LEU A 177 23.90 14.88 19.70
CA LEU A 177 23.44 15.15 18.34
C LEU A 177 24.23 14.51 17.18
N PRO A 178 25.55 14.76 17.09
CA PRO A 178 26.36 14.18 16.00
C PRO A 178 26.38 12.64 15.98
N SER A 179 26.16 12.03 17.15
CA SER A 179 26.14 10.57 17.31
C SER A 179 24.79 10.00 16.84
N HIS A 180 23.72 10.76 17.09
CA HIS A 180 22.37 10.38 16.71
C HIS A 180 22.26 10.32 15.18
N LEU A 181 23.03 11.16 14.51
CA LEU A 181 23.04 11.23 13.05
C LEU A 181 23.86 10.14 12.38
N SER A 182 24.35 9.18 13.17
CA SER A 182 25.13 8.06 12.66
C SER A 182 24.42 6.76 12.98
N ARG A 183 23.64 6.76 14.07
CA ARG A 183 22.88 5.59 14.51
C ARG A 183 21.80 5.24 13.48
N VAL A 184 21.39 6.26 12.72
CA VAL A 184 20.38 6.09 11.70
C VAL A 184 21.03 5.67 10.36
N SER A 185 21.63 6.62 9.65
CA SER A 185 22.29 6.36 8.36
C SER A 185 23.35 5.24 8.44
N GLU A 192 12.84 4.72 5.72
CA GLU A 192 13.37 5.68 6.68
C GLU A 192 14.12 6.82 5.98
N THR A 193 14.35 7.94 6.69
CA THR A 193 15.05 9.09 6.11
C THR A 193 15.72 9.98 7.18
N VAL A 194 16.94 10.43 6.89
CA VAL A 194 17.69 11.28 7.81
C VAL A 194 17.67 12.76 7.43
N ASN A 195 16.78 13.51 8.07
CA ASN A 195 16.67 14.94 7.83
C ASN A 195 16.64 15.66 9.18
N LEU A 196 17.63 16.52 9.39
CA LEU A 196 17.73 17.26 10.64
C LEU A 196 16.36 17.77 11.10
N PRO A 197 15.75 18.68 10.34
CA PRO A 197 14.44 19.25 10.68
C PRO A 197 13.56 18.40 11.57
N PHE A 198 13.24 17.20 11.14
CA PHE A 198 12.37 16.33 11.92
C PHE A 198 13.02 15.84 13.20
N VAL A 199 14.24 15.36 13.08
CA VAL A 199 14.98 14.89 14.23
C VAL A 199 15.12 16.00 15.28
N MET A 200 15.76 17.09 14.88
CA MET A 200 15.97 18.25 15.74
C MET A 200 14.69 18.57 16.51
N VAL A 201 13.56 18.48 15.85
CA VAL A 201 12.29 18.75 16.49
C VAL A 201 11.92 17.62 17.44
N LEU A 202 11.97 16.40 16.95
CA LEU A 202 11.60 15.26 17.77
C LEU A 202 12.31 15.30 19.11
N ARG A 203 13.63 15.48 19.07
CA ARG A 203 14.42 15.56 20.28
C ARG A 203 13.80 16.64 21.18
N ASN A 204 13.63 17.83 20.62
CA ASN A 204 13.05 18.96 21.36
C ASN A 204 11.71 18.60 21.99
N VAL A 205 10.80 18.08 21.19
CA VAL A 205 9.50 17.74 21.72
C VAL A 205 9.62 16.88 22.95
N TYR A 206 10.30 15.76 22.83
CA TYR A 206 10.43 14.88 23.99
C TYR A 206 10.92 15.63 25.20
N ILE A 207 11.90 16.51 25.01
CA ILE A 207 12.36 17.27 26.16
C ILE A 207 11.18 18.03 26.76
N MET A 208 10.41 18.73 25.91
CA MET A 208 9.25 19.45 26.40
C MET A 208 8.36 18.50 27.19
N LEU A 209 8.01 17.37 26.58
CA LEU A 209 7.16 16.37 27.24
C LEU A 209 7.57 16.29 28.71
N ILE A 210 8.82 15.91 28.94
CA ILE A 210 9.32 15.84 30.30
C ILE A 210 9.00 17.12 31.07
N ASN A 211 9.46 18.27 30.58
CA ASN A 211 9.18 19.52 31.30
C ASN A 211 7.68 19.64 31.59
N THR A 212 6.85 19.19 30.65
CA THR A 212 5.41 19.27 30.81
C THR A 212 4.91 18.42 31.98
N ILE A 213 5.45 17.23 32.09
CA ILE A 213 5.04 16.34 33.15
C ILE A 213 5.35 17.01 34.47
N ILE A 214 6.62 17.41 34.67
CA ILE A 214 7.03 18.05 35.91
C ILE A 214 6.14 19.26 36.15
N PHE A 215 6.09 20.16 35.17
CA PHE A 215 5.25 21.35 35.23
C PHE A 215 3.87 21.02 35.79
N LEU A 216 3.21 20.08 35.14
CA LEU A 216 1.88 19.64 35.50
C LEU A 216 1.76 19.12 36.92
N LYS A 217 2.88 18.70 37.51
CA LYS A 217 2.88 18.16 38.86
C LYS A 217 2.43 19.20 39.87
N THR A 218 2.82 20.45 39.62
CA THR A 218 2.50 21.56 40.53
C THR A 218 1.38 22.46 40.05
N ASN A 219 1.54 23.02 38.86
CA ASN A 219 0.57 23.95 38.27
C ASN A 219 -0.41 23.34 37.28
N ASN A 220 -1.50 24.05 37.01
CA ASN A 220 -2.55 23.63 36.08
C ASN A 220 -2.13 24.11 34.68
N TRP A 221 -2.67 23.51 33.62
CA TRP A 221 -2.27 23.94 32.27
C TRP A 221 -2.63 25.39 32.01
N HIS A 222 -3.66 25.88 32.68
CA HIS A 222 -4.08 27.26 32.47
C HIS A 222 -3.21 28.26 33.24
N ALA A 223 -1.93 27.95 33.41
CA ALA A 223 -1.03 28.85 34.12
C ALA A 223 -0.83 30.12 33.30
N GLY A 224 0.40 30.35 32.89
CA GLY A 224 0.69 31.52 32.09
C GLY A 224 0.21 31.34 30.68
N TRP A 225 -0.96 30.70 30.52
CA TRP A 225 -1.50 30.47 29.20
C TRP A 225 -1.67 31.80 28.49
N ASN A 226 -2.24 32.77 29.18
CA ASN A 226 -2.45 34.08 28.59
C ASN A 226 -1.15 34.86 28.51
N THR A 227 -0.04 34.17 28.76
CA THR A 227 1.28 34.82 28.71
C THR A 227 2.12 34.03 27.73
N LEU A 228 1.49 33.01 27.17
CA LEU A 228 2.12 32.14 26.19
C LEU A 228 1.89 32.70 24.80
N SER A 229 2.96 33.09 24.12
CA SER A 229 2.76 33.61 22.78
C SER A 229 2.27 32.46 21.94
N PHE A 230 1.41 32.75 20.97
CA PHE A 230 0.91 31.68 20.13
C PHE A 230 2.06 30.99 19.45
N CYS A 231 1.81 29.83 18.86
CA CYS A 231 2.86 29.10 18.16
C CYS A 231 3.01 29.70 16.78
N ASN A 232 4.17 30.24 16.49
CA ASN A 232 4.43 30.86 15.20
C ASN A 232 5.53 30.16 14.39
N ASP A 233 5.70 30.56 13.14
CA ASP A 233 6.70 29.96 12.27
C ASP A 233 8.10 30.23 12.76
N VAL A 234 8.27 31.33 13.47
CA VAL A 234 9.57 31.67 13.99
C VAL A 234 9.93 30.64 15.03
N PHE A 235 8.97 30.31 15.87
CA PHE A 235 9.17 29.34 16.92
C PHE A 235 9.54 28.01 16.27
N LYS A 236 8.70 27.55 15.34
CA LYS A 236 8.93 26.28 14.67
C LYS A 236 10.32 26.22 14.05
N GLN A 237 10.77 27.35 13.52
CA GLN A 237 12.10 27.45 12.90
C GLN A 237 13.21 27.10 13.89
N LYS A 238 13.15 27.65 15.10
CA LYS A 238 14.17 27.34 16.08
C LYS A 238 14.16 25.85 16.39
N LEU A 239 12.97 25.32 16.59
CA LEU A 239 12.81 23.91 16.91
C LEU A 239 13.42 22.96 15.88
N GLN A 240 13.59 23.44 14.65
CA GLN A 240 14.16 22.61 13.58
C GLN A 240 15.66 22.81 13.43
N LYS A 241 16.22 23.76 14.18
CA LYS A 241 17.63 24.06 14.05
C LYS A 241 18.52 23.90 15.26
N SER A 242 18.19 24.59 16.34
CA SER A 242 19.06 24.57 17.51
C SER A 242 18.87 23.59 18.66
N GLU A 243 17.79 22.80 18.67
CA GLU A 243 17.63 21.89 19.80
C GLU A 243 17.64 22.76 21.05
N CYS A 244 16.96 23.89 20.97
CA CYS A 244 16.90 24.82 22.09
C CYS A 244 16.29 24.18 23.34
N ILE A 245 14.96 24.22 23.46
CA ILE A 245 14.23 23.65 24.60
C ILE A 245 15.12 22.89 25.60
N LYS A 246 15.50 23.55 26.68
CA LYS A 246 16.35 22.90 27.67
C LYS A 246 15.61 22.36 28.89
N LEU A 247 15.99 21.15 29.28
CA LEU A 247 15.38 20.46 30.40
C LEU A 247 15.74 21.22 31.64
N ARG A 248 14.75 21.66 32.40
CA ARG A 248 15.06 22.44 33.61
C ARG A 248 14.32 22.13 34.91
N GLU A 249 15.09 22.21 36.01
CA GLU A 249 14.64 21.96 37.37
C GLU A 249 13.19 22.30 37.65
N VAL A 250 12.85 23.57 37.52
CA VAL A 250 11.48 23.98 37.71
C VAL A 250 11.02 24.61 36.41
N PRO A 251 10.30 23.82 35.61
CA PRO A 251 9.77 24.20 34.32
C PRO A 251 8.67 25.24 34.40
N GLY A 252 8.61 26.07 33.37
CA GLY A 252 7.60 27.11 33.30
C GLY A 252 6.77 26.83 32.06
N ILE A 253 5.58 27.40 32.00
CA ILE A 253 4.70 27.18 30.87
C ILE A 253 5.38 27.16 29.50
N GLU A 254 6.33 28.06 29.27
CA GLU A 254 7.00 28.10 27.97
C GLU A 254 8.05 27.02 27.71
N ASP A 255 8.30 26.17 28.69
CA ASP A 255 9.29 25.12 28.51
C ASP A 255 8.61 23.80 28.28
N THR A 256 7.28 23.85 28.25
CA THR A 256 6.46 22.67 28.05
C THR A 256 5.96 22.44 26.61
N LEU A 257 4.91 21.60 26.52
CA LEU A 257 4.29 21.27 25.24
C LEU A 257 3.12 22.22 25.02
N PHE A 258 2.72 22.89 26.08
CA PHE A 258 1.63 23.82 25.98
C PHE A 258 2.09 24.99 25.15
N ALA A 259 3.39 25.12 25.01
CA ALA A 259 3.94 26.19 24.20
C ALA A 259 3.61 25.89 22.75
N VAL A 260 3.45 24.60 22.45
CA VAL A 260 3.17 24.13 21.10
C VAL A 260 1.67 23.91 20.90
N LEU A 261 0.91 23.90 21.96
CA LEU A 261 -0.52 23.68 21.82
C LEU A 261 -1.35 24.95 21.70
N LYS A 262 -0.73 26.09 22.03
CA LYS A 262 -1.42 27.37 21.94
C LYS A 262 -1.52 27.68 20.45
N LEU A 263 -2.56 27.15 19.81
CA LEU A 263 -2.73 27.36 18.36
C LEU A 263 -4.02 28.10 18.02
N PRO A 264 -3.91 29.06 17.09
CA PRO A 264 -5.05 29.86 16.64
C PRO A 264 -6.20 28.98 16.17
N GLU A 265 -5.85 27.85 15.60
CA GLU A 265 -6.83 26.91 15.10
C GLU A 265 -7.65 26.27 16.22
N LEU A 266 -7.21 26.45 17.46
CA LEU A 266 -7.94 25.86 18.58
C LEU A 266 -8.64 26.93 19.40
N CYS A 267 -8.32 28.18 19.11
CA CYS A 267 -8.90 29.31 19.83
C CYS A 267 -9.95 30.00 18.98
N GLY A 268 -10.77 30.81 19.65
CA GLY A 268 -11.82 31.53 18.95
C GLY A 268 -11.43 32.95 18.57
N GLU A 269 -12.44 33.73 18.20
CA GLU A 269 -12.25 35.12 17.80
C GLU A 269 -11.40 35.88 18.81
N PHE A 270 -11.91 35.98 20.04
CA PHE A 270 -11.25 36.70 21.12
C PHE A 270 -9.89 36.12 21.50
N GLY A 271 -9.58 34.92 20.99
CA GLY A 271 -8.31 34.32 21.32
C GLY A 271 -8.34 33.42 22.55
N ASN A 272 -9.49 32.83 22.81
CA ASN A 272 -9.64 31.90 23.93
C ASN A 272 -9.68 30.51 23.35
N ILE A 273 -9.11 29.55 24.05
CA ILE A 273 -9.14 28.17 23.56
C ILE A 273 -10.59 27.65 23.66
N LEU A 274 -11.14 27.21 22.54
CA LEU A 274 -12.53 26.74 22.51
C LEU A 274 -12.86 25.69 23.57
N PRO A 275 -14.07 25.79 24.14
CA PRO A 275 -14.60 24.91 25.18
C PRO A 275 -14.14 23.46 25.12
N LEU A 276 -14.62 22.71 24.14
CA LEU A 276 -14.24 21.31 24.06
C LEU A 276 -12.75 21.13 24.18
N TRP A 277 -12.02 21.82 23.32
CA TRP A 277 -10.57 21.73 23.31
C TRP A 277 -9.97 21.94 24.70
N ALA A 278 -10.66 22.72 25.52
CA ALA A 278 -10.20 22.97 26.88
C ALA A 278 -10.36 21.67 27.63
N TRP A 279 -11.59 21.17 27.69
CA TRP A 279 -11.85 19.91 28.37
C TRP A 279 -10.78 18.92 27.95
N GLY A 280 -10.43 18.95 26.67
CA GLY A 280 -9.39 18.06 26.19
C GLY A 280 -8.08 18.28 26.91
N MET A 281 -7.61 19.54 26.94
CA MET A 281 -6.36 19.87 27.61
C MET A 281 -6.39 19.22 28.99
N GLU A 282 -7.55 19.30 29.64
CA GLU A 282 -7.72 18.72 30.96
C GLU A 282 -7.27 17.25 31.00
N THR A 283 -7.88 16.39 30.17
CA THR A 283 -7.55 14.96 30.13
C THR A 283 -6.09 14.74 29.72
N LEU A 284 -5.61 15.51 28.75
CA LEU A 284 -4.24 15.38 28.32
C LEU A 284 -3.35 15.63 29.54
N SER A 285 -3.71 16.63 30.34
CA SER A 285 -2.95 16.96 31.53
C SER A 285 -3.05 15.77 32.48
N ASN A 286 -4.29 15.39 32.77
CA ASN A 286 -4.57 14.27 33.66
C ASN A 286 -3.62 13.12 33.40
N CYS A 287 -3.42 12.78 32.12
CA CYS A 287 -2.55 11.69 31.72
C CYS A 287 -1.08 11.94 32.04
N LEU A 288 -0.49 12.93 31.35
CA LEU A 288 0.91 13.29 31.53
C LEU A 288 1.33 13.49 32.98
N ARG A 289 0.44 14.06 33.78
CA ARG A 289 0.71 14.35 35.18
C ARG A 289 0.96 13.14 36.05
N SER A 290 0.29 12.04 35.73
CA SER A 290 0.44 10.81 36.49
C SER A 290 1.85 10.27 36.38
N MET A 291 2.46 10.49 35.23
CA MET A 291 3.78 9.99 34.93
C MET A 291 5.00 10.40 35.75
N SER A 292 5.92 9.46 35.90
CA SER A 292 7.16 9.68 36.64
C SER A 292 8.30 9.70 35.62
N PRO A 293 8.73 10.90 35.24
CA PRO A 293 9.80 11.16 34.27
C PRO A 293 11.23 10.89 34.66
N PHE A 294 11.93 10.20 33.76
CA PHE A 294 13.33 9.85 33.93
C PHE A 294 14.06 9.98 32.59
N VAL A 295 15.30 10.45 32.64
CA VAL A 295 16.10 10.62 31.45
C VAL A 295 17.29 9.65 31.51
N LEU A 296 17.49 8.91 30.43
CA LEU A 296 18.57 7.93 30.36
C LEU A 296 19.44 8.18 29.15
N SER A 297 20.73 8.38 29.38
CA SER A 297 21.66 8.65 28.28
C SER A 297 22.16 7.40 27.61
N LEU A 298 22.00 7.31 26.29
CA LEU A 298 22.47 6.15 25.55
C LEU A 298 23.77 6.49 24.83
N GLU A 299 24.50 7.45 25.39
CA GLU A 299 25.77 7.88 24.83
C GLU A 299 26.92 7.08 25.44
N GLN A 300 26.96 5.79 25.13
CA GLN A 300 27.99 4.90 25.65
C GLN A 300 27.65 3.45 25.33
N THR A 301 28.48 2.52 25.81
CA THR A 301 28.27 1.10 25.58
C THR A 301 26.95 0.63 26.18
N PRO A 302 26.18 -0.19 25.45
CA PRO A 302 24.89 -0.69 25.94
C PRO A 302 24.99 -1.18 27.38
N GLN A 303 26.17 -1.67 27.76
CA GLN A 303 26.38 -2.16 29.12
C GLN A 303 26.10 -1.04 30.12
N HIS A 304 26.74 0.10 29.92
CA HIS A 304 26.53 1.24 30.81
C HIS A 304 25.08 1.69 30.81
N ALA A 305 24.56 1.99 29.62
CA ALA A 305 23.18 2.43 29.47
C ALA A 305 22.25 1.63 30.37
N ALA A 306 22.37 0.31 30.29
CA ALA A 306 21.54 -0.57 31.11
C ALA A 306 21.91 -0.50 32.59
N GLN A 307 23.20 -0.41 32.89
CA GLN A 307 23.60 -0.34 34.28
C GLN A 307 23.00 0.91 34.89
N GLU A 308 23.07 2.00 34.15
CA GLU A 308 22.52 3.26 34.63
C GLU A 308 21.04 3.06 34.94
N LEU A 309 20.31 2.53 33.96
CA LEU A 309 18.89 2.30 34.15
C LEU A 309 18.62 1.55 35.44
N LYS A 310 19.54 0.66 35.80
CA LYS A 310 19.37 -0.11 37.03
C LYS A 310 19.38 0.78 38.27
N THR A 311 20.31 1.73 38.30
CA THR A 311 20.45 2.63 39.44
C THR A 311 19.17 3.44 39.68
N LEU A 312 18.33 3.53 38.64
CA LEU A 312 17.07 4.28 38.69
C LEU A 312 15.89 3.50 39.24
N LEU A 313 15.94 2.18 39.09
CA LEU A 313 14.87 1.31 39.55
C LEU A 313 14.33 1.72 40.92
N PRO A 314 15.22 2.03 41.88
CA PRO A 314 14.79 2.43 43.22
C PRO A 314 14.07 3.77 43.29
N GLN A 315 14.21 4.59 42.26
CA GLN A 315 13.57 5.91 42.24
C GLN A 315 12.20 5.89 41.57
N MET A 316 11.92 4.83 40.81
CA MET A 316 10.66 4.73 40.10
C MET A 316 9.44 4.40 40.97
N THR A 317 8.28 4.84 40.51
CA THR A 317 7.03 4.59 41.22
C THR A 317 6.53 3.21 40.88
N PRO A 318 6.24 2.39 41.90
CA PRO A 318 5.75 1.03 41.69
C PRO A 318 4.23 0.91 41.73
N ALA A 319 3.70 -0.14 41.10
CA ALA A 319 2.26 -0.36 41.11
C ALA A 319 1.97 -1.77 41.60
N ASN A 320 0.73 -2.03 41.97
CA ASN A 320 0.37 -3.34 42.48
C ASN A 320 -0.55 -4.11 41.52
N MET A 321 -0.28 -5.41 41.41
CA MET A 321 -1.08 -6.27 40.55
C MET A 321 -1.14 -7.71 41.04
N SER A 322 -2.25 -8.37 40.76
CA SER A 322 -2.45 -9.77 41.15
C SER A 322 -1.30 -10.65 40.68
N SER A 323 -0.79 -11.49 41.57
CA SER A 323 0.29 -12.38 41.19
C SER A 323 -0.22 -13.18 40.01
N GLY A 324 -1.47 -13.62 40.11
CA GLY A 324 -2.06 -14.40 39.03
C GLY A 324 -2.02 -13.68 37.70
N ALA A 325 -2.44 -12.41 37.72
CA ALA A 325 -2.47 -11.57 36.52
C ALA A 325 -1.11 -11.46 35.85
N TRP A 326 -0.07 -11.24 36.63
CA TRP A 326 1.27 -11.16 36.06
C TRP A 326 1.54 -12.38 35.17
N ASN A 327 1.15 -13.57 35.65
CA ASN A 327 1.35 -14.79 34.89
C ASN A 327 0.52 -14.79 33.61
N ILE A 328 -0.68 -14.23 33.69
CA ILE A 328 -1.55 -14.11 32.53
C ILE A 328 -0.90 -13.12 31.59
N LEU A 329 -0.72 -11.89 32.05
CA LEU A 329 -0.09 -10.87 31.23
C LEU A 329 1.06 -11.47 30.43
N LYS A 330 1.97 -12.15 31.12
CA LYS A 330 3.12 -12.78 30.48
C LYS A 330 2.73 -13.62 29.29
N GLU A 331 1.70 -14.45 29.47
CA GLU A 331 1.22 -15.34 28.42
C GLU A 331 0.72 -14.51 27.24
N LEU A 332 -0.09 -13.48 27.52
CA LEU A 332 -0.62 -12.63 26.47
C LEU A 332 0.52 -11.99 25.72
N VAL A 333 1.41 -11.36 26.47
CA VAL A 333 2.56 -10.69 25.88
C VAL A 333 3.31 -11.66 25.01
N ASN A 334 3.45 -12.90 25.47
CA ASN A 334 4.17 -13.89 24.69
C ASN A 334 3.34 -14.36 23.53
N ALA A 335 2.02 -14.30 23.70
CA ALA A 335 1.10 -14.72 22.64
C ALA A 335 1.10 -13.81 21.45
N VAL A 336 1.42 -12.53 21.66
CA VAL A 336 1.44 -11.54 20.56
C VAL A 336 2.81 -11.11 20.07
N GLN A 337 3.85 -11.21 20.90
CA GLN A 337 5.17 -10.84 20.39
C GLN A 337 5.64 -12.04 19.57
N ASP A 338 4.77 -13.05 19.48
CA ASP A 338 5.03 -14.30 18.77
C ASP A 338 5.25 -14.14 17.24
N MET B 10 -29.79 11.30 42.82
CA MET B 10 -31.02 11.08 41.99
C MET B 10 -30.70 10.32 40.71
N GLY B 11 -31.73 9.80 40.04
CA GLY B 11 -31.52 9.03 38.81
C GLY B 11 -31.87 9.72 37.51
N VAL B 12 -30.92 9.72 36.58
CA VAL B 12 -31.09 10.35 35.26
C VAL B 12 -31.40 9.34 34.17
N LEU B 13 -31.66 9.83 32.96
CA LEU B 13 -31.98 8.94 31.86
C LEU B 13 -31.19 9.32 30.62
N ARG B 14 -30.05 8.65 30.42
CA ARG B 14 -29.20 8.92 29.26
C ARG B 14 -29.78 8.33 27.98
N ILE B 15 -30.16 9.22 27.06
CA ILE B 15 -30.75 8.78 25.81
C ILE B 15 -30.04 9.36 24.62
N TYR B 16 -29.41 8.49 23.84
CA TYR B 16 -28.70 8.88 22.64
C TYR B 16 -29.57 8.53 21.43
N LEU B 17 -29.83 9.54 20.62
CA LEU B 17 -30.68 9.39 19.44
C LEU B 17 -29.84 9.33 18.16
N ASP B 18 -29.80 8.17 17.52
CA ASP B 18 -29.03 8.00 16.30
C ASP B 18 -29.82 7.53 15.08
N GLY B 19 -29.11 7.04 14.08
CA GLY B 19 -29.73 6.57 12.86
C GLY B 19 -29.06 7.25 11.67
N ALA B 20 -29.67 7.16 10.50
CA ALA B 20 -29.13 7.76 9.27
C ALA B 20 -29.17 9.29 9.33
N TYR B 21 -28.67 9.95 8.28
CA TYR B 21 -28.66 11.41 8.25
C TYR B 21 -29.73 12.00 7.36
N GLY B 22 -30.12 13.25 7.63
CA GLY B 22 -31.14 13.91 6.84
C GLY B 22 -32.53 13.39 7.16
N ILE B 23 -32.60 12.27 7.86
CA ILE B 23 -33.88 11.65 8.23
C ILE B 23 -34.78 12.58 9.05
N GLY B 24 -34.20 13.48 9.81
CA GLY B 24 -34.99 14.39 10.62
C GLY B 24 -34.99 14.11 12.10
N LYS B 25 -33.94 13.43 12.56
CA LYS B 25 -33.82 13.08 13.98
C LYS B 25 -33.45 14.26 14.86
N THR B 26 -33.35 15.44 14.26
CA THR B 26 -33.02 16.63 15.04
C THR B 26 -34.27 17.48 15.22
N THR B 27 -35.02 17.71 14.15
CA THR B 27 -36.22 18.52 14.24
C THR B 27 -37.30 17.74 14.98
N ALA B 28 -37.03 16.45 15.18
CA ALA B 28 -37.97 15.58 15.88
C ALA B 28 -37.46 15.35 17.30
N ALA B 29 -36.20 15.68 17.54
CA ALA B 29 -35.60 15.53 18.85
C ALA B 29 -35.80 16.82 19.61
N GLU B 30 -36.06 17.88 18.86
CA GLU B 30 -36.29 19.19 19.46
C GLU B 30 -37.77 19.30 19.82
N GLU B 31 -38.64 18.88 18.91
CA GLU B 31 -40.09 18.95 19.15
C GLU B 31 -40.43 18.13 20.38
N PHE B 32 -39.45 17.36 20.86
CA PHE B 32 -39.67 16.54 22.03
C PHE B 32 -39.28 17.33 23.26
N LEU B 33 -38.42 18.32 23.05
CA LEU B 33 -37.94 19.15 24.14
C LEU B 33 -38.94 20.25 24.46
N HIS B 34 -39.55 20.81 23.42
CA HIS B 34 -40.53 21.88 23.57
C HIS B 34 -41.82 21.46 24.27
N HIS B 35 -42.19 20.19 24.15
CA HIS B 35 -43.43 19.70 24.76
C HIS B 35 -43.32 19.14 26.17
N PHE B 36 -42.20 18.57 26.54
CA PHE B 36 -42.09 17.97 27.87
C PHE B 36 -41.14 18.67 28.81
N ALA B 37 -40.58 19.79 28.37
CA ALA B 37 -39.68 20.59 29.19
C ALA B 37 -40.51 21.68 29.87
N ILE B 38 -41.75 21.34 30.19
CA ILE B 38 -42.67 22.27 30.85
C ILE B 38 -41.94 22.75 32.10
N THR B 39 -41.27 21.81 32.75
CA THR B 39 -40.48 22.09 33.94
C THR B 39 -39.02 22.10 33.45
N PRO B 40 -38.41 23.29 33.31
CA PRO B 40 -37.04 23.55 32.85
C PRO B 40 -35.93 22.57 33.23
N ASN B 41 -35.77 22.33 34.52
CA ASN B 41 -34.74 21.43 35.01
C ASN B 41 -35.06 19.95 34.93
N ARG B 42 -35.96 19.55 34.03
CA ARG B 42 -36.28 18.13 33.93
C ARG B 42 -35.65 17.49 32.71
N ILE B 43 -35.10 18.32 31.81
CA ILE B 43 -34.52 17.77 30.60
C ILE B 43 -33.37 18.61 30.06
N LEU B 44 -32.34 17.91 29.59
CA LEU B 44 -31.15 18.58 29.06
C LEU B 44 -30.81 18.07 27.66
N LEU B 45 -30.73 18.98 26.68
CA LEU B 45 -30.40 18.56 25.32
C LEU B 45 -28.98 18.91 24.88
N ILE B 46 -28.38 18.00 24.14
CA ILE B 46 -27.04 18.21 23.65
C ILE B 46 -27.07 18.00 22.15
N GLY B 47 -26.91 19.07 21.38
CA GLY B 47 -26.96 18.94 19.93
C GLY B 47 -25.63 18.63 19.25
N GLU B 48 -25.71 18.12 18.01
CA GLU B 48 -24.51 17.78 17.25
C GLU B 48 -23.60 19.01 17.22
N PRO B 49 -22.30 18.81 17.43
CA PRO B 49 -21.36 19.93 17.43
C PRO B 49 -20.86 20.37 16.06
N LEU B 50 -21.78 20.79 15.19
CA LEU B 50 -21.41 21.23 13.85
C LEU B 50 -20.30 22.27 13.89
N SER B 51 -20.43 23.22 14.81
CA SER B 51 -19.44 24.28 14.94
C SER B 51 -18.01 23.76 15.00
N TYR B 52 -17.79 22.55 15.52
CA TYR B 52 -16.43 22.02 15.55
C TYR B 52 -16.14 21.22 14.29
N TRP B 53 -17.14 20.52 13.78
CA TRP B 53 -16.95 19.73 12.58
C TRP B 53 -16.65 20.64 11.42
N ARG B 54 -17.33 21.78 11.37
CA ARG B 54 -17.08 22.69 10.26
C ARG B 54 -15.86 23.54 10.44
N ASN B 55 -15.09 23.28 11.49
CA ASN B 55 -13.86 24.02 11.74
C ASN B 55 -13.06 23.27 12.78
N LEU B 56 -12.79 22.01 12.51
CA LEU B 56 -12.06 21.26 13.45
C LEU B 56 -10.60 21.48 13.25
N ALA B 57 -10.03 22.34 14.08
CA ALA B 57 -8.60 22.65 14.02
C ALA B 57 -8.16 23.02 12.61
N GLY B 58 -9.04 23.69 11.88
CA GLY B 58 -8.67 24.12 10.54
C GLY B 58 -9.39 23.55 9.35
N GLU B 59 -9.80 22.28 9.41
CA GLU B 59 -10.47 21.69 8.26
C GLU B 59 -11.96 21.46 8.54
N ASP B 60 -12.75 21.42 7.47
CA ASP B 60 -14.19 21.21 7.57
C ASP B 60 -14.51 19.75 7.29
N ALA B 61 -14.49 18.91 8.32
CA ALA B 61 -14.76 17.50 8.13
C ALA B 61 -15.84 17.23 7.09
N ILE B 62 -17.01 17.86 7.25
CA ILE B 62 -18.08 17.60 6.29
C ILE B 62 -17.74 17.82 4.83
N CYS B 63 -17.38 19.05 4.48
CA CYS B 63 -17.01 19.35 3.09
C CYS B 63 -15.95 18.35 2.62
N GLY B 64 -14.90 18.16 3.41
CA GLY B 64 -13.83 17.25 3.07
C GLY B 64 -14.23 15.82 2.82
N ILE B 65 -15.20 15.31 3.56
CA ILE B 65 -15.59 13.94 3.32
C ILE B 65 -16.34 13.88 2.02
N TYR B 66 -17.14 14.90 1.72
CA TYR B 66 -17.87 14.83 0.47
C TYR B 66 -17.00 15.25 -0.71
N GLY B 67 -16.43 16.45 -0.63
CA GLY B 67 -15.58 16.92 -1.71
C GLY B 67 -14.60 15.86 -2.19
N THR B 68 -14.04 15.09 -1.24
CA THR B 68 -13.09 14.06 -1.59
C THR B 68 -13.71 13.07 -2.55
N GLN B 69 -15.01 12.82 -2.40
CA GLN B 69 -15.64 11.88 -3.31
C GLN B 69 -15.79 12.53 -4.68
N THR B 70 -16.22 13.79 -4.70
CA THR B 70 -16.37 14.49 -5.97
C THR B 70 -15.00 14.52 -6.64
N ARG B 71 -13.96 14.77 -5.83
CA ARG B 71 -12.61 14.83 -6.34
C ARG B 71 -12.15 13.49 -6.85
N ARG B 72 -12.78 12.42 -6.36
CA ARG B 72 -12.43 11.08 -6.80
C ARG B 72 -13.06 10.79 -8.15
N LEU B 73 -14.31 11.18 -8.34
CA LEU B 73 -15.00 10.93 -9.61
C LEU B 73 -14.38 11.67 -10.78
N ASN B 74 -13.89 12.89 -10.51
CA ASN B 74 -13.27 13.69 -11.55
C ASN B 74 -11.85 13.25 -11.81
N GLY B 75 -11.39 12.29 -11.04
CA GLY B 75 -10.04 11.79 -11.22
C GLY B 75 -8.99 12.82 -10.83
N ASP B 76 -9.40 13.78 -10.01
CA ASP B 76 -8.47 14.81 -9.56
C ASP B 76 -7.48 14.13 -8.62
N VAL B 77 -7.85 12.95 -8.13
CA VAL B 77 -6.99 12.22 -7.21
C VAL B 77 -7.15 10.70 -7.30
N SER B 78 -6.05 9.99 -7.08
CA SER B 78 -6.04 8.54 -7.13
C SER B 78 -7.10 7.93 -6.23
N PRO B 79 -7.78 6.86 -6.67
CA PRO B 79 -8.82 6.23 -5.84
C PRO B 79 -8.17 5.65 -4.58
N GLU B 80 -6.89 5.32 -4.67
CA GLU B 80 -6.17 4.80 -3.52
C GLU B 80 -6.02 5.93 -2.49
N ASP B 81 -5.68 7.13 -2.94
CA ASP B 81 -5.54 8.23 -2.00
C ASP B 81 -6.91 8.70 -1.54
N ALA B 82 -7.86 8.73 -2.45
CA ALA B 82 -9.20 9.17 -2.09
C ALA B 82 -9.72 8.39 -0.90
N GLN B 83 -9.29 7.14 -0.76
CA GLN B 83 -9.72 6.30 0.36
C GLN B 83 -9.04 6.75 1.63
N ARG B 84 -7.73 6.90 1.56
CA ARG B 84 -6.96 7.34 2.72
C ARG B 84 -7.43 8.71 3.09
N LEU B 85 -7.58 9.56 2.08
CA LEU B 85 -8.03 10.94 2.29
C LEU B 85 -9.37 10.93 3.03
N THR B 86 -10.24 9.99 2.69
CA THR B 86 -11.54 9.89 3.34
C THR B 86 -11.35 9.56 4.82
N ALA B 87 -10.62 8.49 5.09
CA ALA B 87 -10.37 8.08 6.46
C ALA B 87 -10.01 9.29 7.27
N HIS B 88 -9.13 10.12 6.72
CA HIS B 88 -8.71 11.31 7.42
C HIS B 88 -9.88 12.15 7.91
N PHE B 89 -10.69 12.63 6.97
CA PHE B 89 -11.86 13.44 7.32
C PHE B 89 -12.83 12.71 8.20
N GLN B 90 -13.25 11.53 7.80
CA GLN B 90 -14.18 10.77 8.62
C GLN B 90 -13.76 10.81 10.10
N SER B 91 -12.47 10.59 10.35
CA SER B 91 -11.93 10.59 11.69
C SER B 91 -12.17 11.90 12.42
N LEU B 92 -12.18 13.02 11.71
CA LEU B 92 -12.39 14.31 12.34
C LEU B 92 -13.63 14.39 13.22
N PHE B 93 -14.70 13.71 12.81
CA PHE B 93 -15.96 13.69 13.55
C PHE B 93 -15.85 13.13 14.97
N CYS B 94 -14.84 12.31 15.21
CA CYS B 94 -14.64 11.68 16.52
C CYS B 94 -14.43 12.55 17.76
N SER B 95 -13.32 13.28 17.80
CA SER B 95 -12.99 14.12 18.95
C SER B 95 -14.10 14.84 19.70
N PRO B 96 -14.82 15.77 19.03
CA PRO B 96 -15.88 16.52 19.71
C PRO B 96 -16.76 15.62 20.53
N HIS B 97 -17.47 14.73 19.85
CA HIS B 97 -18.36 13.82 20.53
C HIS B 97 -17.71 13.04 21.65
N ALA B 98 -16.43 12.72 21.49
CA ALA B 98 -15.68 11.96 22.48
C ALA B 98 -15.29 12.77 23.70
N ILE B 99 -14.76 13.97 23.49
CA ILE B 99 -14.36 14.84 24.60
C ILE B 99 -15.54 14.92 25.55
N MET B 100 -16.71 15.16 24.96
CA MET B 100 -17.97 15.29 25.66
C MET B 100 -18.30 14.01 26.42
N HIS B 101 -18.67 12.98 25.68
CA HIS B 101 -19.01 11.70 26.31
C HIS B 101 -18.04 11.29 27.42
N ALA B 102 -16.75 11.49 27.21
CA ALA B 102 -15.77 11.11 28.22
C ALA B 102 -15.91 11.94 29.49
N LYS B 103 -16.25 13.20 29.34
CA LYS B 103 -16.46 14.08 30.49
C LYS B 103 -17.67 13.59 31.26
N ILE B 104 -18.77 13.43 30.52
CA ILE B 104 -20.02 12.95 31.10
C ILE B 104 -19.85 11.64 31.86
N SER B 105 -19.05 10.72 31.34
CA SER B 105 -18.87 9.46 32.04
C SER B 105 -18.23 9.71 33.40
N ALA B 106 -17.48 10.81 33.50
CA ALA B 106 -16.82 11.16 34.75
C ALA B 106 -17.79 11.70 35.79
N LEU B 107 -18.84 12.37 35.32
CA LEU B 107 -19.82 12.92 36.24
C LEU B 107 -20.89 11.88 36.56
N MET B 108 -20.65 10.63 36.16
CA MET B 108 -21.64 9.59 36.42
C MET B 108 -21.28 8.78 37.67
N ASP B 109 -22.21 8.75 38.62
CA ASP B 109 -22.03 8.04 39.88
C ASP B 109 -22.13 6.52 39.69
N THR B 110 -21.01 5.84 39.88
CA THR B 110 -20.94 4.38 39.74
C THR B 110 -20.81 3.77 41.14
N SER B 111 -21.75 4.12 42.02
CA SER B 111 -21.72 3.60 43.39
C SER B 111 -22.66 2.40 43.51
N THR B 112 -22.21 1.36 44.21
CA THR B 112 -23.01 0.15 44.41
C THR B 112 -23.88 0.28 45.66
N GLU B 121 -40.91 8.51 41.03
CA GLU B 121 -40.71 9.95 40.87
C GLU B 121 -40.00 10.25 39.53
N PRO B 122 -40.32 11.40 38.91
CA PRO B 122 -39.76 11.87 37.63
C PRO B 122 -38.25 12.11 37.57
N TYR B 123 -37.57 11.20 36.87
CA TYR B 123 -36.12 11.21 36.62
C TYR B 123 -35.74 12.19 35.50
N LYS B 124 -34.66 12.92 35.70
CA LYS B 124 -34.20 13.90 34.72
C LYS B 124 -33.57 13.21 33.51
N ILE B 125 -34.15 13.48 32.33
CA ILE B 125 -33.69 12.89 31.09
C ILE B 125 -32.78 13.85 30.33
N MET B 126 -31.57 13.40 30.00
CA MET B 126 -30.65 14.23 29.22
C MET B 126 -30.51 13.59 27.84
N LEU B 127 -31.16 14.22 26.87
CA LEU B 127 -31.17 13.76 25.49
C LEU B 127 -29.93 14.21 24.71
N SER B 128 -29.38 13.32 23.90
CA SER B 128 -28.20 13.67 23.11
C SER B 128 -28.39 13.33 21.64
N ASP B 129 -27.81 14.14 20.77
CA ASP B 129 -27.92 13.93 19.34
C ASP B 129 -26.75 13.08 18.83
N ARG B 130 -27.03 11.80 18.58
CA ARG B 130 -26.02 10.87 18.11
C ARG B 130 -25.07 10.44 19.21
N HIS B 131 -24.65 9.17 19.15
CA HIS B 131 -23.73 8.61 20.13
C HIS B 131 -22.40 8.39 19.43
N PRO B 132 -21.28 8.56 20.16
CA PRO B 132 -19.92 8.39 19.65
C PRO B 132 -19.68 7.23 18.66
N ILE B 133 -20.39 6.12 18.87
CA ILE B 133 -20.23 5.00 17.97
C ILE B 133 -20.60 5.37 16.52
N ALA B 134 -21.33 6.47 16.36
CA ALA B 134 -21.72 6.90 15.03
C ALA B 134 -20.47 7.27 14.25
N SER B 135 -19.55 7.97 14.91
CA SER B 135 -18.30 8.38 14.26
C SER B 135 -17.24 7.31 14.26
N THR B 136 -17.18 6.56 15.35
CA THR B 136 -16.19 5.53 15.49
C THR B 136 -16.56 4.16 14.95
N ILE B 137 -17.83 3.96 14.61
CA ILE B 137 -18.20 2.64 14.10
C ILE B 137 -19.25 2.59 13.01
N CYS B 138 -20.36 3.30 13.16
CA CYS B 138 -21.35 3.23 12.11
C CYS B 138 -20.90 3.82 10.78
N PHE B 139 -20.57 5.12 10.74
CA PHE B 139 -20.14 5.74 9.49
C PHE B 139 -18.87 5.13 8.92
N PRO B 140 -17.77 5.16 9.68
CA PRO B 140 -16.56 4.56 9.08
C PRO B 140 -16.83 3.20 8.43
N LEU B 141 -17.65 2.38 9.07
CA LEU B 141 -17.96 1.07 8.53
C LEU B 141 -18.78 1.17 7.25
N SER B 142 -19.65 2.15 7.19
CA SER B 142 -20.46 2.28 6.01
C SER B 142 -19.54 2.69 4.87
N ARG B 143 -18.61 3.60 5.13
CA ARG B 143 -17.69 4.05 4.09
C ARG B 143 -16.92 2.85 3.53
N TYR B 144 -16.50 1.96 4.42
CA TYR B 144 -15.75 0.81 3.97
C TYR B 144 -16.60 0.00 3.00
N LEU B 145 -17.73 -0.48 3.50
CA LEU B 145 -18.65 -1.29 2.69
C LEU B 145 -18.92 -0.72 1.30
N VAL B 146 -19.08 0.58 1.20
CA VAL B 146 -19.35 1.22 -0.08
C VAL B 146 -18.08 1.36 -0.90
N GLY B 147 -16.93 1.18 -0.25
CA GLY B 147 -15.66 1.27 -0.96
C GLY B 147 -15.05 2.65 -0.95
N ASP B 148 -15.59 3.56 -0.15
CA ASP B 148 -15.03 4.90 -0.11
C ASP B 148 -13.88 5.05 0.88
N MET B 149 -13.68 4.04 1.72
CA MET B 149 -12.62 4.09 2.73
C MET B 149 -11.90 2.77 2.88
N SER B 150 -10.59 2.82 3.16
CA SER B 150 -9.77 1.61 3.34
C SER B 150 -9.87 1.06 4.76
N PRO B 151 -10.06 -0.26 4.90
CA PRO B 151 -10.20 -0.95 6.21
C PRO B 151 -9.12 -0.57 7.23
N ALA B 152 -7.96 -0.18 6.72
CA ALA B 152 -6.82 0.20 7.53
C ALA B 152 -7.18 1.10 8.71
N ALA B 153 -8.26 1.85 8.61
CA ALA B 153 -8.61 2.76 9.70
C ALA B 153 -9.64 2.24 10.64
N LEU B 154 -10.04 0.99 10.49
CA LEU B 154 -11.04 0.46 11.40
C LEU B 154 -10.51 0.16 12.79
N PRO B 155 -9.32 -0.44 12.90
CA PRO B 155 -8.78 -0.75 14.24
C PRO B 155 -8.67 0.49 15.12
N GLY B 156 -8.23 1.57 14.53
CA GLY B 156 -8.08 2.81 15.27
C GLY B 156 -9.39 3.34 15.81
N LEU B 157 -10.52 2.96 15.20
CA LEU B 157 -11.79 3.45 15.67
C LEU B 157 -12.60 2.41 16.43
N LEU B 158 -12.59 1.17 15.94
CA LEU B 158 -13.38 0.11 16.56
C LEU B 158 -12.79 -0.52 17.79
N PHE B 159 -11.49 -0.80 17.75
CA PHE B 159 -10.82 -1.46 18.86
C PHE B 159 -10.34 -0.59 20.03
N THR B 160 -10.34 0.73 19.87
CA THR B 160 -9.89 1.61 20.95
C THR B 160 -11.05 2.25 21.71
N LEU B 161 -12.22 1.64 21.66
CA LEU B 161 -13.36 2.21 22.36
C LEU B 161 -13.21 2.19 23.87
N PRO B 162 -13.65 3.26 24.54
CA PRO B 162 -13.55 3.37 25.99
C PRO B 162 -14.74 2.71 26.67
N ALA B 163 -14.52 2.22 27.90
CA ALA B 163 -15.54 1.56 28.70
C ALA B 163 -16.81 2.41 28.74
N GLU B 164 -17.91 1.82 28.29
CA GLU B 164 -19.18 2.51 28.27
C GLU B 164 -19.84 2.34 29.63
N PRO B 165 -20.25 3.45 30.25
CA PRO B 165 -20.90 3.41 31.56
C PRO B 165 -22.33 2.88 31.44
N PRO B 166 -22.79 2.12 32.44
CA PRO B 166 -24.13 1.54 32.44
C PRO B 166 -25.24 2.55 32.24
N GLY B 167 -26.23 2.18 31.44
CA GLY B 167 -27.35 3.09 31.23
C GLY B 167 -27.42 3.82 29.91
N THR B 168 -26.76 3.31 28.89
CA THR B 168 -26.81 3.97 27.59
C THR B 168 -28.01 3.47 26.80
N ASN B 169 -28.88 4.41 26.45
CA ASN B 169 -30.06 4.07 25.67
C ASN B 169 -29.87 4.60 24.25
N LEU B 170 -29.66 3.66 23.34
CA LEU B 170 -29.45 4.00 21.96
C LEU B 170 -30.81 3.91 21.26
N VAL B 171 -31.25 5.02 20.70
CA VAL B 171 -32.52 5.05 19.98
C VAL B 171 -32.27 5.27 18.50
N VAL B 172 -32.26 4.19 17.72
CA VAL B 172 -32.03 4.27 16.27
C VAL B 172 -33.31 4.71 15.58
N CYS B 173 -33.26 5.87 14.93
CA CYS B 173 -34.43 6.37 14.20
C CYS B 173 -34.49 5.70 12.83
N THR B 174 -35.71 5.49 12.34
CA THR B 174 -35.89 4.85 11.04
C THR B 174 -36.98 5.55 10.24
N VAL B 175 -36.82 5.57 8.92
CA VAL B 175 -37.79 6.21 8.05
C VAL B 175 -37.99 5.28 6.87
N SER B 176 -39.13 5.40 6.18
CA SER B 176 -39.36 4.56 5.01
C SER B 176 -38.32 4.99 3.96
N LEU B 177 -37.95 4.10 3.05
CA LEU B 177 -36.95 4.41 2.03
C LEU B 177 -37.27 5.57 1.09
N PRO B 178 -38.42 5.52 0.37
CA PRO B 178 -38.75 6.61 -0.56
C PRO B 178 -38.90 7.98 0.12
N SER B 179 -39.23 7.98 1.41
CA SER B 179 -39.40 9.20 2.18
C SER B 179 -38.04 9.78 2.61
N HIS B 180 -37.11 8.88 2.90
CA HIS B 180 -35.76 9.23 3.32
C HIS B 180 -35.05 9.96 2.17
N LEU B 181 -35.40 9.59 0.94
CA LEU B 181 -34.79 10.18 -0.24
C LEU B 181 -35.36 11.56 -0.62
N SER B 182 -36.22 12.10 0.24
CA SER B 182 -36.80 13.41 0.01
C SER B 182 -36.41 14.34 1.14
N ARG B 183 -36.16 13.76 2.32
CA ARG B 183 -35.77 14.53 3.50
C ARG B 183 -34.40 15.16 3.27
N VAL B 184 -33.63 14.55 2.39
CA VAL B 184 -32.29 15.05 2.05
C VAL B 184 -32.44 16.03 0.90
N SER B 185 -32.66 15.49 -0.30
CA SER B 185 -32.81 16.30 -1.50
C SER B 185 -34.01 17.24 -1.35
N GLU B 192 -23.18 17.97 1.22
CA GLU B 192 -23.90 16.70 1.21
C GLU B 192 -24.12 16.17 -0.22
N THR B 193 -24.62 14.94 -0.33
CA THR B 193 -24.90 14.30 -1.62
C THR B 193 -25.87 13.11 -1.45
N VAL B 194 -26.82 12.99 -2.37
CA VAL B 194 -27.80 11.90 -2.32
C VAL B 194 -27.48 10.75 -3.28
N ASN B 195 -26.86 9.70 -2.75
CA ASN B 195 -26.51 8.52 -3.54
C ASN B 195 -26.97 7.26 -2.80
N LEU B 196 -27.88 6.52 -3.42
CA LEU B 196 -28.41 5.31 -2.80
C LEU B 196 -27.33 4.48 -2.09
N PRO B 197 -26.36 3.95 -2.86
CA PRO B 197 -25.27 3.14 -2.32
C PRO B 197 -24.90 3.41 -0.86
N PHE B 198 -24.51 4.63 -0.55
CA PHE B 198 -24.14 4.96 0.82
C PHE B 198 -25.32 4.88 1.78
N VAL B 199 -26.43 5.50 1.40
CA VAL B 199 -27.63 5.50 2.24
C VAL B 199 -28.07 4.07 2.50
N MET B 200 -28.39 3.36 1.43
CA MET B 200 -28.82 1.98 1.52
C MET B 200 -27.97 1.23 2.55
N VAL B 201 -26.66 1.46 2.48
CA VAL B 201 -25.73 0.82 3.40
C VAL B 201 -25.89 1.33 4.81
N LEU B 202 -25.82 2.64 4.97
CA LEU B 202 -25.94 3.25 6.28
C LEU B 202 -27.14 2.70 7.03
N ARG B 203 -28.28 2.66 6.36
CA ARG B 203 -29.50 2.16 6.97
C ARG B 203 -29.21 0.74 7.46
N ASN B 204 -28.70 -0.10 6.55
CA ASN B 204 -28.36 -1.48 6.86
C ASN B 204 -27.46 -1.61 8.08
N VAL B 205 -26.32 -0.95 8.05
CA VAL B 205 -25.40 -1.00 9.16
C VAL B 205 -26.11 -0.75 10.50
N TYR B 206 -26.80 0.39 10.62
CA TYR B 206 -27.48 0.68 11.88
C TYR B 206 -28.36 -0.50 12.30
N ILE B 207 -29.08 -1.08 11.36
CA ILE B 207 -29.89 -2.21 11.73
C ILE B 207 -28.98 -3.24 12.37
N MET B 208 -27.89 -3.59 11.68
CA MET B 208 -26.94 -4.56 12.21
C MET B 208 -26.53 -4.16 13.63
N LEU B 209 -26.09 -2.93 13.81
CA LEU B 209 -25.68 -2.46 15.12
C LEU B 209 -26.64 -3.02 16.14
N ILE B 210 -27.91 -2.65 15.99
CA ILE B 210 -28.92 -3.13 16.92
C ILE B 210 -28.83 -4.65 17.09
N ASN B 211 -28.95 -5.39 15.98
CA ASN B 211 -28.87 -6.84 16.09
C ASN B 211 -27.62 -7.27 16.84
N THR B 212 -26.54 -6.51 16.68
CA THR B 212 -25.27 -6.83 17.35
C THR B 212 -25.36 -6.64 18.86
N ILE B 213 -26.04 -5.57 19.26
CA ILE B 213 -26.18 -5.29 20.68
C ILE B 213 -26.94 -6.43 21.32
N ILE B 214 -28.12 -6.74 20.78
CA ILE B 214 -28.94 -7.83 21.29
C ILE B 214 -28.11 -9.11 21.31
N PHE B 215 -27.58 -9.48 20.14
CA PHE B 215 -26.76 -10.67 19.99
C PHE B 215 -25.75 -10.76 21.13
N LEU B 216 -24.98 -9.68 21.31
CA LEU B 216 -23.95 -9.59 22.34
C LEU B 216 -24.47 -9.80 23.77
N LYS B 217 -25.76 -9.56 23.99
CA LYS B 217 -26.35 -9.69 25.31
C LYS B 217 -26.27 -11.12 25.83
N THR B 218 -26.42 -12.08 24.92
CA THR B 218 -26.39 -13.51 25.26
C THR B 218 -25.09 -14.22 24.92
N ASN B 219 -24.69 -14.15 23.64
CA ASN B 219 -23.49 -14.83 23.16
C ASN B 219 -22.25 -13.95 23.05
N ASN B 220 -21.10 -14.62 22.94
CA ASN B 220 -19.81 -13.95 22.80
C ASN B 220 -19.57 -13.71 21.29
N TRP B 221 -18.73 -12.74 20.92
CA TRP B 221 -18.48 -12.49 19.51
C TRP B 221 -17.92 -13.71 18.80
N HIS B 222 -17.20 -14.55 19.53
CA HIS B 222 -16.61 -15.74 18.94
C HIS B 222 -17.63 -16.86 18.76
N ALA B 223 -18.88 -16.52 18.48
CA ALA B 223 -19.91 -17.54 18.28
C ALA B 223 -19.65 -18.27 16.98
N GLY B 224 -20.57 -18.13 16.04
CA GLY B 224 -20.40 -18.80 14.77
C GLY B 224 -19.39 -18.06 13.92
N TRP B 225 -18.32 -17.58 14.55
CA TRP B 225 -17.30 -16.84 13.81
C TRP B 225 -16.74 -17.72 12.72
N ASN B 226 -16.42 -18.97 13.07
CA ASN B 226 -15.87 -19.88 12.09
C ASN B 226 -16.95 -20.43 11.15
N THR B 227 -18.12 -19.81 11.20
CA THR B 227 -19.23 -20.21 10.33
C THR B 227 -19.66 -18.95 9.56
N LEU B 228 -18.97 -17.85 9.86
CA LEU B 228 -19.25 -16.58 9.22
C LEU B 228 -18.42 -16.50 7.97
N SER B 229 -19.06 -16.39 6.81
CA SER B 229 -18.27 -16.28 5.60
C SER B 229 -17.60 -14.93 5.66
N PHE B 230 -16.39 -14.84 5.12
CA PHE B 230 -15.70 -13.57 5.15
C PHE B 230 -16.54 -12.53 4.42
N CYS B 231 -16.17 -11.27 4.55
CA CYS B 231 -16.90 -10.19 3.89
C CYS B 231 -16.39 -10.09 2.44
N ASN B 232 -17.29 -10.30 1.48
CA ASN B 232 -16.93 -10.27 0.07
C ASN B 232 -17.67 -9.16 -0.67
N ASP B 233 -17.28 -8.93 -1.92
CA ASP B 233 -17.90 -7.90 -2.73
C ASP B 233 -19.37 -8.19 -2.99
N VAL B 234 -19.71 -9.47 -3.08
CA VAL B 234 -21.09 -9.88 -3.31
C VAL B 234 -21.94 -9.36 -2.15
N PHE B 235 -21.44 -9.57 -0.94
CA PHE B 235 -22.11 -9.15 0.27
C PHE B 235 -22.29 -7.65 0.20
N LYS B 236 -21.20 -6.94 0.00
CA LYS B 236 -21.25 -5.48 -0.07
C LYS B 236 -22.29 -5.01 -1.10
N GLN B 237 -22.35 -5.72 -2.23
CA GLN B 237 -23.30 -5.39 -3.29
C GLN B 237 -24.74 -5.38 -2.79
N LYS B 238 -25.15 -6.43 -2.08
CA LYS B 238 -26.51 -6.47 -1.56
C LYS B 238 -26.74 -5.27 -0.64
N LEU B 239 -25.78 -5.00 0.25
CA LEU B 239 -25.89 -3.92 1.20
C LEU B 239 -26.09 -2.55 0.59
N GLN B 240 -25.73 -2.41 -0.69
CA GLN B 240 -25.89 -1.14 -1.40
C GLN B 240 -27.18 -1.08 -2.23
N LYS B 241 -27.89 -2.21 -2.31
CA LYS B 241 -29.10 -2.27 -3.10
C LYS B 241 -30.43 -2.58 -2.40
N SER B 242 -30.50 -3.70 -1.71
CA SER B 242 -31.78 -4.10 -1.11
C SER B 242 -32.16 -3.76 0.32
N GLU B 243 -31.27 -3.18 1.11
CA GLU B 243 -31.67 -2.90 2.49
C GLU B 243 -32.11 -4.22 3.09
N CYS B 244 -31.36 -5.28 2.80
CA CYS B 244 -31.66 -6.61 3.31
C CYS B 244 -31.67 -6.66 4.83
N ILE B 245 -30.51 -6.89 5.42
CA ILE B 245 -30.36 -6.96 6.88
C ILE B 245 -31.64 -6.62 7.64
N LYS B 246 -32.35 -7.65 8.09
CA LYS B 246 -33.59 -7.41 8.81
C LYS B 246 -33.45 -7.54 10.32
N LEU B 247 -34.07 -6.60 11.02
CA LEU B 247 -34.06 -6.56 12.47
C LEU B 247 -34.83 -7.77 12.99
N ARG B 248 -34.20 -8.62 13.80
CA ARG B 248 -34.89 -9.80 14.28
C ARG B 248 -34.79 -10.19 15.76
N GLU B 249 -35.92 -10.66 16.29
CA GLU B 249 -36.11 -11.09 17.68
C GLU B 249 -34.85 -11.68 18.30
N VAL B 250 -34.40 -12.81 17.77
CA VAL B 250 -33.18 -13.42 18.28
C VAL B 250 -32.18 -13.43 17.14
N PRO B 251 -31.27 -12.45 17.14
CA PRO B 251 -30.23 -12.27 16.13
C PRO B 251 -29.19 -13.37 16.17
N GLY B 252 -28.63 -13.64 14.99
CA GLY B 252 -27.59 -14.65 14.88
C GLY B 252 -26.36 -13.95 14.38
N ILE B 253 -25.19 -14.57 14.56
CA ILE B 253 -23.93 -13.95 14.14
C ILE B 253 -24.00 -13.24 12.79
N GLU B 254 -24.66 -13.84 11.80
CA GLU B 254 -24.75 -13.24 10.47
C GLU B 254 -25.71 -12.06 10.33
N ASP B 255 -26.41 -11.69 11.39
CA ASP B 255 -27.34 -10.58 11.32
C ASP B 255 -26.73 -9.37 12.00
N THR B 256 -25.51 -9.55 12.51
CA THR B 256 -24.80 -8.49 13.21
C THR B 256 -23.78 -7.72 12.40
N LEU B 257 -22.89 -7.04 13.11
CA LEU B 257 -21.82 -6.25 12.51
C LEU B 257 -20.59 -7.12 12.35
N PHE B 258 -20.57 -8.24 13.07
CA PHE B 258 -19.46 -9.15 13.00
C PHE B 258 -19.41 -9.76 11.61
N ALA B 259 -20.53 -9.67 10.90
CA ALA B 259 -20.62 -10.17 9.54
C ALA B 259 -19.77 -9.30 8.65
N VAL B 260 -19.60 -8.05 9.06
CA VAL B 260 -18.85 -7.06 8.33
C VAL B 260 -17.44 -6.94 8.89
N LEU B 261 -17.19 -7.51 10.05
CA LEU B 261 -15.86 -7.40 10.64
C LEU B 261 -14.95 -8.57 10.33
N LYS B 262 -15.52 -9.66 9.83
CA LYS B 262 -14.73 -10.82 9.44
C LYS B 262 -13.99 -10.41 8.15
N LEU B 263 -12.84 -9.77 8.29
CA LEU B 263 -12.08 -9.33 7.14
C LEU B 263 -10.72 -9.99 7.02
N PRO B 264 -10.35 -10.44 5.81
CA PRO B 264 -9.05 -11.11 5.56
C PRO B 264 -7.89 -10.23 6.02
N GLU B 265 -8.09 -8.92 5.94
CA GLU B 265 -7.07 -7.97 6.33
C GLU B 265 -6.82 -7.99 7.83
N LEU B 266 -7.70 -8.65 8.58
CA LEU B 266 -7.56 -8.72 10.04
C LEU B 266 -7.17 -10.11 10.49
N CYS B 267 -7.20 -11.06 9.56
CA CYS B 267 -6.86 -12.44 9.86
C CYS B 267 -5.50 -12.81 9.30
N GLY B 268 -4.94 -13.91 9.78
CA GLY B 268 -3.64 -14.33 9.31
C GLY B 268 -3.71 -15.37 8.23
N GLU B 269 -2.58 -16.02 7.98
CA GLU B 269 -2.46 -17.06 6.97
C GLU B 269 -3.58 -18.08 7.08
N PHE B 270 -3.61 -18.78 8.21
CA PHE B 270 -4.59 -19.82 8.46
C PHE B 270 -6.02 -19.32 8.47
N GLY B 271 -6.20 -18.01 8.51
CA GLY B 271 -7.55 -17.48 8.52
C GLY B 271 -8.11 -17.23 9.92
N ASN B 272 -7.21 -16.93 10.86
CA ASN B 272 -7.61 -16.65 12.23
C ASN B 272 -7.45 -15.16 12.43
N ILE B 273 -8.35 -14.55 13.19
CA ILE B 273 -8.27 -13.12 13.44
C ILE B 273 -7.05 -12.87 14.34
N LEU B 274 -6.11 -12.03 13.87
CA LEU B 274 -4.89 -11.75 14.61
C LEU B 274 -5.13 -11.32 16.05
N PRO B 275 -4.25 -11.80 16.96
CA PRO B 275 -4.28 -11.54 18.40
C PRO B 275 -4.81 -10.19 18.82
N LEU B 276 -4.04 -9.13 18.60
CA LEU B 276 -4.48 -7.82 19.01
C LEU B 276 -5.90 -7.55 18.56
N TRP B 277 -6.16 -7.69 17.27
CA TRP B 277 -7.49 -7.45 16.72
C TRP B 277 -8.55 -8.22 17.53
N ALA B 278 -8.17 -9.36 18.06
CA ALA B 278 -9.12 -10.11 18.85
C ALA B 278 -9.42 -9.29 20.08
N TRP B 279 -8.39 -9.05 20.88
CA TRP B 279 -8.56 -8.26 22.09
C TRP B 279 -9.46 -7.09 21.76
N GLY B 280 -9.26 -6.51 20.57
CA GLY B 280 -10.07 -5.37 20.15
C GLY B 280 -11.54 -5.74 20.10
N MET B 281 -11.86 -6.82 19.39
CA MET B 281 -13.24 -7.26 19.29
C MET B 281 -13.84 -7.26 20.69
N GLU B 282 -13.07 -7.77 21.63
CA GLU B 282 -13.48 -7.86 23.02
C GLU B 282 -14.01 -6.52 23.53
N THR B 283 -13.19 -5.48 23.50
CA THR B 283 -13.59 -4.17 23.97
C THR B 283 -14.77 -3.62 23.17
N LEU B 284 -14.75 -3.87 21.86
CA LEU B 284 -15.85 -3.40 21.01
C LEU B 284 -17.15 -4.05 21.47
N SER B 285 -17.04 -5.33 21.83
CA SER B 285 -18.20 -6.05 22.32
C SER B 285 -18.60 -5.44 23.67
N ASN B 286 -17.62 -5.34 24.57
CA ASN B 286 -17.82 -4.76 25.89
C ASN B 286 -18.68 -3.50 25.84
N CYS B 287 -18.37 -2.62 24.91
CA CYS B 287 -19.10 -1.37 24.72
C CYS B 287 -20.56 -1.61 24.27
N LEU B 288 -20.71 -2.06 23.03
CA LEU B 288 -22.02 -2.34 22.45
C LEU B 288 -22.97 -3.13 23.35
N ARG B 289 -22.45 -4.11 24.07
CA ARG B 289 -23.26 -4.94 24.94
C ARG B 289 -23.92 -4.19 26.10
N SER B 290 -23.27 -3.13 26.57
CA SER B 290 -23.81 -2.36 27.67
C SER B 290 -25.09 -1.67 27.28
N MET B 291 -25.17 -1.31 26.01
CA MET B 291 -26.31 -0.58 25.48
C MET B 291 -27.71 -1.19 25.45
N SER B 292 -28.70 -0.33 25.63
CA SER B 292 -30.10 -0.72 25.64
C SER B 292 -30.70 -0.15 24.36
N PRO B 293 -30.86 -1.00 23.35
CA PRO B 293 -31.39 -0.66 22.03
C PRO B 293 -32.89 -0.42 21.91
N PHE B 294 -33.23 0.66 21.20
CA PHE B 294 -34.61 1.01 20.94
C PHE B 294 -34.73 1.58 19.55
N VAL B 295 -35.83 1.25 18.87
CA VAL B 295 -36.08 1.74 17.52
C VAL B 295 -37.26 2.70 17.51
N LEU B 296 -37.06 3.87 16.92
CA LEU B 296 -38.10 4.89 16.85
C LEU B 296 -38.34 5.31 15.40
N SER B 297 -39.60 5.18 14.97
CA SER B 297 -39.97 5.53 13.60
C SER B 297 -40.27 7.01 13.43
N LEU B 298 -39.61 7.66 12.48
CA LEU B 298 -39.84 9.07 12.22
C LEU B 298 -40.71 9.23 10.99
N GLU B 299 -41.49 8.20 10.69
CA GLU B 299 -42.38 8.22 9.53
C GLU B 299 -43.74 8.78 9.92
N GLN B 300 -43.75 10.06 10.27
CA GLN B 300 -44.98 10.75 10.67
C GLN B 300 -44.67 12.15 11.19
N THR B 301 -45.71 12.86 11.64
CA THR B 301 -45.55 14.21 12.17
C THR B 301 -44.65 14.19 13.40
N PRO B 302 -43.73 15.17 13.50
CA PRO B 302 -42.81 15.25 14.64
C PRO B 302 -43.53 15.04 15.96
N GLN B 303 -44.79 15.46 16.03
CA GLN B 303 -45.59 15.29 17.24
C GLN B 303 -45.62 13.82 17.64
N HIS B 304 -46.03 12.97 16.70
CA HIS B 304 -46.10 11.54 16.98
C HIS B 304 -44.74 10.98 17.35
N ALA B 305 -43.75 11.22 16.50
CA ALA B 305 -42.40 10.73 16.73
C ALA B 305 -42.01 10.92 18.19
N ALA B 306 -42.21 12.13 18.68
CA ALA B 306 -41.86 12.46 20.06
C ALA B 306 -42.78 11.77 21.07
N GLN B 307 -44.06 11.72 20.75
CA GLN B 307 -45.00 11.07 21.66
C GLN B 307 -44.60 9.61 21.83
N GLU B 308 -44.27 8.97 20.71
CA GLU B 308 -43.85 7.58 20.75
C GLU B 308 -42.64 7.45 21.68
N LEU B 309 -41.61 8.27 21.43
CA LEU B 309 -40.41 8.25 22.26
C LEU B 309 -40.76 8.32 23.74
N LYS B 310 -41.83 9.04 24.06
CA LYS B 310 -42.25 9.16 25.46
C LYS B 310 -42.70 7.82 26.03
N THR B 311 -43.45 7.08 25.23
CA THR B 311 -43.95 5.80 25.67
C THR B 311 -42.82 4.83 26.03
N LEU B 312 -41.64 5.11 25.49
CA LEU B 312 -40.44 4.28 25.71
C LEU B 312 -39.67 4.60 26.98
N LEU B 313 -39.78 5.84 27.46
CA LEU B 313 -39.08 6.29 28.65
C LEU B 313 -39.09 5.28 29.79
N PRO B 314 -40.27 4.67 30.05
CA PRO B 314 -40.37 3.68 31.12
C PRO B 314 -39.62 2.35 30.86
N GLN B 315 -39.27 2.07 29.60
CA GLN B 315 -38.57 0.84 29.24
C GLN B 315 -37.04 1.00 29.28
N MET B 316 -36.58 2.24 29.24
CA MET B 316 -35.16 2.52 29.23
C MET B 316 -34.45 2.29 30.55
N THR B 317 -33.16 2.00 30.46
CA THR B 317 -32.34 1.76 31.63
C THR B 317 -31.84 3.08 32.19
N PRO B 318 -32.09 3.34 33.48
CA PRO B 318 -31.67 4.58 34.16
C PRO B 318 -30.32 4.48 34.86
N ALA B 319 -29.64 5.62 35.02
CA ALA B 319 -28.35 5.65 35.69
C ALA B 319 -28.42 6.64 36.83
N ASN B 320 -27.47 6.56 37.74
CA ASN B 320 -27.47 7.46 38.89
C ASN B 320 -26.35 8.49 38.84
N MET B 321 -26.66 9.72 39.23
CA MET B 321 -25.67 10.79 39.25
C MET B 321 -25.96 11.84 40.31
N SER B 322 -24.88 12.46 40.81
CA SER B 322 -24.96 13.49 41.83
C SER B 322 -25.90 14.61 41.39
N SER B 323 -26.82 15.00 42.28
CA SER B 323 -27.74 16.08 41.96
C SER B 323 -26.86 17.27 41.57
N GLY B 324 -25.80 17.49 42.37
CA GLY B 324 -24.88 18.58 42.09
C GLY B 324 -24.31 18.52 40.69
N ALA B 325 -23.80 17.35 40.31
CA ALA B 325 -23.22 17.14 38.99
C ALA B 325 -24.17 17.54 37.85
N TRP B 326 -25.43 17.09 37.95
CA TRP B 326 -26.40 17.42 36.93
C TRP B 326 -26.38 18.93 36.66
N ASN B 327 -26.36 19.72 37.73
CA ASN B 327 -26.34 21.18 37.60
C ASN B 327 -25.07 21.63 36.90
N ILE B 328 -23.98 20.92 37.19
CA ILE B 328 -22.70 21.22 36.57
C ILE B 328 -22.82 20.87 35.09
N LEU B 329 -23.04 19.59 34.82
CA LEU B 329 -23.20 19.11 33.47
C LEU B 329 -23.96 20.12 32.63
N LYS B 330 -25.12 20.55 33.14
CA LYS B 330 -25.98 21.52 32.46
C LYS B 330 -25.20 22.75 32.04
N GLU B 331 -24.43 23.29 32.98
CA GLU B 331 -23.63 24.48 32.73
C GLU B 331 -22.61 24.24 31.62
N LEU B 332 -21.92 23.12 31.70
CA LEU B 332 -20.93 22.78 30.70
C LEU B 332 -21.61 22.65 29.35
N VAL B 333 -22.69 21.88 29.32
CA VAL B 333 -23.41 21.68 28.08
C VAL B 333 -23.84 23.01 27.50
N ASN B 334 -24.28 23.91 28.37
CA ASN B 334 -24.70 25.22 27.93
C ASN B 334 -23.48 26.05 27.52
N ALA B 335 -22.36 25.80 28.18
CA ALA B 335 -21.13 26.53 27.90
C ALA B 335 -20.56 26.25 26.51
N VAL B 336 -20.82 25.06 25.98
CA VAL B 336 -20.29 24.68 24.67
C VAL B 336 -21.35 24.66 23.57
N GLN B 337 -22.62 24.55 23.97
CA GLN B 337 -23.68 24.54 23.00
C GLN B 337 -24.16 25.94 22.67
N ASP B 338 -23.31 26.92 22.96
CA ASP B 338 -23.59 28.32 22.62
C ASP B 338 -22.97 28.59 21.24
N LYS C 9 13.19 -13.41 -52.42
CA LYS C 9 12.40 -12.33 -51.75
C LYS C 9 10.90 -12.51 -52.01
N MET C 10 10.32 -13.51 -51.33
CA MET C 10 8.90 -13.81 -51.45
C MET C 10 8.09 -13.07 -50.38
N GLY C 11 6.86 -12.69 -50.74
CA GLY C 11 6.01 -11.97 -49.80
C GLY C 11 5.06 -12.86 -49.01
N VAL C 12 5.13 -12.74 -47.68
CA VAL C 12 4.26 -13.50 -46.77
C VAL C 12 3.10 -12.65 -46.26
N LEU C 13 2.18 -13.28 -45.54
CA LEU C 13 1.03 -12.57 -45.01
C LEU C 13 0.83 -12.87 -43.52
N ARG C 14 1.38 -12.01 -42.66
CA ARG C 14 1.26 -12.21 -41.23
C ARG C 14 -0.14 -11.86 -40.73
N ILE C 15 -0.84 -12.86 -40.23
CA ILE C 15 -2.19 -12.66 -39.74
C ILE C 15 -2.37 -13.20 -38.33
N TYR C 16 -2.63 -12.27 -37.41
CA TYR C 16 -2.85 -12.59 -36.01
C TYR C 16 -4.36 -12.53 -35.73
N LEU C 17 -4.88 -13.62 -35.21
CA LEU C 17 -6.30 -13.76 -34.94
C LEU C 17 -6.58 -13.64 -33.45
N ASP C 18 -7.22 -12.55 -33.05
CA ASP C 18 -7.54 -12.32 -31.64
C ASP C 18 -9.02 -12.15 -31.33
N GLY C 19 -9.29 -11.56 -30.16
CA GLY C 19 -10.65 -11.33 -29.71
C GLY C 19 -10.84 -11.96 -28.32
N ALA C 20 -12.10 -12.09 -27.89
CA ALA C 20 -12.41 -12.68 -26.59
C ALA C 20 -12.07 -14.17 -26.53
N TYR C 21 -12.28 -14.79 -25.37
CA TYR C 21 -11.99 -16.22 -25.24
C TYR C 21 -13.25 -17.09 -25.25
N GLY C 22 -13.08 -18.36 -25.60
CA GLY C 22 -14.22 -19.27 -25.65
C GLY C 22 -15.10 -19.03 -26.85
N ILE C 23 -14.90 -17.88 -27.52
CA ILE C 23 -15.68 -17.52 -28.70
C ILE C 23 -15.59 -18.55 -29.84
N GLY C 24 -14.47 -19.24 -29.94
CA GLY C 24 -14.31 -20.24 -30.99
C GLY C 24 -13.35 -19.81 -32.08
N LYS C 25 -12.44 -18.90 -31.77
CA LYS C 25 -11.48 -18.43 -32.75
C LYS C 25 -10.39 -19.44 -33.07
N THR C 26 -10.47 -20.62 -32.47
CA THR C 26 -9.47 -21.64 -32.73
C THR C 26 -10.05 -22.73 -33.63
N THR C 27 -11.25 -23.20 -33.32
CA THR C 27 -11.86 -24.24 -34.15
C THR C 27 -12.28 -23.61 -35.48
N ALA C 28 -12.25 -22.28 -35.53
CA ALA C 28 -12.62 -21.56 -36.74
C ALA C 28 -11.35 -21.11 -37.46
N ALA C 29 -10.22 -21.19 -36.76
CA ALA C 29 -8.94 -20.79 -37.35
C ALA C 29 -8.31 -22.04 -37.92
N GLU C 30 -8.78 -23.19 -37.47
CA GLU C 30 -8.27 -24.46 -37.95
C GLU C 30 -9.06 -24.84 -39.21
N GLU C 31 -10.38 -24.68 -39.16
CA GLU C 31 -11.22 -25.02 -40.30
C GLU C 31 -10.82 -24.18 -41.50
N PHE C 32 -9.93 -23.21 -41.27
CA PHE C 32 -9.47 -22.37 -42.35
C PHE C 32 -8.18 -22.94 -42.91
N LEU C 33 -7.52 -23.75 -42.10
CA LEU C 33 -6.27 -24.38 -42.50
C LEU C 33 -6.49 -25.68 -43.26
N HIS C 34 -7.26 -26.57 -42.65
CA HIS C 34 -7.56 -27.87 -43.24
C HIS C 34 -8.40 -27.71 -44.49
N HIS C 35 -8.83 -26.48 -44.76
CA HIS C 35 -9.69 -26.18 -45.90
C HIS C 35 -9.03 -25.36 -47.02
N PHE C 36 -7.86 -24.78 -46.76
CA PHE C 36 -7.21 -23.97 -47.80
C PHE C 36 -5.70 -24.22 -47.92
N ALA C 37 -5.25 -25.29 -47.27
CA ALA C 37 -3.86 -25.72 -47.27
C ALA C 37 -3.73 -26.89 -48.24
N ILE C 38 -4.48 -26.81 -49.34
CA ILE C 38 -4.48 -27.84 -50.37
C ILE C 38 -3.02 -28.07 -50.77
N THR C 39 -2.30 -26.96 -50.88
CA THR C 39 -0.88 -26.99 -51.20
C THR C 39 -0.16 -26.73 -49.85
N PRO C 40 0.42 -27.79 -49.24
CA PRO C 40 1.14 -27.79 -47.96
C PRO C 40 1.98 -26.58 -47.57
N ASN C 41 2.90 -26.20 -48.46
CA ASN C 41 3.77 -25.07 -48.18
C ASN C 41 3.18 -23.70 -48.46
N ARG C 42 1.86 -23.56 -48.43
CA ARG C 42 1.27 -22.26 -48.68
C ARG C 42 0.76 -21.60 -47.40
N ILE C 43 0.71 -22.35 -46.31
CA ILE C 43 0.20 -21.80 -45.06
C ILE C 43 0.83 -22.42 -43.82
N LEU C 44 1.11 -21.58 -42.83
CA LEU C 44 1.73 -22.03 -41.59
C LEU C 44 0.94 -21.58 -40.37
N LEU C 45 0.52 -22.51 -39.53
CA LEU C 45 -0.25 -22.15 -38.34
C LEU C 45 0.53 -22.24 -37.04
N ILE C 46 0.25 -21.30 -36.15
CA ILE C 46 0.93 -21.27 -34.87
C ILE C 46 -0.15 -21.18 -33.83
N GLY C 47 -0.33 -22.26 -33.05
CA GLY C 47 -1.36 -22.26 -32.03
C GLY C 47 -0.95 -21.72 -30.66
N GLU C 48 -1.95 -21.33 -29.86
CA GLU C 48 -1.68 -20.83 -28.51
C GLU C 48 -0.80 -21.85 -27.79
N PRO C 49 0.23 -21.39 -27.09
CA PRO C 49 1.14 -22.29 -26.37
C PRO C 49 0.65 -22.74 -24.98
N LEU C 50 -0.51 -23.40 -24.92
CA LEU C 50 -1.07 -23.84 -23.65
C LEU C 50 -0.04 -24.63 -22.85
N SER C 51 0.68 -25.50 -23.55
CA SER C 51 1.69 -26.32 -22.89
C SER C 51 2.63 -25.51 -22.00
N TYR C 52 2.90 -24.25 -22.34
CA TYR C 52 3.78 -23.43 -21.49
C TYR C 52 2.98 -22.69 -20.44
N TRP C 53 1.78 -22.24 -20.79
CA TRP C 53 0.95 -21.55 -19.84
C TRP C 53 0.58 -22.47 -18.70
N ARG C 54 0.27 -23.73 -19.02
CA ARG C 54 -0.11 -24.68 -17.98
C ARG C 54 1.06 -25.27 -17.24
N ASN C 55 2.25 -24.75 -17.50
CA ASN C 55 3.43 -25.20 -16.80
C ASN C 55 4.55 -24.24 -17.07
N LEU C 56 4.29 -22.96 -16.80
CA LEU C 56 5.31 -21.97 -17.05
C LEU C 56 6.27 -21.91 -15.89
N ALA C 57 7.41 -22.57 -16.06
CA ALA C 57 8.43 -22.58 -15.03
C ALA C 57 7.85 -22.97 -13.66
N GLY C 58 6.89 -23.89 -13.66
CA GLY C 58 6.33 -24.32 -12.40
C GLY C 58 4.89 -23.99 -12.06
N GLU C 59 4.40 -22.83 -12.49
CA GLU C 59 3.03 -22.46 -12.17
C GLU C 59 2.10 -22.52 -13.38
N ASP C 60 0.82 -22.75 -13.13
CA ASP C 60 -0.19 -22.84 -14.19
C ASP C 60 -0.93 -21.51 -14.32
N ALA C 61 -0.38 -20.60 -15.10
CA ALA C 61 -0.98 -19.30 -15.27
C ALA C 61 -2.49 -19.35 -15.27
N ILE C 62 -3.08 -20.20 -16.10
CA ILE C 62 -4.54 -20.24 -16.15
C ILE C 62 -5.23 -20.51 -14.82
N CYS C 63 -4.95 -21.65 -14.21
CA CYS C 63 -5.57 -21.98 -12.92
C CYS C 63 -5.36 -20.82 -11.95
N GLY C 64 -4.12 -20.37 -11.85
CA GLY C 64 -3.75 -19.28 -10.96
C GLY C 64 -4.52 -17.99 -11.14
N ILE C 65 -4.83 -17.64 -12.38
CA ILE C 65 -5.56 -16.40 -12.60
C ILE C 65 -6.99 -16.60 -12.16
N TYR C 66 -7.54 -17.78 -12.37
CA TYR C 66 -8.92 -17.96 -11.95
C TYR C 66 -8.99 -18.29 -10.47
N GLY C 67 -8.26 -19.32 -10.05
CA GLY C 67 -8.28 -19.69 -8.65
C GLY C 67 -8.15 -18.48 -7.72
N THR C 68 -7.28 -17.56 -8.09
CA THR C 68 -7.06 -16.37 -7.30
C THR C 68 -8.34 -15.61 -7.10
N GLN C 69 -9.22 -15.63 -8.09
CA GLN C 69 -10.46 -14.91 -7.91
C GLN C 69 -11.36 -15.69 -6.97
N THR C 70 -11.40 -17.02 -7.14
CA THR C 70 -12.22 -17.83 -6.26
C THR C 70 -11.69 -17.64 -4.84
N ARG C 71 -10.37 -17.61 -4.71
CA ARG C 71 -9.74 -17.43 -3.41
C ARG C 71 -10.04 -16.05 -2.84
N ARG C 72 -10.38 -15.11 -3.71
CA ARG C 72 -10.70 -13.78 -3.25
C ARG C 72 -12.12 -13.72 -2.69
N LEU C 73 -13.05 -14.37 -3.38
CA LEU C 73 -14.45 -14.39 -2.93
C LEU C 73 -14.65 -15.07 -1.58
N ASN C 74 -13.89 -16.14 -1.37
CA ASN C 74 -13.99 -16.88 -0.12
C ASN C 74 -13.26 -16.15 0.99
N GLY C 75 -12.59 -15.07 0.64
CA GLY C 75 -11.87 -14.33 1.65
C GLY C 75 -10.64 -15.08 2.14
N ASP C 76 -10.18 -16.04 1.34
CA ASP C 76 -9.01 -16.80 1.73
C ASP C 76 -7.81 -15.88 1.66
N VAL C 77 -7.98 -14.76 0.95
CA VAL C 77 -6.90 -13.78 0.79
C VAL C 77 -7.37 -12.34 0.62
N SER C 78 -6.61 -11.43 1.16
CA SER C 78 -6.92 -10.00 1.09
C SER C 78 -7.18 -9.55 -0.34
N PRO C 79 -8.19 -8.70 -0.55
CA PRO C 79 -8.49 -8.22 -1.90
C PRO C 79 -7.29 -7.44 -2.44
N GLU C 80 -6.53 -6.85 -1.54
CA GLU C 80 -5.34 -6.09 -1.94
C GLU C 80 -4.31 -7.09 -2.50
N ASP C 81 -4.16 -8.24 -1.87
CA ASP C 81 -3.18 -9.19 -2.37
C ASP C 81 -3.74 -9.88 -3.59
N ALA C 82 -5.02 -10.19 -3.54
CA ALA C 82 -5.64 -10.86 -4.67
C ALA C 82 -5.36 -10.11 -5.97
N GLN C 83 -5.23 -8.78 -5.88
CA GLN C 83 -4.96 -7.99 -7.07
C GLN C 83 -3.53 -8.17 -7.52
N ARG C 84 -2.60 -8.07 -6.57
CA ARG C 84 -1.20 -8.23 -6.88
C ARG C 84 -0.99 -9.65 -7.36
N LEU C 85 -1.61 -10.59 -6.66
CA LEU C 85 -1.51 -11.99 -6.99
C LEU C 85 -1.96 -12.21 -8.44
N THR C 86 -3.01 -11.51 -8.85
CA THR C 86 -3.50 -11.63 -10.22
C THR C 86 -2.42 -11.14 -11.20
N ALA C 87 -1.94 -9.92 -10.98
CA ALA C 87 -0.91 -9.36 -11.84
C ALA C 87 0.12 -10.40 -12.09
N HIS C 88 0.59 -11.04 -11.04
CA HIS C 88 1.60 -12.07 -11.18
C HIS C 88 1.23 -13.06 -12.25
N PHE C 89 0.13 -13.79 -12.05
CA PHE C 89 -0.31 -14.78 -13.02
C PHE C 89 -0.54 -14.21 -14.42
N GLN C 90 -1.37 -13.18 -14.51
CA GLN C 90 -1.62 -12.56 -15.80
C GLN C 90 -0.32 -12.39 -16.58
N SER C 91 0.72 -11.93 -15.90
CA SER C 91 2.01 -11.70 -16.53
C SER C 91 2.60 -12.95 -17.13
N LEU C 92 2.35 -14.09 -16.50
CA LEU C 92 2.89 -15.36 -17.01
C LEU C 92 2.64 -15.62 -18.51
N PHE C 93 1.46 -15.23 -18.98
CA PHE C 93 1.06 -15.41 -20.38
C PHE C 93 2.00 -14.73 -21.40
N CYS C 94 2.67 -13.66 -20.96
CA CYS C 94 3.57 -12.90 -21.82
C CYS C 94 4.74 -13.61 -22.51
N SER C 95 5.69 -14.12 -21.74
CA SER C 95 6.88 -14.76 -22.29
C SER C 95 6.74 -15.64 -23.53
N PRO C 96 5.98 -16.74 -23.44
CA PRO C 96 5.83 -17.63 -24.60
C PRO C 96 5.58 -16.86 -25.89
N HIS C 97 4.42 -16.23 -25.96
CA HIS C 97 4.07 -15.46 -27.13
C HIS C 97 5.14 -14.48 -27.57
N ALA C 98 5.86 -13.92 -26.61
CA ALA C 98 6.91 -12.93 -26.87
C ALA C 98 8.19 -13.54 -27.42
N ILE C 99 8.66 -14.63 -26.82
CA ILE C 99 9.88 -15.29 -27.32
C ILE C 99 9.70 -15.55 -28.81
N MET C 100 8.53 -16.09 -29.14
CA MET C 100 8.12 -16.41 -30.49
C MET C 100 8.13 -15.16 -31.37
N HIS C 101 7.16 -14.28 -31.17
CA HIS C 101 7.06 -13.05 -31.95
C HIS C 101 8.42 -12.35 -32.15
N ALA C 102 9.23 -12.28 -31.10
CA ALA C 102 10.53 -11.64 -31.20
C ALA C 102 11.47 -12.39 -32.16
N LYS C 103 11.38 -13.71 -32.19
CA LYS C 103 12.20 -14.52 -33.10
C LYS C 103 11.75 -14.23 -34.52
N ILE C 104 10.44 -14.35 -34.75
CA ILE C 104 9.84 -14.10 -36.04
C ILE C 104 10.20 -12.72 -36.61
N SER C 105 10.24 -11.70 -35.76
CA SER C 105 10.58 -10.38 -36.26
C SER C 105 12.00 -10.38 -36.81
N ALA C 106 12.84 -11.27 -36.29
CA ALA C 106 14.23 -11.37 -36.72
C ALA C 106 14.35 -12.03 -38.10
N LEU C 107 13.42 -12.93 -38.40
CA LEU C 107 13.43 -13.61 -39.69
C LEU C 107 12.68 -12.79 -40.73
N MET C 108 12.33 -11.55 -40.38
CA MET C 108 11.59 -10.72 -41.32
C MET C 108 12.52 -9.76 -42.06
N ASP C 109 12.51 -9.85 -43.38
CA ASP C 109 13.34 -9.01 -44.24
C ASP C 109 12.83 -7.58 -44.29
N THR C 110 13.62 -6.67 -43.74
CA THR C 110 13.28 -5.25 -43.71
C THR C 110 14.15 -4.50 -44.73
N PRO C 122 0.37 -16.45 -55.72
CA PRO C 122 -0.08 -16.20 -54.34
C PRO C 122 0.98 -16.35 -53.25
N TYR C 123 0.91 -15.42 -52.29
CA TYR C 123 1.77 -15.24 -51.11
C TYR C 123 1.50 -16.23 -49.95
N LYS C 124 2.57 -16.69 -49.29
CA LYS C 124 2.43 -17.62 -48.18
C LYS C 124 1.90 -16.92 -46.94
N ILE C 125 0.77 -17.42 -46.44
CA ILE C 125 0.12 -16.86 -45.26
C ILE C 125 0.45 -17.66 -44.01
N MET C 126 0.99 -16.99 -42.99
CA MET C 126 1.29 -17.66 -41.73
C MET C 126 0.32 -17.14 -40.66
N LEU C 127 -0.65 -17.97 -40.34
CA LEU C 127 -1.68 -17.63 -39.38
C LEU C 127 -1.23 -17.87 -37.95
N SER C 128 -1.58 -16.96 -37.05
CA SER C 128 -1.20 -17.13 -35.64
C SER C 128 -2.40 -16.94 -34.71
N ASP C 129 -2.41 -17.69 -33.62
CA ASP C 129 -3.50 -17.62 -32.65
C ASP C 129 -3.18 -16.59 -31.58
N ARG C 130 -3.83 -15.44 -31.66
CA ARG C 130 -3.61 -14.35 -30.71
C ARG C 130 -2.29 -13.64 -30.92
N HIS C 131 -2.29 -12.32 -30.70
CA HIS C 131 -1.09 -11.50 -30.85
C HIS C 131 -0.64 -11.05 -29.47
N PRO C 132 0.69 -10.97 -29.23
CA PRO C 132 1.27 -10.56 -27.95
C PRO C 132 0.52 -9.48 -27.16
N ILE C 133 -0.07 -8.52 -27.87
CA ILE C 133 -0.80 -7.45 -27.20
C ILE C 133 -1.97 -7.98 -26.38
N ALA C 134 -2.37 -9.23 -26.65
CA ALA C 134 -3.46 -9.81 -25.89
C ALA C 134 -3.02 -9.99 -24.43
N SER C 135 -1.78 -10.44 -24.23
CA SER C 135 -1.24 -10.65 -22.87
C SER C 135 -0.71 -9.36 -22.25
N THR C 136 -0.05 -8.55 -23.08
CA THR C 136 0.54 -7.31 -22.60
C THR C 136 -0.39 -6.10 -22.59
N ILE C 137 -1.57 -6.21 -23.20
CA ILE C 137 -2.44 -5.05 -23.20
C ILE C 137 -3.93 -5.30 -23.12
N CYS C 138 -4.46 -6.22 -23.91
CA CYS C 138 -5.90 -6.42 -23.81
C CYS C 138 -6.36 -7.03 -22.49
N PHE C 139 -5.89 -8.22 -22.13
CA PHE C 139 -6.30 -8.82 -20.86
C PHE C 139 -5.89 -8.00 -19.62
N PRO C 140 -4.58 -7.74 -19.42
CA PRO C 140 -4.23 -6.95 -18.24
C PRO C 140 -5.15 -5.75 -18.05
N LEU C 141 -5.48 -5.07 -19.14
CA LEU C 141 -6.36 -3.90 -19.07
C LEU C 141 -7.80 -4.25 -18.70
N SER C 142 -8.25 -5.41 -19.13
CA SER C 142 -9.60 -5.78 -18.78
C SER C 142 -9.62 -6.08 -17.29
N ARG C 143 -8.60 -6.77 -16.79
CA ARG C 143 -8.53 -7.09 -15.37
C ARG C 143 -8.61 -5.83 -14.53
N TYR C 144 -7.89 -4.81 -14.96
CA TYR C 144 -7.91 -3.55 -14.24
C TYR C 144 -9.34 -3.02 -14.18
N LEU C 145 -9.89 -2.76 -15.35
CA LEU C 145 -11.25 -2.24 -15.45
C LEU C 145 -12.27 -2.95 -14.55
N VAL C 146 -12.19 -4.27 -14.46
CA VAL C 146 -13.12 -5.04 -13.64
C VAL C 146 -12.75 -4.96 -12.18
N GLY C 147 -11.53 -4.52 -11.90
CA GLY C 147 -11.09 -4.40 -10.52
C GLY C 147 -10.36 -5.62 -9.98
N ASP C 148 -10.01 -6.55 -10.87
CA ASP C 148 -9.30 -7.74 -10.42
C ASP C 148 -7.79 -7.56 -10.38
N MET C 149 -7.29 -6.47 -10.94
CA MET C 149 -5.86 -6.23 -10.96
C MET C 149 -5.50 -4.77 -10.68
N SER C 150 -4.36 -4.53 -10.02
CA SER C 150 -3.92 -3.17 -9.68
C SER C 150 -3.15 -2.54 -10.85
N PRO C 151 -3.46 -1.27 -11.19
CA PRO C 151 -2.81 -0.54 -12.29
C PRO C 151 -1.28 -0.61 -12.26
N ALA C 152 -0.73 -0.77 -11.06
CA ALA C 152 0.70 -0.85 -10.87
C ALA C 152 1.44 -1.73 -11.90
N ALA C 153 0.76 -2.69 -12.50
CA ALA C 153 1.45 -3.54 -13.45
C ALA C 153 1.24 -3.14 -14.89
N LEU C 154 0.58 -2.02 -15.14
CA LEU C 154 0.36 -1.65 -16.53
C LEU C 154 1.63 -1.13 -17.23
N PRO C 155 2.45 -0.33 -16.55
CA PRO C 155 3.67 0.21 -17.18
C PRO C 155 4.59 -0.91 -17.65
N GLY C 156 4.73 -1.91 -16.81
CA GLY C 156 5.58 -3.02 -17.19
C GLY C 156 5.12 -3.76 -18.44
N LEU C 157 3.84 -3.66 -18.76
CA LEU C 157 3.34 -4.37 -19.94
C LEU C 157 3.07 -3.45 -21.14
N LEU C 158 2.45 -2.30 -20.89
CA LEU C 158 2.11 -1.38 -21.95
C LEU C 158 3.24 -0.54 -22.49
N PHE C 159 4.08 -0.03 -21.60
CA PHE C 159 5.17 0.85 -22.01
C PHE C 159 6.48 0.20 -22.47
N THR C 160 6.63 -1.11 -22.25
CA THR C 160 7.86 -1.78 -22.67
C THR C 160 7.70 -2.57 -23.97
N LEU C 161 6.67 -2.25 -24.76
CA LEU C 161 6.46 -2.97 -26.01
C LEU C 161 7.60 -2.79 -27.01
N PRO C 162 7.96 -3.87 -27.70
CA PRO C 162 9.03 -3.85 -28.69
C PRO C 162 8.52 -3.40 -30.06
N ALA C 163 9.41 -2.79 -30.84
CA ALA C 163 9.08 -2.30 -32.18
C ALA C 163 8.37 -3.36 -33.00
N GLU C 164 7.15 -3.03 -33.44
CA GLU C 164 6.37 -3.96 -34.25
C GLU C 164 6.79 -3.83 -35.70
N PRO C 165 7.16 -4.95 -36.35
CA PRO C 165 7.58 -4.94 -37.76
C PRO C 165 6.37 -4.74 -38.68
N PRO C 166 6.56 -3.98 -39.79
CA PRO C 166 5.48 -3.70 -40.75
C PRO C 166 4.77 -4.93 -41.25
N GLY C 167 3.45 -4.85 -41.37
CA GLY C 167 2.70 -5.98 -41.88
C GLY C 167 1.92 -6.82 -40.90
N THR C 168 1.59 -6.27 -39.74
CA THR C 168 0.82 -7.01 -38.78
C THR C 168 -0.67 -6.84 -39.05
N ASN C 169 -1.34 -7.95 -39.30
CA ASN C 169 -2.76 -7.92 -39.56
C ASN C 169 -3.50 -8.50 -38.35
N LEU C 170 -4.16 -7.62 -37.64
CA LEU C 170 -4.88 -8.03 -36.46
C LEU C 170 -6.34 -8.26 -36.85
N VAL C 171 -6.79 -9.49 -36.66
CA VAL C 171 -8.17 -9.83 -36.97
C VAL C 171 -8.92 -10.11 -35.69
N VAL C 172 -9.68 -9.12 -35.22
CA VAL C 172 -10.46 -9.28 -34.01
C VAL C 172 -11.75 -10.04 -34.32
N CYS C 173 -11.92 -11.20 -33.70
CA CYS C 173 -13.12 -12.00 -33.89
C CYS C 173 -14.23 -11.48 -32.98
N THR C 174 -15.47 -11.54 -33.45
CA THR C 174 -16.61 -11.06 -32.68
C THR C 174 -17.78 -12.02 -32.78
N VAL C 175 -18.54 -12.12 -31.70
CA VAL C 175 -19.70 -13.01 -31.66
C VAL C 175 -20.82 -12.24 -31.01
N SER C 176 -22.07 -12.64 -31.24
CA SER C 176 -23.19 -11.97 -30.60
C SER C 176 -23.08 -12.28 -29.10
N LEU C 177 -23.63 -11.41 -28.26
CA LEU C 177 -23.53 -11.59 -26.81
C LEU C 177 -24.15 -12.87 -26.24
N PRO C 178 -25.45 -13.11 -26.48
CA PRO C 178 -26.09 -14.32 -25.95
C PRO C 178 -25.45 -15.63 -26.42
N SER C 179 -24.81 -15.58 -27.59
CA SER C 179 -24.16 -16.75 -28.18
C SER C 179 -22.80 -16.99 -27.53
N HIS C 180 -22.14 -15.89 -27.18
CA HIS C 180 -20.83 -15.93 -26.55
C HIS C 180 -20.95 -16.59 -25.17
N LEU C 181 -22.10 -16.40 -24.53
CA LEU C 181 -22.34 -16.96 -23.20
C LEU C 181 -22.73 -18.44 -23.20
N SER C 182 -22.63 -19.07 -24.37
CA SER C 182 -22.95 -20.49 -24.50
C SER C 182 -21.70 -21.23 -24.99
N ARG C 183 -20.85 -20.52 -25.73
CA ARG C 183 -19.61 -21.09 -26.27
C ARG C 183 -18.66 -21.46 -25.13
N VAL C 184 -18.83 -20.78 -24.00
CA VAL C 184 -18.01 -21.02 -22.83
C VAL C 184 -18.67 -22.12 -21.97
N SER C 185 -19.72 -21.75 -21.25
CA SER C 185 -20.46 -22.68 -20.40
C SER C 185 -20.98 -23.87 -21.20
N GLU C 192 -11.61 -22.07 -15.80
CA GLU C 192 -12.31 -20.94 -16.38
C GLU C 192 -13.54 -20.60 -15.54
N THR C 193 -14.22 -19.51 -15.92
CA THR C 193 -15.42 -19.05 -15.21
C THR C 193 -16.22 -18.08 -16.09
N VAL C 194 -17.55 -18.21 -16.05
CA VAL C 194 -18.42 -17.35 -16.84
C VAL C 194 -19.07 -16.25 -16.02
N ASN C 195 -18.49 -15.05 -16.09
CA ASN C 195 -19.02 -13.90 -15.36
C ASN C 195 -19.11 -12.71 -16.31
N LEU C 196 -20.33 -12.23 -16.52
CA LEU C 196 -20.54 -11.11 -17.42
C LEU C 196 -19.46 -10.01 -17.28
N PRO C 197 -19.38 -9.37 -16.11
CA PRO C 197 -18.42 -8.30 -15.85
C PRO C 197 -17.12 -8.36 -16.65
N PHE C 198 -16.39 -9.47 -16.53
CA PHE C 198 -15.12 -9.60 -17.25
C PHE C 198 -15.31 -9.70 -18.75
N VAL C 199 -16.22 -10.56 -19.19
CA VAL C 199 -16.51 -10.73 -20.61
C VAL C 199 -16.96 -9.41 -21.21
N MET C 200 -18.05 -8.87 -20.69
CA MET C 200 -18.57 -7.59 -21.17
C MET C 200 -17.44 -6.60 -21.39
N VAL C 201 -16.50 -6.58 -20.45
CA VAL C 201 -15.37 -5.67 -20.56
C VAL C 201 -14.42 -6.07 -21.65
N LEU C 202 -14.00 -7.33 -21.62
CA LEU C 202 -13.06 -7.85 -22.61
C LEU C 202 -13.53 -7.48 -24.02
N ARG C 203 -14.80 -7.75 -24.29
CA ARG C 203 -15.38 -7.45 -25.58
C ARG C 203 -15.10 -5.97 -25.87
N ASN C 204 -15.55 -5.11 -24.94
CA ASN C 204 -15.37 -3.66 -25.06
C ASN C 204 -13.95 -3.24 -25.35
N VAL C 205 -13.02 -3.69 -24.52
CA VAL C 205 -11.62 -3.36 -24.72
C VAL C 205 -11.16 -3.66 -26.14
N TYR C 206 -11.31 -4.90 -26.59
CA TYR C 206 -10.91 -5.22 -27.96
C TYR C 206 -11.50 -4.22 -28.95
N ILE C 207 -12.77 -3.87 -28.79
CA ILE C 207 -13.32 -2.90 -29.70
C ILE C 207 -12.46 -1.65 -29.64
N MET C 208 -12.22 -1.15 -28.43
CA MET C 208 -11.38 0.04 -28.28
C MET C 208 -10.07 -0.15 -29.02
N LEU C 209 -9.38 -1.25 -28.74
CA LEU C 209 -8.11 -1.52 -29.39
C LEU C 209 -8.21 -1.10 -30.84
N ILE C 210 -9.14 -1.73 -31.55
CA ILE C 210 -9.32 -1.38 -32.95
C ILE C 210 -9.45 0.15 -33.12
N ASN C 211 -10.44 0.74 -32.46
CA ASN C 211 -10.61 2.17 -32.61
C ASN C 211 -9.30 2.90 -32.37
N THR C 212 -8.49 2.37 -31.45
CA THR C 212 -7.21 2.99 -31.12
C THR C 212 -6.22 2.92 -32.25
N ILE C 213 -6.20 1.79 -32.94
CA ILE C 213 -5.28 1.59 -34.05
C ILE C 213 -5.64 2.59 -35.13
N ILE C 214 -6.91 2.61 -35.51
CA ILE C 214 -7.36 3.56 -36.54
C ILE C 214 -7.02 4.98 -36.10
N PHE C 215 -7.52 5.37 -34.93
CA PHE C 215 -7.27 6.69 -34.38
C PHE C 215 -5.80 7.07 -34.52
N LEU C 216 -4.93 6.19 -34.06
CA LEU C 216 -3.48 6.37 -34.10
C LEU C 216 -2.92 6.59 -35.52
N LYS C 217 -3.65 6.11 -36.54
CA LYS C 217 -3.22 6.24 -37.92
C LYS C 217 -3.11 7.67 -38.36
N THR C 218 -4.02 8.51 -37.84
CA THR C 218 -4.05 9.92 -38.20
C THR C 218 -3.52 10.86 -37.12
N ASN C 219 -4.08 10.76 -35.92
CA ASN C 219 -3.69 11.65 -34.82
C ASN C 219 -2.70 11.04 -33.83
N ASN C 220 -2.09 11.92 -33.03
CA ASN C 220 -1.13 11.53 -31.99
C ASN C 220 -1.92 11.21 -30.71
N TRP C 221 -1.36 10.41 -29.80
CA TRP C 221 -2.10 10.09 -28.56
C TRP C 221 -2.44 11.33 -27.77
N HIS C 222 -1.60 12.37 -27.87
CA HIS C 222 -1.83 13.60 -27.14
C HIS C 222 -2.91 14.48 -27.78
N ALA C 223 -3.91 13.86 -28.40
CA ALA C 223 -4.98 14.63 -29.05
C ALA C 223 -5.83 15.31 -27.98
N GLY C 224 -7.09 14.89 -27.90
CA GLY C 224 -7.98 15.46 -26.90
C GLY C 224 -7.68 14.87 -25.52
N TRP C 225 -6.40 14.65 -25.23
CA TRP C 225 -6.00 14.10 -23.94
C TRP C 225 -6.51 15.00 -22.83
N ASN C 226 -6.31 16.30 -22.98
CA ASN C 226 -6.76 17.24 -21.97
C ASN C 226 -8.27 17.47 -22.06
N THR C 227 -8.95 16.63 -22.82
CA THR C 227 -10.40 16.71 -22.97
C THR C 227 -10.96 15.34 -22.58
N LEU C 228 -10.05 14.45 -22.25
CA LEU C 228 -10.41 13.10 -21.85
C LEU C 228 -10.65 13.10 -20.36
N SER C 229 -11.86 12.80 -19.94
CA SER C 229 -12.11 12.75 -18.52
C SER C 229 -11.30 11.55 -18.02
N PHE C 230 -10.79 11.66 -16.79
CA PHE C 230 -10.02 10.57 -16.23
C PHE C 230 -10.89 9.32 -16.17
N CYS C 231 -10.27 8.18 -15.92
CA CYS C 231 -11.03 6.94 -15.83
C CYS C 231 -11.64 6.81 -14.43
N ASN C 232 -12.96 6.79 -14.35
CA ASN C 232 -13.64 6.69 -13.08
C ASN C 232 -14.44 5.40 -12.94
N ASP C 233 -14.96 5.16 -11.74
CA ASP C 233 -15.73 3.95 -11.48
C ASP C 233 -17.03 3.92 -12.28
N VAL C 234 -17.56 5.11 -12.58
CA VAL C 234 -18.79 5.19 -13.35
C VAL C 234 -18.51 4.61 -14.73
N PHE C 235 -17.38 5.02 -15.30
CA PHE C 235 -16.96 4.55 -16.61
C PHE C 235 -16.84 3.04 -16.55
N LYS C 236 -16.04 2.55 -15.62
CA LYS C 236 -15.84 1.11 -15.48
C LYS C 236 -17.17 0.36 -15.36
N GLN C 237 -18.12 0.96 -14.65
CA GLN C 237 -19.43 0.35 -14.49
C GLN C 237 -20.09 0.09 -15.84
N LYS C 238 -20.11 1.09 -16.71
CA LYS C 238 -20.73 0.89 -18.02
C LYS C 238 -20.04 -0.24 -18.76
N LEU C 239 -18.71 -0.25 -18.73
CA LEU C 239 -17.94 -1.26 -19.43
C LEU C 239 -18.22 -2.70 -18.99
N GLN C 240 -18.80 -2.86 -17.80
CA GLN C 240 -19.13 -4.18 -17.29
C GLN C 240 -20.58 -4.55 -17.55
N LYS C 241 -21.36 -3.61 -18.05
CA LYS C 241 -22.78 -3.88 -18.30
C LYS C 241 -23.34 -3.78 -19.73
N SER C 242 -23.15 -2.65 -20.39
CA SER C 242 -23.73 -2.47 -21.70
C SER C 242 -22.96 -2.77 -22.99
N GLU C 243 -21.67 -3.09 -22.92
CA GLU C 243 -20.95 -3.34 -24.17
C GLU C 243 -21.15 -2.09 -25.02
N CYS C 244 -21.01 -0.93 -24.40
CA CYS C 244 -21.18 0.35 -25.08
C CYS C 244 -20.17 0.51 -26.20
N ILE C 245 -18.98 1.02 -25.87
CA ILE C 245 -17.91 1.24 -26.85
C ILE C 245 -18.24 0.72 -28.25
N LYS C 246 -18.67 1.61 -29.14
CA LYS C 246 -19.00 1.19 -30.49
C LYS C 246 -17.91 1.47 -31.51
N LEU C 247 -17.67 0.48 -32.36
CA LEU C 247 -16.67 0.56 -33.41
C LEU C 247 -17.15 1.61 -34.40
N ARG C 248 -16.32 2.63 -34.66
CA ARG C 248 -16.73 3.68 -35.58
C ARG C 248 -15.73 4.19 -36.61
N GLU C 249 -16.28 4.48 -37.81
CA GLU C 249 -15.56 4.98 -38.98
C GLU C 249 -14.36 5.87 -38.66
N VAL C 250 -14.62 7.01 -38.04
CA VAL C 250 -13.53 7.90 -37.66
C VAL C 250 -13.59 8.02 -36.15
N PRO C 251 -12.74 7.24 -35.47
CA PRO C 251 -12.65 7.20 -34.02
C PRO C 251 -12.13 8.50 -33.42
N GLY C 252 -12.57 8.78 -32.20
CA GLY C 252 -12.14 9.96 -31.48
C GLY C 252 -11.45 9.50 -30.23
N ILE C 253 -10.63 10.36 -29.63
CA ILE C 253 -9.88 9.98 -28.42
C ILE C 253 -10.71 9.15 -27.41
N GLU C 254 -11.96 9.53 -27.18
CA GLU C 254 -12.80 8.81 -26.21
C GLU C 254 -13.33 7.45 -26.64
N ASP C 255 -13.04 7.03 -27.87
CA ASP C 255 -13.52 5.74 -28.35
C ASP C 255 -12.39 4.74 -28.33
N THR C 256 -11.22 5.21 -27.92
CA THR C 256 -10.01 4.39 -27.87
C THR C 256 -9.68 3.75 -26.53
N LEU C 257 -8.42 3.35 -26.39
CA LEU C 257 -7.91 2.76 -25.15
C LEU C 257 -7.34 3.86 -24.29
N PHE C 258 -7.04 4.98 -24.92
CA PHE C 258 -6.49 6.09 -24.18
C PHE C 258 -7.52 6.58 -23.17
N ALA C 259 -8.77 6.20 -23.40
CA ALA C 259 -9.85 6.58 -22.51
C ALA C 259 -9.69 5.82 -21.21
N VAL C 260 -9.02 4.68 -21.31
CA VAL C 260 -8.79 3.83 -20.17
C VAL C 260 -7.39 4.03 -19.61
N LEU C 261 -6.54 4.75 -20.33
CA LEU C 261 -5.18 4.96 -19.84
C LEU C 261 -4.98 6.25 -19.08
N LYS C 262 -5.94 7.17 -19.20
CA LYS C 262 -5.88 8.45 -18.48
C LYS C 262 -6.16 8.12 -17.01
N LEU C 263 -5.12 7.73 -16.29
CA LEU C 263 -5.28 7.36 -14.90
C LEU C 263 -4.51 8.26 -13.96
N PRO C 264 -5.15 8.70 -12.87
CA PRO C 264 -4.54 9.58 -11.87
C PRO C 264 -3.23 9.01 -11.37
N GLU C 265 -3.15 7.67 -11.33
CA GLU C 265 -1.97 6.98 -10.85
C GLU C 265 -0.79 7.16 -11.79
N LEU C 266 -1.05 7.69 -12.98
CA LEU C 266 0.01 7.90 -13.95
C LEU C 266 0.32 9.38 -14.11
N CYS C 267 -0.52 10.23 -13.55
CA CYS C 267 -0.35 11.67 -13.66
C CYS C 267 0.16 12.25 -12.35
N GLY C 268 0.66 13.48 -12.39
CA GLY C 268 1.17 14.11 -11.20
C GLY C 268 0.17 15.03 -10.55
N GLU C 269 0.67 15.87 -9.67
CA GLU C 269 -0.13 16.84 -8.93
C GLU C 269 -1.06 17.62 -9.85
N PHE C 270 -0.46 18.38 -10.76
CA PHE C 270 -1.19 19.22 -11.68
C PHE C 270 -2.10 18.44 -12.61
N GLY C 271 -1.93 17.13 -12.67
CA GLY C 271 -2.77 16.32 -13.54
C GLY C 271 -2.18 16.07 -14.92
N ASN C 272 -0.84 16.06 -14.99
CA ASN C 272 -0.14 15.80 -16.25
C ASN C 272 0.41 14.40 -16.18
N ILE C 273 0.39 13.68 -17.29
CA ILE C 273 0.92 12.33 -17.27
C ILE C 273 2.43 12.41 -17.07
N LEU C 274 2.94 11.75 -16.03
CA LEU C 274 4.37 11.78 -15.74
C LEU C 274 5.27 11.45 -16.93
N PRO C 275 6.42 12.14 -17.03
CA PRO C 275 7.43 12.00 -18.09
C PRO C 275 7.61 10.60 -18.65
N LEU C 276 8.21 9.71 -17.87
CA LEU C 276 8.44 8.36 -18.38
C LEU C 276 7.20 7.77 -18.98
N TRP C 277 6.11 7.77 -18.22
CA TRP C 277 4.85 7.21 -18.69
C TRP C 277 4.47 7.81 -20.04
N ALA C 278 4.88 9.05 -20.27
CA ALA C 278 4.58 9.65 -21.56
C ALA C 278 5.38 8.88 -22.62
N TRP C 279 6.70 8.91 -22.49
CA TRP C 279 7.56 8.21 -23.42
C TRP C 279 6.95 6.85 -23.69
N GLY C 280 6.41 6.23 -22.65
CA GLY C 280 5.79 4.94 -22.80
C GLY C 280 4.63 5.00 -23.79
N MET C 281 3.69 5.93 -23.57
CA MET C 281 2.55 6.06 -24.45
C MET C 281 3.06 6.08 -25.88
N GLU C 282 4.16 6.79 -26.08
CA GLU C 282 4.78 6.90 -27.39
C GLU C 282 5.02 5.53 -28.01
N THR C 283 5.78 4.68 -27.34
CA THR C 283 6.08 3.35 -27.88
C THR C 283 4.81 2.52 -28.05
N LEU C 284 3.90 2.61 -27.09
CA LEU C 284 2.65 1.86 -27.17
C LEU C 284 1.90 2.28 -28.42
N SER C 285 1.95 3.58 -28.72
CA SER C 285 1.32 4.09 -29.93
C SER C 285 2.07 3.53 -31.14
N ASN C 286 3.40 3.71 -31.14
CA ASN C 286 4.26 3.21 -32.20
C ASN C 286 3.86 1.81 -32.62
N CYS C 287 3.65 0.94 -31.64
CA CYS C 287 3.25 -0.43 -31.90
C CYS C 287 1.88 -0.56 -32.57
N LEU C 288 0.86 -0.20 -31.80
CA LEU C 288 -0.53 -0.27 -32.27
C LEU C 288 -0.78 0.37 -33.65
N ARG C 289 -0.11 1.48 -33.91
CA ARG C 289 -0.26 2.21 -35.17
C ARG C 289 0.20 1.45 -36.42
N SER C 290 1.18 0.58 -36.26
CA SER C 290 1.70 -0.20 -37.37
C SER C 290 0.67 -1.18 -37.88
N MET C 291 -0.15 -1.66 -36.97
CA MET C 291 -1.19 -2.65 -37.27
C MET C 291 -2.33 -2.34 -38.26
N SER C 292 -2.72 -3.38 -39.00
CA SER C 292 -3.79 -3.27 -39.97
C SER C 292 -4.96 -4.06 -39.37
N PRO C 293 -5.94 -3.35 -38.80
CA PRO C 293 -7.13 -3.89 -38.15
C PRO C 293 -8.23 -4.43 -39.03
N PHE C 294 -8.73 -5.61 -38.64
CA PHE C 294 -9.81 -6.27 -39.36
C PHE C 294 -10.71 -6.94 -38.36
N VAL C 295 -12.01 -6.94 -38.66
CA VAL C 295 -13.00 -7.57 -37.79
C VAL C 295 -13.64 -8.73 -38.52
N LEU C 296 -13.67 -9.89 -37.86
CA LEU C 296 -14.24 -11.11 -38.43
C LEU C 296 -15.30 -11.67 -37.50
N SER C 297 -16.51 -11.84 -38.02
CA SER C 297 -17.62 -12.36 -37.23
C SER C 297 -17.65 -13.88 -37.20
N LEU C 298 -17.69 -14.45 -36.01
CA LEU C 298 -17.74 -15.91 -35.87
C LEU C 298 -19.16 -16.34 -35.54
N GLU C 299 -20.13 -15.51 -35.93
CA GLU C 299 -21.54 -15.79 -35.67
C GLU C 299 -22.12 -16.59 -36.84
N GLN C 300 -21.66 -17.83 -36.98
CA GLN C 300 -22.12 -18.72 -38.05
C GLN C 300 -21.25 -19.98 -38.10
N THR C 301 -21.53 -20.84 -39.09
CA THR C 301 -20.77 -22.08 -39.26
C THR C 301 -19.31 -21.78 -39.55
N PRO C 302 -18.39 -22.54 -38.93
CA PRO C 302 -16.95 -22.34 -39.13
C PRO C 302 -16.61 -22.18 -40.60
N GLN C 303 -17.38 -22.84 -41.46
CA GLN C 303 -17.16 -22.75 -42.90
C GLN C 303 -17.22 -21.29 -43.34
N HIS C 304 -18.31 -20.61 -43.01
CA HIS C 304 -18.48 -19.21 -43.38
C HIS C 304 -17.39 -18.34 -42.78
N ALA C 305 -17.20 -18.45 -41.47
CA ALA C 305 -16.19 -17.69 -40.76
C ALA C 305 -14.87 -17.69 -41.54
N ALA C 306 -14.43 -18.86 -41.96
CA ALA C 306 -13.19 -18.99 -42.70
C ALA C 306 -13.30 -18.44 -44.10
N GLN C 307 -14.44 -18.66 -44.75
CA GLN C 307 -14.64 -18.15 -46.11
C GLN C 307 -14.54 -16.63 -46.07
N GLU C 308 -15.18 -16.03 -45.06
CA GLU C 308 -15.14 -14.59 -44.92
C GLU C 308 -13.69 -14.15 -44.80
N LEU C 309 -12.96 -14.76 -43.87
CA LEU C 309 -11.56 -14.42 -43.68
C LEU C 309 -10.80 -14.42 -45.02
N LYS C 310 -11.17 -15.35 -45.90
CA LYS C 310 -10.51 -15.42 -47.20
C LYS C 310 -10.72 -14.16 -48.03
N THR C 311 -11.95 -13.65 -48.02
CA THR C 311 -12.28 -12.46 -48.78
C THR C 311 -11.43 -11.26 -48.36
N LEU C 312 -10.89 -11.33 -47.15
CA LEU C 312 -10.06 -10.27 -46.56
C LEU C 312 -8.59 -10.32 -46.95
N LEU C 313 -8.10 -11.52 -47.25
CA LEU C 313 -6.69 -11.71 -47.62
C LEU C 313 -6.16 -10.63 -48.55
N PRO C 314 -6.94 -10.26 -49.58
CA PRO C 314 -6.50 -9.22 -50.52
C PRO C 314 -6.40 -7.80 -49.93
N GLN C 315 -7.07 -7.57 -48.80
CA GLN C 315 -7.07 -6.26 -48.15
C GLN C 315 -5.94 -6.09 -47.14
N MET C 316 -5.36 -7.21 -46.73
CA MET C 316 -4.28 -7.21 -45.74
C MET C 316 -2.94 -6.73 -46.24
N THR C 317 -2.15 -6.17 -45.32
CA THR C 317 -0.82 -5.67 -45.65
C THR C 317 0.16 -6.82 -45.62
N PRO C 318 0.91 -7.00 -46.70
CA PRO C 318 1.92 -8.08 -46.81
C PRO C 318 3.33 -7.64 -46.43
N ALA C 319 4.14 -8.60 -46.00
CA ALA C 319 5.52 -8.31 -45.62
C ALA C 319 6.45 -9.21 -46.40
N ASN C 320 7.72 -8.84 -46.47
CA ASN C 320 8.68 -9.62 -47.23
C ASN C 320 9.65 -10.41 -46.35
N MET C 321 9.95 -11.64 -46.76
CA MET C 321 10.88 -12.47 -46.02
C MET C 321 11.62 -13.48 -46.91
N SER C 322 12.83 -13.83 -46.49
CA SER C 322 13.68 -14.77 -47.21
C SER C 322 12.95 -16.09 -47.43
N SER C 323 12.98 -16.58 -48.67
CA SER C 323 12.33 -17.85 -48.96
C SER C 323 12.95 -18.87 -48.01
N GLY C 324 14.27 -18.80 -47.84
CA GLY C 324 14.95 -19.72 -46.95
C GLY C 324 14.41 -19.64 -45.53
N ALA C 325 14.28 -18.42 -45.02
CA ALA C 325 13.77 -18.19 -43.67
C ALA C 325 12.40 -18.86 -43.44
N TRP C 326 11.47 -18.68 -44.38
CA TRP C 326 10.15 -19.29 -44.26
C TRP C 326 10.29 -20.79 -43.94
N ASN C 327 11.19 -21.47 -44.65
CA ASN C 327 11.40 -22.91 -44.42
C ASN C 327 11.92 -23.13 -43.01
N ILE C 328 12.77 -22.20 -42.56
CA ILE C 328 13.33 -22.26 -41.21
C ILE C 328 12.18 -22.06 -40.22
N LEU C 329 11.57 -20.88 -40.28
CA LEU C 329 10.45 -20.55 -39.42
C LEU C 329 9.55 -21.78 -39.25
N LYS C 330 9.16 -22.38 -40.38
CA LYS C 330 8.30 -23.56 -40.37
C LYS C 330 8.81 -24.64 -39.44
N GLU C 331 10.11 -24.93 -39.56
CA GLU C 331 10.75 -25.95 -38.73
C GLU C 331 10.66 -25.61 -37.25
N LEU C 332 11.00 -24.37 -36.94
CA LEU C 332 10.95 -23.91 -35.58
C LEU C 332 9.54 -24.03 -35.06
N VAL C 333 8.59 -23.48 -35.82
CA VAL C 333 7.18 -23.55 -35.43
C VAL C 333 6.78 -24.97 -35.17
N ASN C 334 7.22 -25.88 -36.03
CA ASN C 334 6.90 -27.29 -35.89
C ASN C 334 7.68 -27.89 -34.71
N ALA C 335 8.87 -27.34 -34.45
CA ALA C 335 9.71 -27.80 -33.35
C ALA C 335 9.13 -27.53 -31.97
N VAL C 336 8.33 -26.46 -31.84
CA VAL C 336 7.73 -26.09 -30.56
C VAL C 336 6.25 -26.40 -30.45
N GLN C 337 5.62 -26.64 -31.59
CA GLN C 337 4.20 -26.96 -31.63
C GLN C 337 4.01 -28.45 -31.88
N ASP C 338 4.87 -29.24 -31.23
CA ASP C 338 4.86 -30.69 -31.33
C ASP C 338 5.72 -31.23 -30.17
N VAL D 8 29.68 14.50 -38.45
CA VAL D 8 29.05 15.09 -37.24
C VAL D 8 28.44 13.98 -36.37
N LYS D 9 29.26 13.02 -35.95
CA LYS D 9 28.80 11.91 -35.11
C LYS D 9 29.83 11.57 -34.02
N MET D 10 30.18 12.54 -33.19
CA MET D 10 31.15 12.33 -32.10
C MET D 10 30.93 11.03 -31.34
N GLY D 11 31.96 10.60 -30.60
CA GLY D 11 31.87 9.36 -29.85
C GLY D 11 31.66 9.53 -28.35
N VAL D 12 30.65 8.83 -27.83
CA VAL D 12 30.30 8.88 -26.40
C VAL D 12 30.79 7.63 -25.67
N LEU D 13 30.65 7.62 -24.36
CA LEU D 13 31.09 6.48 -23.57
C LEU D 13 30.02 6.04 -22.60
N ARG D 14 29.22 5.04 -23.00
CA ARG D 14 28.15 4.54 -22.13
C ARG D 14 28.72 3.69 -21.02
N ILE D 15 28.54 4.14 -19.78
CA ILE D 15 29.03 3.42 -18.62
C ILE D 15 27.93 3.21 -17.58
N TYR D 16 27.58 1.96 -17.38
CA TYR D 16 26.57 1.59 -16.41
C TYR D 16 27.29 1.06 -15.17
N LEU D 17 26.98 1.65 -14.04
CA LEU D 17 27.62 1.30 -12.79
C LEU D 17 26.68 0.44 -11.94
N ASP D 18 27.03 -0.84 -11.75
CA ASP D 18 26.18 -1.71 -10.95
C ASP D 18 26.86 -2.34 -9.75
N GLY D 19 26.24 -3.39 -9.23
CA GLY D 19 26.78 -4.09 -8.08
C GLY D 19 25.70 -4.24 -7.02
N ALA D 20 26.09 -4.67 -5.82
CA ALA D 20 25.16 -4.85 -4.72
C ALA D 20 24.59 -3.50 -4.27
N TYR D 21 23.68 -3.53 -3.29
CA TYR D 21 23.07 -2.29 -2.80
C TYR D 21 23.64 -1.84 -1.46
N GLY D 22 23.53 -0.54 -1.19
CA GLY D 22 24.04 0.02 0.05
C GLY D 22 25.54 0.13 0.06
N ILE D 23 26.19 -0.52 -0.92
CA ILE D 23 27.65 -0.51 -1.04
C ILE D 23 28.23 0.89 -1.19
N GLY D 24 27.47 1.81 -1.76
CA GLY D 24 27.97 3.16 -1.92
C GLY D 24 28.33 3.52 -3.35
N LYS D 25 27.74 2.81 -4.30
CA LYS D 25 28.00 3.08 -5.71
C LYS D 25 27.35 4.35 -6.23
N THR D 26 26.67 5.08 -5.36
CA THR D 26 26.03 6.33 -5.76
C THR D 26 26.82 7.53 -5.25
N THR D 27 27.21 7.52 -3.98
CA THR D 27 27.98 8.63 -3.41
C THR D 27 29.40 8.61 -3.99
N ALA D 28 29.73 7.50 -4.65
CA ALA D 28 31.04 7.33 -5.26
C ALA D 28 30.93 7.58 -6.76
N ALA D 29 29.69 7.58 -7.27
CA ALA D 29 29.42 7.81 -8.69
C ALA D 29 29.19 9.31 -8.87
N GLU D 30 28.87 9.99 -7.79
CA GLU D 30 28.64 11.42 -7.81
C GLU D 30 29.98 12.13 -7.62
N GLU D 31 30.78 11.65 -6.67
CA GLU D 31 32.09 12.23 -6.41
C GLU D 31 32.96 12.14 -7.67
N PHE D 32 32.49 11.40 -8.66
CA PHE D 32 33.22 11.26 -9.91
C PHE D 32 32.74 12.33 -10.88
N LEU D 33 31.53 12.82 -10.65
CA LEU D 33 30.93 13.85 -11.50
C LEU D 33 31.40 15.26 -11.13
N HIS D 34 31.33 15.63 -9.86
CA HIS D 34 31.79 16.95 -9.41
C HIS D 34 33.28 17.06 -9.75
N HIS D 35 33.94 15.91 -9.80
CA HIS D 35 35.37 15.78 -10.06
C HIS D 35 35.84 16.07 -11.47
N PHE D 36 35.28 15.36 -12.44
CA PHE D 36 35.70 15.56 -13.82
C PHE D 36 34.62 16.09 -14.78
N ALA D 37 33.81 17.01 -14.25
CA ALA D 37 32.77 17.70 -15.00
C ALA D 37 33.17 19.19 -14.98
N ILE D 38 34.49 19.42 -14.96
CA ILE D 38 35.05 20.76 -14.96
C ILE D 38 34.43 21.49 -16.15
N THR D 39 34.30 20.74 -17.25
CA THR D 39 33.69 21.21 -18.47
C THR D 39 32.29 20.55 -18.48
N PRO D 40 31.25 21.35 -18.16
CA PRO D 40 29.84 20.94 -18.09
C PRO D 40 29.32 19.94 -19.11
N ASN D 41 29.49 20.23 -20.39
CA ASN D 41 29.00 19.34 -21.44
C ASN D 41 29.86 18.13 -21.75
N ARG D 42 30.71 17.72 -20.81
CA ARG D 42 31.54 16.56 -21.09
C ARG D 42 31.03 15.31 -20.40
N ILE D 43 30.06 15.47 -19.50
CA ILE D 43 29.55 14.31 -18.77
C ILE D 43 28.07 14.43 -18.39
N LEU D 44 27.35 13.32 -18.52
CA LEU D 44 25.94 13.30 -18.21
C LEU D 44 25.59 12.20 -17.24
N LEU D 45 25.02 12.54 -16.09
CA LEU D 45 24.67 11.51 -15.13
C LEU D 45 23.17 11.17 -15.10
N ILE D 46 22.86 9.90 -14.89
CA ILE D 46 21.49 9.44 -14.82
C ILE D 46 21.36 8.64 -13.54
N GLY D 47 20.62 9.17 -12.57
CA GLY D 47 20.46 8.46 -11.29
C GLY D 47 19.30 7.49 -11.21
N GLU D 48 19.37 6.58 -10.25
CA GLU D 48 18.30 5.61 -10.08
C GLU D 48 16.99 6.36 -9.93
N PRO D 49 15.92 5.89 -10.58
CA PRO D 49 14.61 6.54 -10.51
C PRO D 49 13.75 6.17 -9.29
N LEU D 50 14.25 6.46 -8.09
CA LEU D 50 13.51 6.14 -6.87
C LEU D 50 12.11 6.71 -6.94
N SER D 51 12.00 7.95 -7.42
CA SER D 51 10.70 8.63 -7.53
C SER D 51 9.61 7.77 -8.19
N TYR D 52 10.01 6.87 -9.09
CA TYR D 52 9.02 6.00 -9.75
C TYR D 52 8.88 4.70 -8.97
N TRP D 53 9.98 4.21 -8.43
CA TRP D 53 9.89 2.99 -7.69
C TRP D 53 9.02 3.20 -6.47
N ARG D 54 9.17 4.35 -5.81
CA ARG D 54 8.40 4.59 -4.60
C ARG D 54 6.99 5.04 -4.86
N ASN D 55 6.61 5.01 -6.13
CA ASN D 55 5.26 5.39 -6.50
C ASN D 55 5.00 4.95 -7.92
N LEU D 56 5.28 3.69 -8.20
CA LEU D 56 5.06 3.21 -9.53
C LEU D 56 3.59 2.82 -9.75
N ALA D 57 2.85 3.74 -10.36
CA ALA D 57 1.44 3.50 -10.64
C ALA D 57 0.67 3.06 -9.40
N GLY D 58 1.04 3.60 -8.24
CA GLY D 58 0.30 3.23 -7.05
C GLY D 58 1.01 2.47 -5.96
N GLU D 59 1.92 1.59 -6.31
CA GLU D 59 2.60 0.83 -5.28
C GLU D 59 4.07 1.20 -5.11
N ASP D 60 4.60 0.96 -3.92
CA ASP D 60 5.98 1.28 -3.61
C ASP D 60 6.84 0.03 -3.72
N ALA D 61 7.30 -0.28 -4.92
CA ALA D 61 8.12 -1.46 -5.14
C ALA D 61 9.03 -1.78 -3.97
N ILE D 62 9.81 -0.81 -3.51
CA ILE D 62 10.72 -1.09 -2.41
C ILE D 62 10.05 -1.61 -1.14
N CYS D 63 9.16 -0.81 -0.55
CA CYS D 63 8.48 -1.26 0.64
C CYS D 63 7.87 -2.65 0.42
N GLY D 64 7.16 -2.81 -0.68
CA GLY D 64 6.51 -4.07 -1.01
C GLY D 64 7.42 -5.29 -1.12
N ILE D 65 8.63 -5.11 -1.64
CA ILE D 65 9.50 -6.25 -1.74
C ILE D 65 9.97 -6.63 -0.36
N TYR D 66 10.22 -5.66 0.50
CA TYR D 66 10.69 -6.00 1.84
C TYR D 66 9.54 -6.39 2.74
N GLY D 67 8.52 -5.53 2.84
CA GLY D 67 7.38 -5.83 3.68
C GLY D 67 6.85 -7.25 3.48
N THR D 68 6.83 -7.68 2.23
CA THR D 68 6.35 -9.01 1.91
C THR D 68 7.14 -10.07 2.65
N GLN D 69 8.42 -9.84 2.88
CA GLN D 69 9.21 -10.84 3.58
C GLN D 69 8.86 -10.79 5.04
N THR D 70 8.74 -9.58 5.59
CA THR D 70 8.37 -9.45 7.00
C THR D 70 6.99 -10.13 7.18
N ARG D 71 6.10 -9.89 6.22
CA ARG D 71 4.77 -10.48 6.25
C ARG D 71 4.83 -11.99 6.11
N ARG D 72 5.91 -12.49 5.53
CA ARG D 72 6.06 -13.92 5.38
C ARG D 72 6.50 -14.54 6.69
N LEU D 73 7.47 -13.92 7.36
CA LEU D 73 7.97 -14.45 8.64
C LEU D 73 6.91 -14.50 9.73
N ASN D 74 6.03 -13.51 9.74
CA ASN D 74 4.98 -13.43 10.74
C ASN D 74 3.84 -14.36 10.39
N GLY D 75 3.93 -14.97 9.22
CA GLY D 75 2.90 -15.89 8.82
C GLY D 75 1.61 -15.16 8.51
N ASP D 76 1.71 -13.88 8.16
CA ASP D 76 0.52 -13.12 7.80
C ASP D 76 0.09 -13.57 6.42
N VAL D 77 0.99 -14.28 5.73
CA VAL D 77 0.71 -14.78 4.38
C VAL D 77 1.46 -16.06 4.05
N SER D 78 0.79 -16.91 3.26
CA SER D 78 1.33 -18.19 2.83
C SER D 78 2.68 -18.00 2.17
N PRO D 79 3.63 -18.90 2.43
CA PRO D 79 4.96 -18.78 1.82
C PRO D 79 4.84 -18.95 0.30
N GLU D 80 3.81 -19.67 -0.13
CA GLU D 80 3.59 -19.86 -1.57
C GLU D 80 3.19 -18.49 -2.17
N ASP D 81 2.28 -17.77 -1.50
CA ASP D 81 1.89 -16.47 -2.01
C ASP D 81 3.02 -15.46 -1.88
N ALA D 82 3.68 -15.48 -0.72
CA ALA D 82 4.78 -14.56 -0.49
C ALA D 82 5.77 -14.59 -1.63
N GLN D 83 5.88 -15.74 -2.29
CA GLN D 83 6.83 -15.83 -3.39
C GLN D 83 6.26 -15.12 -4.59
N ARG D 84 5.00 -15.40 -4.86
CA ARG D 84 4.32 -14.79 -5.98
C ARG D 84 4.24 -13.32 -5.73
N LEU D 85 3.87 -12.98 -4.51
CA LEU D 85 3.76 -11.60 -4.13
C LEU D 85 5.09 -10.89 -4.37
N THR D 86 6.20 -11.57 -4.08
CA THR D 86 7.51 -10.99 -4.30
C THR D 86 7.70 -10.70 -5.79
N ALA D 87 7.56 -11.73 -6.62
CA ALA D 87 7.73 -11.56 -8.07
C ALA D 87 7.06 -10.28 -8.53
N HIS D 88 5.81 -10.08 -8.09
CA HIS D 88 5.08 -8.89 -8.46
C HIS D 88 5.90 -7.64 -8.22
N PHE D 89 6.25 -7.38 -6.96
CA PHE D 89 7.02 -6.20 -6.62
C PHE D 89 8.35 -6.14 -7.35
N GLN D 90 9.15 -7.19 -7.24
CA GLN D 90 10.42 -7.21 -7.92
C GLN D 90 10.27 -6.68 -9.35
N SER D 91 9.25 -7.15 -10.04
CA SER D 91 9.00 -6.74 -11.43
C SER D 91 8.81 -5.24 -11.57
N LEU D 92 8.25 -4.58 -10.56
CA LEU D 92 8.01 -3.14 -10.63
C LEU D 92 9.23 -2.30 -11.00
N PHE D 93 10.40 -2.72 -10.51
CA PHE D 93 11.67 -2.03 -10.79
C PHE D 93 12.04 -1.95 -12.27
N CYS D 94 11.50 -2.85 -13.09
CA CYS D 94 11.80 -2.91 -14.51
C CYS D 94 11.46 -1.73 -15.41
N SER D 95 10.17 -1.43 -15.56
CA SER D 95 9.73 -0.34 -16.43
C SER D 95 10.56 0.93 -16.48
N PRO D 96 10.67 1.66 -15.38
CA PRO D 96 11.46 2.89 -15.39
C PRO D 96 12.79 2.75 -16.16
N HIS D 97 13.68 1.95 -15.62
CA HIS D 97 14.98 1.74 -16.24
C HIS D 97 14.90 1.33 -17.70
N ALA D 98 13.83 0.63 -18.03
CA ALA D 98 13.63 0.14 -19.39
C ALA D 98 13.17 1.22 -20.37
N ILE D 99 12.16 2.00 -19.98
CA ILE D 99 11.64 3.07 -20.82
C ILE D 99 12.83 3.93 -21.25
N MET D 100 13.67 4.25 -20.27
CA MET D 100 14.87 5.04 -20.46
C MET D 100 15.82 4.34 -21.43
N HIS D 101 16.45 3.27 -20.98
CA HIS D 101 17.37 2.54 -21.83
C HIS D 101 16.89 2.38 -23.27
N ALA D 102 15.60 2.05 -23.44
CA ALA D 102 15.04 1.85 -24.76
C ALA D 102 15.03 3.12 -25.59
N LYS D 103 14.84 4.27 -24.94
CA LYS D 103 14.83 5.56 -25.61
C LYS D 103 16.25 5.85 -26.07
N ILE D 104 17.17 5.73 -25.14
CA ILE D 104 18.58 5.97 -25.40
C ILE D 104 19.11 5.12 -26.55
N SER D 105 18.67 3.87 -26.64
CA SER D 105 19.14 3.02 -27.73
C SER D 105 18.70 3.62 -29.06
N ALA D 106 17.59 4.35 -29.05
CA ALA D 106 17.07 4.95 -30.26
C ALA D 106 17.88 6.16 -30.70
N LEU D 107 18.49 6.86 -29.74
CA LEU D 107 19.31 8.03 -30.08
C LEU D 107 20.74 7.61 -30.33
N MET D 108 20.99 6.31 -30.44
CA MET D 108 22.33 5.83 -30.69
C MET D 108 22.55 5.55 -32.17
N ASP D 109 23.56 6.20 -32.75
CA ASP D 109 23.89 6.07 -34.16
C ASP D 109 24.57 4.72 -34.44
N THR D 110 23.86 3.87 -35.19
CA THR D 110 24.36 2.55 -35.57
C THR D 110 24.77 2.60 -37.05
N SER D 111 25.65 3.55 -37.36
CA SER D 111 26.15 3.77 -38.71
C SER D 111 27.48 3.04 -38.96
N THR D 112 27.59 2.46 -40.14
CA THR D 112 28.77 1.70 -40.56
C THR D 112 29.70 2.51 -41.47
N GLU D 121 40.75 16.06 -28.73
CA GLU D 121 39.29 16.00 -28.65
C GLU D 121 38.77 14.77 -27.90
N PRO D 122 38.43 14.92 -26.60
CA PRO D 122 37.91 13.78 -25.83
C PRO D 122 36.48 13.38 -26.19
N TYR D 123 36.02 12.29 -25.57
CA TYR D 123 34.67 11.74 -25.77
C TYR D 123 33.75 12.02 -24.57
N LYS D 124 32.50 12.35 -24.87
CA LYS D 124 31.53 12.64 -23.81
C LYS D 124 31.04 11.35 -23.15
N ILE D 125 31.27 11.27 -21.85
CA ILE D 125 30.89 10.11 -21.06
C ILE D 125 29.54 10.30 -20.36
N MET D 126 28.59 9.42 -20.62
CA MET D 126 27.29 9.50 -19.95
C MET D 126 27.20 8.34 -18.96
N LEU D 127 27.35 8.68 -17.69
CA LEU D 127 27.33 7.73 -16.59
C LEU D 127 25.89 7.41 -16.16
N SER D 128 25.61 6.15 -15.86
CA SER D 128 24.28 5.76 -15.43
C SER D 128 24.34 4.90 -14.18
N ASP D 129 23.32 5.04 -13.32
CA ASP D 129 23.25 4.27 -12.07
C ASP D 129 22.45 2.98 -12.29
N ARG D 130 23.17 1.86 -12.36
CA ARG D 130 22.59 0.54 -12.59
C ARG D 130 22.09 0.35 -14.01
N HIS D 131 22.25 -0.88 -14.50
CA HIS D 131 21.82 -1.25 -15.84
C HIS D 131 20.59 -2.13 -15.72
N PRO D 132 19.65 -2.02 -16.67
CA PRO D 132 18.41 -2.79 -16.69
C PRO D 132 18.51 -4.25 -16.26
N ILE D 133 19.61 -4.90 -16.58
CA ILE D 133 19.78 -6.29 -16.19
C ILE D 133 19.69 -6.47 -14.66
N ALA D 134 19.93 -5.39 -13.93
CA ALA D 134 19.86 -5.48 -12.47
C ALA D 134 18.45 -5.86 -12.07
N SER D 135 17.45 -5.27 -12.72
CA SER D 135 16.04 -5.56 -12.41
C SER D 135 15.51 -6.79 -13.10
N THR D 136 15.96 -7.01 -14.33
CA THR D 136 15.51 -8.14 -15.11
C THR D 136 16.31 -9.41 -14.94
N ILE D 137 17.47 -9.34 -14.30
CA ILE D 137 18.25 -10.55 -14.17
C ILE D 137 19.03 -10.72 -12.88
N CYS D 138 19.75 -9.70 -12.43
CA CYS D 138 20.51 -9.91 -11.20
C CYS D 138 19.63 -10.09 -9.97
N PHE D 139 18.81 -9.10 -9.63
CA PHE D 139 17.95 -9.22 -8.46
C PHE D 139 16.96 -10.41 -8.54
N PRO D 140 16.08 -10.43 -9.56
CA PRO D 140 15.14 -11.56 -9.64
C PRO D 140 15.81 -12.91 -9.39
N LEU D 141 17.01 -13.06 -9.94
CA LEU D 141 17.75 -14.31 -9.79
C LEU D 141 18.25 -14.48 -8.35
N SER D 142 18.61 -13.39 -7.69
CA SER D 142 19.06 -13.56 -6.34
C SER D 142 17.89 -13.99 -5.48
N ARG D 143 16.73 -13.36 -5.70
CA ARG D 143 15.53 -13.71 -4.94
C ARG D 143 15.21 -15.20 -5.07
N TYR D 144 15.30 -15.73 -6.28
CA TYR D 144 15.06 -17.15 -6.49
C TYR D 144 16.01 -17.98 -5.63
N LEU D 145 17.30 -17.79 -5.85
CA LEU D 145 18.33 -18.51 -5.12
C LEU D 145 18.11 -18.52 -3.62
N VAL D 146 17.71 -17.40 -3.05
CA VAL D 146 17.46 -17.35 -1.62
C VAL D 146 16.13 -17.99 -1.22
N GLY D 147 15.26 -18.22 -2.21
CA GLY D 147 13.98 -18.85 -1.92
C GLY D 147 12.84 -17.87 -1.69
N ASP D 148 13.09 -16.59 -1.94
CA ASP D 148 12.06 -15.58 -1.75
C ASP D 148 11.12 -15.41 -2.96
N MET D 149 11.51 -15.95 -4.11
CA MET D 149 10.71 -15.81 -5.32
C MET D 149 10.62 -17.11 -6.11
N SER D 150 9.49 -17.32 -6.77
CA SER D 150 9.27 -18.53 -7.58
C SER D 150 9.83 -18.41 -8.99
N PRO D 151 10.57 -19.43 -9.46
CA PRO D 151 11.17 -19.41 -10.81
C PRO D 151 10.22 -19.00 -11.93
N ALA D 152 8.93 -19.23 -11.70
CA ALA D 152 7.89 -18.91 -12.66
C ALA D 152 8.01 -17.54 -13.31
N ALA D 153 8.71 -16.63 -12.67
CA ALA D 153 8.83 -15.29 -13.23
C ALA D 153 10.14 -15.02 -13.94
N LEU D 154 10.99 -16.03 -14.08
CA LEU D 154 12.27 -15.81 -14.73
C LEU D 154 12.16 -15.63 -16.25
N PRO D 155 11.34 -16.44 -16.92
CA PRO D 155 11.21 -16.31 -18.38
C PRO D 155 10.76 -14.92 -18.79
N GLY D 156 9.81 -14.38 -18.04
CA GLY D 156 9.30 -13.06 -18.32
C GLY D 156 10.34 -11.96 -18.22
N LEU D 157 11.41 -12.20 -17.47
CA LEU D 157 12.44 -11.18 -17.33
C LEU D 157 13.74 -11.49 -18.07
N LEU D 158 14.16 -12.76 -18.04
CA LEU D 158 15.40 -13.18 -18.68
C LEU D 158 15.33 -13.38 -20.17
N PHE D 159 14.25 -14.03 -20.62
CA PHE D 159 14.11 -14.32 -22.04
C PHE D 159 13.52 -13.25 -22.94
N THR D 160 12.97 -12.19 -22.38
CA THR D 160 12.39 -11.13 -23.21
C THR D 160 13.30 -9.91 -23.35
N LEU D 161 14.60 -10.10 -23.11
CA LEU D 161 15.53 -8.97 -23.19
C LEU D 161 15.64 -8.39 -24.59
N PRO D 162 15.69 -7.06 -24.69
CA PRO D 162 15.81 -6.38 -25.99
C PRO D 162 17.26 -6.27 -26.44
N ALA D 163 17.46 -6.25 -27.76
CA ALA D 163 18.79 -6.16 -28.33
C ALA D 163 19.59 -5.03 -27.69
N GLU D 164 20.74 -5.39 -27.14
CA GLU D 164 21.61 -4.41 -26.49
C GLU D 164 22.50 -3.79 -27.56
N PRO D 165 22.52 -2.45 -27.65
CA PRO D 165 23.34 -1.73 -28.62
C PRO D 165 24.83 -1.80 -28.21
N PRO D 166 25.72 -1.90 -29.21
CA PRO D 166 27.17 -1.98 -28.97
C PRO D 166 27.72 -0.85 -28.11
N GLY D 167 28.64 -1.20 -27.21
CA GLY D 167 29.25 -0.18 -26.37
C GLY D 167 28.79 -0.07 -24.93
N THR D 168 28.20 -1.14 -24.41
CA THR D 168 27.74 -1.10 -23.03
C THR D 168 28.90 -1.48 -22.12
N ASN D 169 29.23 -0.58 -21.20
CA ASN D 169 30.30 -0.82 -20.26
C ASN D 169 29.71 -1.03 -18.87
N LEU D 170 29.71 -2.28 -18.44
CA LEU D 170 29.16 -2.64 -17.15
C LEU D 170 30.27 -2.62 -16.12
N VAL D 171 30.15 -1.74 -15.14
CA VAL D 171 31.14 -1.63 -14.08
C VAL D 171 30.56 -2.14 -12.77
N VAL D 172 30.89 -3.37 -12.43
CA VAL D 172 30.42 -3.99 -11.20
C VAL D 172 31.27 -3.50 -10.03
N CYS D 173 30.62 -2.85 -9.07
CA CYS D 173 31.32 -2.35 -7.90
C CYS D 173 31.42 -3.48 -6.89
N THR D 174 32.50 -3.48 -6.11
CA THR D 174 32.72 -4.51 -5.10
C THR D 174 33.26 -3.92 -3.82
N VAL D 175 32.88 -4.51 -2.69
CA VAL D 175 33.35 -4.03 -1.39
C VAL D 175 33.71 -5.26 -0.58
N SER D 176 34.55 -5.09 0.43
CA SER D 176 34.90 -6.25 1.26
C SER D 176 33.62 -6.61 2.02
N LEU D 177 33.50 -7.88 2.43
CA LEU D 177 32.30 -8.35 3.12
C LEU D 177 31.95 -7.66 4.44
N PRO D 178 32.87 -7.63 5.42
CA PRO D 178 32.58 -6.99 6.71
C PRO D 178 32.25 -5.49 6.60
N SER D 179 32.78 -4.86 5.57
CA SER D 179 32.57 -3.43 5.31
C SER D 179 31.20 -3.19 4.68
N HIS D 180 30.78 -4.13 3.84
CA HIS D 180 29.49 -4.06 3.16
C HIS D 180 28.37 -4.14 4.20
N LEU D 181 28.61 -4.86 5.29
CA LEU D 181 27.63 -5.04 6.35
C LEU D 181 27.52 -3.85 7.33
N SER D 182 28.20 -2.76 7.00
CA SER D 182 28.17 -1.56 7.82
C SER D 182 27.62 -0.39 6.98
N ARG D 183 27.82 -0.48 5.66
CA ARG D 183 27.35 0.54 4.72
C ARG D 183 25.83 0.57 4.69
N VAL D 184 25.23 -0.56 5.04
CA VAL D 184 23.78 -0.68 5.07
C VAL D 184 23.25 -0.28 6.45
N THR D 193 16.53 -4.14 4.78
CA THR D 193 16.84 -5.16 5.79
C THR D 193 18.21 -5.79 5.54
N VAL D 194 18.95 -6.01 6.62
CA VAL D 194 20.28 -6.60 6.53
C VAL D 194 20.30 -8.10 6.89
N ASN D 195 20.28 -8.95 5.88
CA ASN D 195 20.33 -10.38 6.09
C ASN D 195 21.39 -10.98 5.17
N LEU D 196 22.41 -11.58 5.77
CA LEU D 196 23.47 -12.20 5.00
C LEU D 196 22.95 -12.94 3.77
N PRO D 197 22.15 -14.01 3.98
CA PRO D 197 21.59 -14.81 2.88
C PRO D 197 21.42 -14.09 1.55
N PHE D 198 20.63 -13.02 1.55
CA PHE D 198 20.39 -12.30 0.31
C PHE D 198 21.62 -11.59 -0.21
N VAL D 199 22.30 -10.88 0.69
CA VAL D 199 23.51 -10.17 0.31
C VAL D 199 24.53 -11.16 -0.25
N MET D 200 24.94 -12.11 0.58
CA MET D 200 25.91 -13.13 0.18
C MET D 200 25.62 -13.63 -1.22
N VAL D 201 24.35 -13.83 -1.52
CA VAL D 201 23.95 -14.30 -2.84
C VAL D 201 24.14 -13.22 -3.88
N LEU D 202 23.55 -12.06 -3.61
CA LEU D 202 23.63 -10.94 -4.53
C LEU D 202 25.06 -10.72 -5.02
N ARG D 203 26.00 -10.67 -4.07
CA ARG D 203 27.40 -10.48 -4.40
C ARG D 203 27.81 -11.58 -5.37
N ASN D 204 27.53 -12.83 -5.00
CA ASN D 204 27.85 -13.99 -5.82
C ASN D 204 27.29 -13.87 -7.23
N VAL D 205 25.98 -13.61 -7.33
CA VAL D 205 25.37 -13.50 -8.64
C VAL D 205 26.11 -12.51 -9.52
N TYR D 206 26.30 -11.29 -9.05
CA TYR D 206 27.01 -10.31 -9.86
C TYR D 206 28.33 -10.85 -10.36
N ILE D 207 29.07 -11.51 -9.48
CA ILE D 207 30.33 -12.09 -9.93
C ILE D 207 30.07 -13.02 -11.12
N MET D 208 29.12 -13.95 -10.96
CA MET D 208 28.77 -14.84 -12.05
C MET D 208 28.49 -14.03 -13.30
N LEU D 209 27.59 -13.04 -13.18
CA LEU D 209 27.23 -12.19 -14.32
C LEU D 209 28.50 -11.93 -15.12
N ILE D 210 29.47 -11.32 -14.45
CA ILE D 210 30.73 -11.01 -15.11
C ILE D 210 31.30 -12.28 -15.78
N ASN D 211 31.51 -13.35 -15.02
CA ASN D 211 32.06 -14.55 -15.62
C ASN D 211 31.24 -14.96 -16.85
N THR D 212 29.93 -14.75 -16.78
CA THR D 212 29.04 -15.10 -17.89
C THR D 212 29.30 -14.29 -19.14
N ILE D 213 29.51 -12.99 -18.97
CA ILE D 213 29.75 -12.12 -20.09
C ILE D 213 31.02 -12.63 -20.79
N ILE D 214 32.12 -12.73 -20.03
CA ILE D 214 33.39 -13.20 -20.58
C ILE D 214 33.18 -14.53 -21.29
N PHE D 215 32.65 -15.48 -20.54
CA PHE D 215 32.37 -16.80 -21.05
C PHE D 215 31.71 -16.71 -22.41
N LEU D 216 30.61 -15.98 -22.45
CA LEU D 216 29.82 -15.79 -23.66
C LEU D 216 30.62 -15.21 -24.83
N LYS D 217 31.71 -14.51 -24.51
CA LYS D 217 32.54 -13.89 -25.54
C LYS D 217 33.14 -14.90 -26.48
N THR D 218 33.48 -16.07 -25.94
CA THR D 218 34.11 -17.13 -26.73
C THR D 218 33.18 -18.30 -27.08
N ASN D 219 32.58 -18.92 -26.05
CA ASN D 219 31.69 -20.06 -26.21
C ASN D 219 30.19 -19.75 -26.19
N ASN D 220 29.40 -20.69 -26.70
CA ASN D 220 27.95 -20.57 -26.77
C ASN D 220 27.38 -21.05 -25.43
N TRP D 221 26.17 -20.64 -25.08
CA TRP D 221 25.61 -21.10 -23.80
C TRP D 221 25.48 -22.61 -23.72
N HIS D 222 25.29 -23.26 -24.87
CA HIS D 222 25.15 -24.71 -24.91
C HIS D 222 26.49 -25.45 -24.79
N ALA D 223 27.43 -24.86 -24.07
CA ALA D 223 28.74 -25.50 -23.89
C ALA D 223 28.58 -26.76 -23.06
N GLY D 224 29.20 -26.77 -21.88
CA GLY D 224 29.11 -27.91 -21.00
C GLY D 224 27.75 -27.94 -20.30
N TRP D 225 26.69 -27.57 -21.04
CA TRP D 225 25.35 -27.57 -20.48
C TRP D 225 25.01 -28.97 -19.98
N ASN D 226 25.30 -29.97 -20.79
CA ASN D 226 25.01 -31.34 -20.39
C ASN D 226 26.03 -31.84 -19.39
N THR D 227 26.86 -30.93 -18.88
CA THR D 227 27.88 -31.28 -17.88
C THR D 227 27.64 -30.41 -16.66
N LEU D 228 26.60 -29.60 -16.76
CA LEU D 228 26.20 -28.70 -15.69
C LEU D 228 25.20 -29.38 -14.80
N SER D 229 25.56 -29.63 -13.55
CA SER D 229 24.60 -30.28 -12.67
C SER D 229 23.45 -29.31 -12.50
N PHE D 230 22.24 -29.84 -12.37
CA PHE D 230 21.11 -28.95 -12.20
C PHE D 230 21.31 -28.10 -10.96
N CYS D 231 20.48 -27.08 -10.79
CA CYS D 231 20.61 -26.22 -9.63
C CYS D 231 19.86 -26.89 -8.47
N ASN D 232 20.59 -27.22 -7.41
CA ASN D 232 20.01 -27.88 -6.24
C ASN D 232 20.09 -27.02 -4.98
N ASP D 233 19.44 -27.46 -3.91
CA ASP D 233 19.43 -26.72 -2.65
C ASP D 233 20.81 -26.65 -2.03
N VAL D 234 21.64 -27.64 -2.32
CA VAL D 234 22.99 -27.67 -1.78
C VAL D 234 23.74 -26.50 -2.38
N PHE D 235 23.58 -26.32 -3.69
CA PHE D 235 24.23 -25.25 -4.40
C PHE D 235 23.77 -23.93 -3.78
N LYS D 236 22.46 -23.72 -3.73
CA LYS D 236 21.90 -22.49 -3.17
C LYS D 236 22.44 -22.21 -1.79
N GLN D 237 22.63 -23.27 -1.01
CA GLN D 237 23.16 -23.14 0.34
C GLN D 237 24.53 -22.48 0.35
N LYS D 238 25.44 -22.94 -0.50
CA LYS D 238 26.77 -22.34 -0.54
C LYS D 238 26.66 -20.86 -0.90
N LEU D 239 25.83 -20.57 -1.90
CA LEU D 239 25.67 -19.21 -2.36
C LEU D 239 25.19 -18.23 -1.27
N GLN D 240 24.56 -18.76 -0.21
CA GLN D 240 24.06 -17.92 0.87
C GLN D 240 25.05 -17.82 2.03
N LYS D 241 26.14 -18.58 1.96
CA LYS D 241 27.11 -18.59 3.05
C LYS D 241 28.56 -18.20 2.76
N SER D 242 29.18 -18.81 1.77
CA SER D 242 30.60 -18.53 1.51
C SER D 242 31.05 -17.53 0.46
N GLU D 243 30.14 -16.96 -0.34
CA GLU D 243 30.61 -16.02 -1.35
C GLU D 243 31.67 -16.76 -2.17
N CYS D 244 31.36 -18.01 -2.48
CA CYS D 244 32.27 -18.84 -3.26
C CYS D 244 32.56 -18.24 -4.63
N ILE D 245 31.71 -18.54 -5.61
CA ILE D 245 31.85 -18.05 -6.98
C ILE D 245 32.99 -17.05 -7.17
N LYS D 246 34.14 -17.52 -7.64
CA LYS D 246 35.27 -16.63 -7.82
C LYS D 246 35.47 -16.16 -9.25
N LEU D 247 35.74 -14.87 -9.38
CA LEU D 247 35.96 -14.25 -10.67
C LEU D 247 37.25 -14.84 -11.26
N ARG D 248 37.17 -15.37 -12.47
CA ARG D 248 38.36 -15.98 -13.06
C ARG D 248 38.67 -15.72 -14.53
N GLU D 249 39.97 -15.56 -14.79
CA GLU D 249 40.55 -15.28 -16.10
C GLU D 249 39.78 -15.90 -17.26
N VAL D 250 39.73 -17.22 -17.30
CA VAL D 250 38.97 -17.90 -18.34
C VAL D 250 37.89 -18.69 -17.64
N PRO D 251 36.67 -18.14 -17.63
CA PRO D 251 35.48 -18.73 -17.02
C PRO D 251 34.99 -19.98 -17.74
N GLY D 252 34.43 -20.89 -16.96
CA GLY D 252 33.87 -22.13 -17.48
C GLY D 252 32.39 -22.11 -17.19
N ILE D 253 31.62 -22.90 -17.93
CA ILE D 253 30.18 -22.93 -17.75
C ILE D 253 29.71 -22.87 -16.29
N GLU D 254 30.41 -23.57 -15.40
CA GLU D 254 30.01 -23.60 -13.98
C GLU D 254 30.34 -22.35 -13.16
N ASP D 255 31.02 -21.39 -13.77
CA ASP D 255 31.37 -20.18 -13.04
C ASP D 255 30.45 -19.06 -13.45
N THR D 256 29.52 -19.39 -14.34
CA THR D 256 28.56 -18.41 -14.87
C THR D 256 27.19 -18.39 -14.21
N LEU D 257 26.24 -17.83 -14.93
CA LEU D 257 24.85 -17.72 -14.47
C LEU D 257 24.09 -18.90 -15.02
N PHE D 258 24.66 -19.53 -16.04
CA PHE D 258 24.00 -20.68 -16.60
C PHE D 258 23.96 -21.80 -15.56
N ALA D 259 24.84 -21.70 -14.57
CA ALA D 259 24.90 -22.68 -13.51
C ALA D 259 23.62 -22.56 -12.69
N VAL D 260 23.04 -21.36 -12.70
CA VAL D 260 21.82 -21.06 -11.96
C VAL D 260 20.57 -21.18 -12.86
N LEU D 261 20.78 -21.23 -14.15
CA LEU D 261 19.63 -21.32 -15.05
C LEU D 261 19.23 -22.74 -15.42
N LYS D 262 20.11 -23.71 -15.16
CA LYS D 262 19.84 -25.12 -15.44
C LYS D 262 18.82 -25.56 -14.41
N LEU D 263 17.54 -25.29 -14.69
CA LEU D 263 16.49 -25.65 -13.75
C LEU D 263 15.49 -26.67 -14.30
N PRO D 264 15.13 -27.66 -13.49
CA PRO D 264 14.18 -28.71 -13.86
C PRO D 264 12.87 -28.13 -14.38
N GLU D 265 12.50 -26.99 -13.82
CA GLU D 265 11.27 -26.31 -14.21
C GLU D 265 11.34 -25.76 -15.63
N LEU D 266 12.52 -25.76 -16.22
CA LEU D 266 12.67 -25.24 -17.58
C LEU D 266 12.96 -26.37 -18.56
N CYS D 267 13.23 -27.55 -18.04
CA CYS D 267 13.55 -28.70 -18.86
C CYS D 267 12.38 -29.65 -18.91
N GLY D 268 12.42 -30.57 -19.88
CA GLY D 268 11.36 -31.54 -20.03
C GLY D 268 11.65 -32.87 -19.36
N GLU D 269 10.84 -33.86 -19.71
CA GLU D 269 10.96 -35.21 -19.17
C GLU D 269 12.41 -35.71 -19.25
N PHE D 270 12.92 -35.82 -20.48
CA PHE D 270 14.28 -36.30 -20.74
C PHE D 270 15.37 -35.41 -20.14
N GLY D 271 15.00 -34.23 -19.69
CA GLY D 271 15.99 -33.35 -19.10
C GLY D 271 16.62 -32.38 -20.10
N ASN D 272 15.85 -32.01 -21.10
CA ASN D 272 16.32 -31.06 -22.11
C ASN D 272 15.60 -29.75 -21.85
N ILE D 273 16.30 -28.64 -22.02
CA ILE D 273 15.68 -27.34 -21.80
C ILE D 273 14.63 -27.12 -22.91
N LEU D 274 13.38 -26.90 -22.51
CA LEU D 274 12.29 -26.71 -23.46
C LEU D 274 12.56 -25.68 -24.55
N PRO D 275 12.12 -25.98 -25.78
CA PRO D 275 12.27 -25.15 -26.98
C PRO D 275 12.27 -23.65 -26.75
N LEU D 276 11.11 -23.09 -26.42
CA LEU D 276 11.05 -21.65 -26.23
C LEU D 276 12.14 -21.16 -25.30
N TRP D 277 12.20 -21.74 -24.11
CA TRP D 277 13.20 -21.35 -23.14
C TRP D 277 14.61 -21.34 -23.75
N ALA D 278 14.84 -22.19 -24.74
CA ALA D 278 16.15 -22.23 -25.39
C ALA D 278 16.29 -20.93 -26.11
N TRP D 279 15.38 -20.70 -27.06
CA TRP D 279 15.41 -19.46 -27.83
C TRP D 279 15.67 -18.32 -26.88
N GLY D 280 15.05 -18.40 -25.72
CA GLY D 280 15.25 -17.35 -24.73
C GLY D 280 16.70 -17.24 -24.34
N MET D 281 17.32 -18.35 -23.95
CA MET D 281 18.73 -18.35 -23.56
C MET D 281 19.52 -17.61 -24.64
N GLU D 282 19.17 -17.87 -25.90
CA GLU D 282 19.83 -17.24 -27.03
C GLU D 282 19.87 -15.70 -26.87
N THR D 283 18.70 -15.07 -26.78
CA THR D 283 18.61 -13.61 -26.63
C THR D 283 19.31 -13.13 -25.36
N LEU D 284 19.13 -13.84 -24.25
CA LEU D 284 19.79 -13.46 -23.00
C LEU D 284 21.29 -13.45 -23.24
N SER D 285 21.78 -14.43 -23.99
CA SER D 285 23.19 -14.51 -24.30
C SER D 285 23.50 -13.29 -25.15
N ASN D 286 22.76 -13.15 -26.25
CA ASN D 286 22.94 -12.02 -27.17
C ASN D 286 23.21 -10.71 -26.45
N CYS D 287 22.41 -10.45 -25.43
CA CYS D 287 22.53 -9.23 -24.62
C CYS D 287 23.85 -9.15 -23.83
N LEU D 288 23.99 -10.03 -22.85
CA LEU D 288 25.17 -10.10 -21.99
C LEU D 288 26.50 -10.11 -22.73
N ARG D 289 26.54 -10.81 -23.85
CA ARG D 289 27.76 -10.92 -24.65
C ARG D 289 28.24 -9.59 -25.21
N SER D 290 27.31 -8.71 -25.55
CA SER D 290 27.68 -7.43 -26.11
C SER D 290 28.49 -6.63 -25.12
N MET D 291 28.17 -6.79 -23.84
CA MET D 291 28.80 -6.03 -22.77
C MET D 291 30.31 -6.15 -22.51
N SER D 292 30.88 -5.03 -22.07
CA SER D 292 32.30 -4.92 -21.76
C SER D 292 32.38 -4.79 -20.25
N PRO D 293 32.69 -5.89 -19.58
CA PRO D 293 32.80 -6.00 -18.12
C PRO D 293 34.01 -5.38 -17.45
N PHE D 294 33.76 -4.65 -16.36
CA PHE D 294 34.80 -4.01 -15.55
C PHE D 294 34.44 -4.08 -14.08
N VAL D 295 35.45 -4.28 -13.25
CA VAL D 295 35.23 -4.38 -11.80
C VAL D 295 35.90 -3.21 -11.12
N LEU D 296 35.15 -2.52 -10.26
CA LEU D 296 35.66 -1.36 -9.56
C LEU D 296 35.48 -1.55 -8.06
N SER D 297 36.58 -1.41 -7.32
CA SER D 297 36.53 -1.58 -5.88
C SER D 297 36.17 -0.31 -5.16
N LEU D 298 35.13 -0.36 -4.32
CA LEU D 298 34.72 0.81 -3.54
C LEU D 298 35.22 0.71 -2.11
N GLU D 299 36.30 -0.06 -1.94
CA GLU D 299 36.90 -0.27 -0.62
C GLU D 299 37.96 0.80 -0.36
N GLN D 300 37.50 2.04 -0.20
CA GLN D 300 38.40 3.17 0.06
C GLN D 300 37.63 4.48 -0.06
N THR D 301 38.36 5.59 0.08
CA THR D 301 37.75 6.91 -0.02
C THR D 301 37.15 7.15 -1.41
N PRO D 302 35.94 7.73 -1.48
CA PRO D 302 35.27 8.00 -2.75
C PRO D 302 36.23 8.61 -3.78
N GLN D 303 37.21 9.37 -3.28
CA GLN D 303 38.21 10.00 -4.16
C GLN D 303 38.92 8.93 -4.99
N HIS D 304 39.47 7.92 -4.31
CA HIS D 304 40.17 6.84 -4.99
C HIS D 304 39.23 6.08 -5.95
N ALA D 305 38.10 5.63 -5.42
CA ALA D 305 37.12 4.88 -6.21
C ALA D 305 36.93 5.55 -7.57
N ALA D 306 36.69 6.86 -7.55
CA ALA D 306 36.49 7.62 -8.79
C ALA D 306 37.76 7.73 -9.61
N GLN D 307 38.90 7.94 -8.95
CA GLN D 307 40.16 8.06 -9.67
C GLN D 307 40.42 6.77 -10.42
N GLU D 308 40.19 5.65 -9.74
CA GLU D 308 40.40 4.35 -10.36
C GLU D 308 39.51 4.27 -11.60
N LEU D 309 38.22 4.55 -11.44
CA LEU D 309 37.30 4.49 -12.55
C LEU D 309 37.85 5.27 -13.75
N LYS D 310 38.54 6.37 -13.47
CA LYS D 310 39.10 7.19 -14.54
C LYS D 310 40.15 6.43 -15.36
N THR D 311 41.01 5.69 -14.66
CA THR D 311 42.06 4.93 -15.31
C THR D 311 41.49 3.91 -16.30
N LEU D 312 40.22 3.55 -16.09
CA LEU D 312 39.52 2.57 -16.92
C LEU D 312 38.93 3.12 -18.19
N LEU D 313 38.59 4.42 -18.16
CA LEU D 313 37.98 5.09 -19.32
C LEU D 313 38.61 4.70 -20.65
N PRO D 314 39.95 4.65 -20.70
CA PRO D 314 40.64 4.29 -21.94
C PRO D 314 40.46 2.82 -22.40
N GLN D 315 40.05 1.96 -21.47
CA GLN D 315 39.85 0.54 -21.78
C GLN D 315 38.42 0.22 -22.24
N MET D 316 37.49 1.13 -21.95
CA MET D 316 36.10 0.92 -22.30
C MET D 316 35.78 1.07 -23.79
N THR D 317 34.75 0.36 -24.22
CA THR D 317 34.31 0.40 -25.60
C THR D 317 33.42 1.61 -25.81
N PRO D 318 33.76 2.46 -26.79
CA PRO D 318 33.00 3.68 -27.12
C PRO D 318 31.94 3.47 -28.21
N ALA D 319 30.91 4.33 -28.19
CA ALA D 319 29.82 4.26 -29.17
C ALA D 319 29.67 5.61 -29.84
N ASN D 320 29.02 5.62 -31.00
CA ASN D 320 28.84 6.85 -31.73
C ASN D 320 27.41 7.35 -31.71
N MET D 321 27.25 8.66 -31.57
CA MET D 321 25.93 9.27 -31.56
C MET D 321 25.94 10.71 -32.05
N SER D 322 24.82 11.10 -32.65
CA SER D 322 24.65 12.44 -33.19
C SER D 322 24.96 13.51 -32.14
N SER D 323 25.76 14.50 -32.52
CA SER D 323 26.09 15.55 -31.59
C SER D 323 24.75 16.15 -31.15
N GLY D 324 23.85 16.32 -32.12
CA GLY D 324 22.54 16.87 -31.80
C GLY D 324 21.81 16.07 -30.75
N ALA D 325 21.78 14.75 -30.95
CA ALA D 325 21.10 13.83 -30.03
C ALA D 325 21.63 13.97 -28.61
N TRP D 326 22.94 14.02 -28.44
CA TRP D 326 23.50 14.17 -27.10
C TRP D 326 22.83 15.34 -26.38
N ASN D 327 22.66 16.46 -27.07
CA ASN D 327 22.02 17.63 -26.49
C ASN D 327 20.58 17.34 -26.14
N ILE D 328 19.92 16.55 -26.98
CA ILE D 328 18.54 16.17 -26.73
C ILE D 328 18.55 15.27 -25.49
N LEU D 329 19.24 14.14 -25.60
CA LEU D 329 19.33 13.20 -24.48
C LEU D 329 19.45 13.96 -23.19
N LYS D 330 20.43 14.85 -23.12
CA LYS D 330 20.66 15.65 -21.92
C LYS D 330 19.40 16.31 -21.40
N GLU D 331 18.65 16.93 -22.30
CA GLU D 331 17.40 17.61 -21.92
C GLU D 331 16.42 16.60 -21.34
N LEU D 332 16.26 15.47 -22.02
CA LEU D 332 15.33 14.44 -21.56
C LEU D 332 15.75 13.96 -20.18
N VAL D 333 17.03 13.63 -20.07
CA VAL D 333 17.56 13.17 -18.79
C VAL D 333 17.31 14.19 -17.72
N ASN D 334 17.47 15.46 -18.07
CA ASN D 334 17.23 16.52 -17.10
C ASN D 334 15.75 16.73 -16.88
N ALA D 335 14.93 16.40 -17.89
CA ALA D 335 13.49 16.55 -17.78
C ALA D 335 12.85 15.55 -16.82
N VAL D 336 13.47 14.38 -16.66
CA VAL D 336 12.92 13.35 -15.77
C VAL D 336 13.68 13.24 -14.45
N GLN D 337 14.89 13.78 -14.41
CA GLN D 337 15.73 13.76 -13.21
C GLN D 337 15.62 15.12 -12.52
N ASP D 338 14.39 15.62 -12.41
CA ASP D 338 14.09 16.92 -11.81
C ASP D 338 12.57 17.17 -11.70
PB ADP E . 15.69 2.21 18.37
O1B ADP E . 15.48 3.67 18.35
O2B ADP E . 15.34 1.63 19.67
O3B ADP E . 14.88 1.60 17.29
PA ADP E . 17.98 0.75 17.57
O1A ADP E . 18.34 -0.14 18.70
O2A ADP E . 17.38 -0.02 16.44
O3A ADP E . 17.11 1.91 18.00
O3' BVP F . 10.84 4.90 11.71
C3' BVP F . 10.50 4.79 13.10
C2' BVP F . 9.67 5.96 13.61
C1' BVP F . 8.27 5.57 13.16
O4' BVP F . 8.26 4.13 13.09
C4' BVP F . 9.60 3.60 13.25
C5' BVP F . 9.66 2.90 14.61
O5' BVP F . 11.00 2.48 14.93
P BVP F . 11.79 2.97 16.28
O1P BVP F . 11.06 4.13 16.86
O2P BVP F . 13.19 3.38 15.91
O3P BVP F . 11.85 1.88 17.26
N1 BVP F . 7.10 6.01 14.06
C6 BVP F . 6.93 5.49 15.34
C5 BVP F . 5.83 5.93 16.18
C5A BVP F . 5.53 5.64 17.24
C5B BVP F . 4.84 4.51 17.67
BR BVP F . 4.03 4.31 19.46
C4 BVP F . 4.92 6.93 15.61
O4 BVP F . 3.91 7.40 16.20
N3 BVP F . 5.18 7.38 14.33
C2 BVP F . 6.22 6.96 13.56
O2 BVP F . 6.34 7.44 12.43
PB ADP G . -31.09 15.03 10.96
O1B ADP G . -30.74 13.71 10.40
O2B ADP G . -31.34 14.92 12.41
O3B ADP G . -29.98 15.97 10.72
PA ADP G . -33.00 16.91 10.11
O1A ADP G . -33.86 17.19 11.27
O2A ADP G . -32.06 18.02 9.81
O3A ADP G . -32.27 15.60 10.25
O5' ADP G . -33.98 16.74 8.82
C5' ADP G . -33.66 17.29 7.51
C4' ADP G . -34.81 18.19 6.96
O4' ADP G . -36.01 17.38 6.67
C3' ADP G . -35.23 19.23 7.97
O3' ADP G . -34.58 20.48 7.64
C2' ADP G . -36.74 19.34 7.87
O2' ADP G . -37.16 20.50 7.16
C1' ADP G . -37.22 18.03 7.20
N9 ADP G . -37.96 17.13 8.16
C8 ADP G . -37.50 16.55 9.34
N7 ADP G . -38.39 15.81 9.94
C5 ADP G . -39.53 15.84 9.18
C6 ADP G . -40.83 15.24 9.30
N6 ADP G . -41.16 14.43 10.34
N1 ADP G . -41.75 15.49 8.30
C2 ADP G . -41.41 16.30 7.26
N3 ADP G . -40.24 16.92 7.05
C4 ADP G . -39.28 16.67 8.03
O3' BVP H . -23.67 15.06 6.44
C3' BVP H . -23.99 14.50 7.72
C2' BVP H . -23.36 13.14 7.95
C1' BVP H . -21.94 13.53 8.33
O4' BVP H . -22.02 14.84 8.93
C4' BVP H . -23.36 15.37 8.75
C5' BVP H . -24.06 15.39 10.12
O5' BVP H . -25.47 15.77 10.01
P BVP H . -26.71 14.85 10.56
O1P BVP H . -26.20 13.46 10.79
O2P BVP H . -27.77 14.81 9.53
O3P BVP H . -27.25 15.40 11.80
N1 BVP H . -21.20 12.61 9.31
C6 BVP H . -21.63 12.47 10.63
C5 BVP H . -20.92 11.59 11.55
C5A BVP H . -21.10 11.34 12.65
C5B BVP H . -20.74 12.07 13.76
BR BVP H . -20.70 11.33 15.57
C4 BVP H . -19.76 10.86 11.00
O4 BVP H . -19.06 10.05 11.67
N3 BVP H . -19.44 11.06 9.68
C2 BVP H . -20.11 11.89 8.83
O2 BVP H . -19.72 11.99 7.67
PB ADP I . -11.16 -19.99 -28.55
O1B ADP I . -11.56 -18.68 -28.01
O2B ADP I . -10.39 -19.83 -29.79
O3B ADP I . -10.35 -20.70 -27.54
PA ADP I . -12.73 -22.30 -29.05
O1A ADP I . -12.50 -22.67 -30.46
O2A ADP I . -12.03 -23.23 -28.11
O3A ADP I . -12.36 -20.86 -28.77
O5' ADP I . -14.32 -22.44 -28.78
C5' ADP I . -14.87 -23.03 -27.55
C4' ADP I . -15.85 -24.19 -27.86
O4' ADP I . -17.06 -23.68 -28.53
C3' ADP I . -15.26 -25.21 -28.80
O3' ADP I . -14.77 -26.31 -28.02
C2' ADP I . -16.37 -25.63 -29.73
O2' ADP I . -16.92 -26.90 -29.41
C1' ADP I . -17.43 -24.52 -29.69
N9 ADP I . -17.49 -23.70 -30.96
C8 ADP I . -16.47 -22.96 -31.56
N7 ADP I . -16.85 -22.36 -32.66
C5 ADP I . -18.17 -22.68 -32.87
C6 ADP I . -19.13 -22.34 -33.87
N6 ADP I . -18.83 -21.54 -34.92
N1 ADP I . -20.41 -22.86 -33.74
C2 ADP I . -20.71 -23.66 -32.69
N3 ADP I . -19.90 -24.05 -31.68
C4 ADP I . -18.60 -23.53 -31.79
O3' BVP J . -8.95 -18.89 -20.25
C3' BVP J . -8.42 -18.29 -21.44
C2' BVP J . -8.10 -16.82 -21.28
C1' BVP J . -6.74 -16.87 -20.58
O4' BVP J . -6.13 -18.12 -20.97
C4' BVP J . -7.09 -18.94 -21.69
C5' BVP J . -6.64 -18.98 -23.18
O5' BVP J . -7.64 -19.65 -24.02
P BVP J . -8.35 -18.97 -25.32
O1P BVP J . -8.11 -17.50 -25.27
O2P BVP J . -9.81 -19.23 -25.29
O3P BVP J . -7.77 -19.52 -26.54
N1 BVP J . -5.76 -15.75 -20.88
C6 BVP J . -5.20 -15.59 -22.15
C5 BVP J . -4.27 -14.51 -22.41
C5A BVP J . -3.70 -14.21 -23.36
C5B BVP J . -2.54 -14.78 -23.85
BR BVP J . -1.41 -13.94 -25.22
C4 BVP J . -3.95 -13.62 -21.30
O4 BVP J . -3.16 -12.64 -21.38
N3 BVP J . -4.57 -13.86 -20.07
C2 BVP J . -5.44 -14.87 -19.84
O2 BVP J . -5.91 -14.98 -18.72
PB ADP K . 24.24 2.66 -3.26
O1B ADP K . 24.38 1.19 -3.28
O2B ADP K . 24.75 3.26 -4.50
O3B ADP K . 22.83 3.01 -3.07
PA ADP K . 25.02 4.50 -1.28
O1A ADP K . 25.87 5.51 -1.94
O2A ADP K . 23.68 5.03 -0.95
O3A ADP K . 24.93 3.22 -2.07
O5' ADP K . 25.75 4.12 0.13
C5' ADP K . 25.02 3.94 1.37
C4' ADP K . 25.59 4.83 2.51
O4' ADP K . 26.95 4.40 2.88
C3' ADP K . 25.72 6.29 2.08
O3' ADP K . 24.57 7.00 2.59
C2' ADP K . 27.01 6.80 2.68
O2' ADP K . 26.79 7.62 3.83
C1' ADP K . 27.86 5.55 3.02
N9 ADP K . 29.05 5.40 2.10
C8 ADP K . 29.08 5.26 0.71
N7 ADP K . 30.29 5.15 0.22
C5 ADP K . 31.17 5.20 1.28
C6 ADP K . 32.60 5.13 1.38
N6 ADP K . 33.40 4.98 0.31
N1 ADP K . 33.16 5.22 2.66
C2 ADP K . 32.35 5.37 3.74
N3 ADP K . 31.00 5.45 3.76
C4 ADP K . 30.42 5.36 2.49
O3' BVP L . 16.83 -1.47 -1.59
C3' BVP L . 17.54 -1.31 -2.82
C2' BVP L . 17.57 -2.56 -3.66
C1' BVP L . 16.20 -2.52 -4.31
O4' BVP L . 15.85 -1.13 -4.41
C4' BVP L . 16.77 -0.33 -3.64
C5' BVP L . 17.61 0.48 -4.62
O5' BVP L . 18.71 1.16 -3.96
P BVP L . 20.29 0.94 -4.36
O1P BVP L . 20.40 -0.31 -5.15
O2P BVP L . 21.09 0.81 -3.10
O3P BVP L . 20.79 2.08 -5.14
N1 BVP L . 16.07 -3.13 -5.71
C6 BVP L . 16.72 -2.57 -6.80
C5 BVP L . 16.60 -3.16 -8.12
C5A BVP L . 17.04 -2.87 -9.12
C5B BVP L . 16.61 -1.86 -9.97
BR BVP L . 17.23 -1.72 -11.81
C4 BVP L . 15.78 -4.38 -8.22
O4 BVP L . 15.58 -5.01 -9.29
N3 BVP L . 15.19 -4.87 -7.09
C2 BVP L . 15.31 -4.29 -5.86
O2 BVP L . 14.74 -4.82 -4.91
#